data_6FH7
# 
_entry.id   6FH7 
# 
_audit_conform.dict_name       mmcif_pdbx.dic 
_audit_conform.dict_version    5.383 
_audit_conform.dict_location   http://mmcif.pdb.org/dictionaries/ascii/mmcif_pdbx.dic 
# 
loop_
_database_2.database_id 
_database_2.database_code 
_database_2.pdbx_database_accession 
_database_2.pdbx_DOI 
PDB   6FH7         pdb_00006fh7 10.2210/pdb6fh7/pdb 
WWPDB D_1200008307 ?            ?                   
# 
loop_
_pdbx_audit_revision_history.ordinal 
_pdbx_audit_revision_history.data_content_type 
_pdbx_audit_revision_history.major_revision 
_pdbx_audit_revision_history.minor_revision 
_pdbx_audit_revision_history.revision_date 
1 'Structure model' 1 0 2018-05-30 
2 'Structure model' 1 1 2018-08-29 
3 'Structure model' 1 2 2024-01-17 
# 
_pdbx_audit_revision_details.ordinal             1 
_pdbx_audit_revision_details.revision_ordinal    1 
_pdbx_audit_revision_details.data_content_type   'Structure model' 
_pdbx_audit_revision_details.provider            repository 
_pdbx_audit_revision_details.type                'Initial release' 
_pdbx_audit_revision_details.description         ? 
_pdbx_audit_revision_details.details             ? 
# 
loop_
_pdbx_audit_revision_group.ordinal 
_pdbx_audit_revision_group.revision_ordinal 
_pdbx_audit_revision_group.data_content_type 
_pdbx_audit_revision_group.group 
1 2 'Structure model' 'Data collection'        
2 2 'Structure model' 'Database references'    
3 3 'Structure model' 'Data collection'        
4 3 'Structure model' 'Database references'    
5 3 'Structure model' 'Refinement description' 
# 
loop_
_pdbx_audit_revision_category.ordinal 
_pdbx_audit_revision_category.revision_ordinal 
_pdbx_audit_revision_category.data_content_type 
_pdbx_audit_revision_category.category 
1 2 'Structure model' citation                      
2 2 'Structure model' citation_author               
3 3 'Structure model' chem_comp_atom                
4 3 'Structure model' chem_comp_bond                
5 3 'Structure model' database_2                    
6 3 'Structure model' pdbx_initial_refinement_model 
# 
loop_
_pdbx_audit_revision_item.ordinal 
_pdbx_audit_revision_item.revision_ordinal 
_pdbx_audit_revision_item.data_content_type 
_pdbx_audit_revision_item.item 
1 2 'Structure model' '_citation.journal_volume'            
2 2 'Structure model' '_citation.page_first'                
3 2 'Structure model' '_citation.page_last'                 
4 2 'Structure model' '_citation.title'                     
5 2 'Structure model' '_citation_author.identifier_ORCID'   
6 3 'Structure model' '_database_2.pdbx_DOI'                
7 3 'Structure model' '_database_2.pdbx_database_accession' 
# 
_pdbx_database_status.status_code                     REL 
_pdbx_database_status.status_code_sf                  REL 
_pdbx_database_status.status_code_mr                  ? 
_pdbx_database_status.entry_id                        6FH7 
_pdbx_database_status.recvd_initial_deposition_date   2018-01-12 
_pdbx_database_status.SG_entry                        N 
_pdbx_database_status.deposit_site                    PDBE 
_pdbx_database_status.process_site                    PDBE 
_pdbx_database_status.status_code_cs                  ? 
_pdbx_database_status.methods_development_category    ? 
_pdbx_database_status.pdb_format_compatible           Y 
_pdbx_database_status.status_code_nmr_data            ? 
# 
loop_
_pdbx_database_related.db_name 
_pdbx_database_related.details 
_pdbx_database_related.db_id 
_pdbx_database_related.content_type 
PDB '6FGT contains the same protein complexed with a similar small molecule'             6FGT unspecified 
PDB '6FGU contains the same protein complexed with a similar small molecule'             6FGU unspecified 
PDB '6FH6 contains the same protein complexed with a similar small molecule'             6FH6 unspecified 
PDB '6FG6 contains the same small molecule complexed with the paralog bromodomain BAZ2A' 6FG6 unspecified 
# 
loop_
_audit_author.name 
_audit_author.pdbx_ordinal 
_audit_author.identifier_ORCID 
'Dalle Vedove, A.'   1 ? 
'Spiliotopoulos, D.' 2 ? 
'Lolli, G.'          3 ? 
'Caflisch, A.'       4 ? 
# 
_citation.abstract                  ? 
_citation.abstract_id_CAS           ? 
_citation.book_id_ISBN              ? 
_citation.book_publisher            ? 
_citation.book_publisher_city       ? 
_citation.book_title                ? 
_citation.coordinate_linkage        ? 
_citation.country                   DE 
_citation.database_id_Medline       ? 
_citation.details                   ? 
_citation.id                        primary 
_citation.journal_abbrev            ChemMedChem 
_citation.journal_id_ASTM           ? 
_citation.journal_id_CSD            ? 
_citation.journal_id_ISSN           1860-7187 
_citation.journal_full              ? 
_citation.journal_issue             ? 
_citation.journal_volume            13 
_citation.language                  ? 
_citation.page_first                1479 
_citation.page_last                 1487 
_citation.title                     'Structural Analysis of Small-Molecule Binding to the BAZ2A and BAZ2B Bromodomains.' 
_citation.year                      2018 
_citation.database_id_CSD           ? 
_citation.pdbx_database_id_DOI      10.1002/cmdc.201800234 
_citation.pdbx_database_id_PubMed   29770599 
_citation.unpublished_flag          ? 
# 
loop_
_citation_author.citation_id 
_citation_author.name 
_citation_author.ordinal 
_citation_author.identifier_ORCID 
primary 'Dalle Vedove, A.'   1 ?                   
primary 'Spiliotopoulos, D.' 2 ?                   
primary 
;D'Agostino, V.G.
;
3 ?                   
primary 'Marchand, J.R.'     4 ?                   
primary 'Unzue, A.'          5 ?                   
primary 'Nevado, C.'         6 ?                   
primary 'Lolli, G.'          7 0000-0002-8536-5599 
primary 'Caflisch, A.'       8 ?                   
# 
loop_
_entity.id 
_entity.type 
_entity.src_method 
_entity.pdbx_description 
_entity.formula_weight 
_entity.pdbx_number_of_molecules 
_entity.pdbx_ec 
_entity.pdbx_mutation 
_entity.pdbx_fragment 
_entity.details 
1 polymer     man 'Bromodomain adjacent to zinc finger domain protein 2B'                                          13618.652 1  ? 
? 'Bromodomain (residues 2054-2168)' 'First two residues SM derive from the expression tag' 
2 non-polymer syn '~{N}-[3-[(4-fluorophenyl)carbonylamino]propyl]-1-methyl-6-oxidanylidene-pyridine-3-carboxamide' 331.342   1  ? 
? ?                                  ?                                                      
3 water       nat water                                                                                            18.015    89 ? 
? ?                                  ?                                                      
# 
_entity_name_com.entity_id   1 
_entity_name_com.name        hWALp4 
# 
_entity_poly.entity_id                      1 
_entity_poly.type                           'polypeptide(L)' 
_entity_poly.nstd_linkage                   no 
_entity_poly.nstd_monomer                   no 
_entity_poly.pdbx_seq_one_letter_code       
;SMSVKKPKRDDSKDLALCSMILTEMETHEDAWPFLLPVNLKLVPGYKKVIKKPMDFSTIREKLSSGQYPNLETFALDVRL
VFDNCETFNEDDSDIGRAGHNMRKYFEKKWTDTFKVS
;
_entity_poly.pdbx_seq_one_letter_code_can   
;SMSVKKPKRDDSKDLALCSMILTEMETHEDAWPFLLPVNLKLVPGYKKVIKKPMDFSTIREKLSSGQYPNLETFALDVRL
VFDNCETFNEDDSDIGRAGHNMRKYFEKKWTDTFKVS
;
_entity_poly.pdbx_strand_id                 A 
_entity_poly.pdbx_target_identifier         ? 
# 
loop_
_pdbx_entity_nonpoly.entity_id 
_pdbx_entity_nonpoly.name 
_pdbx_entity_nonpoly.comp_id 
2 '~{N}-[3-[(4-fluorophenyl)carbonylamino]propyl]-1-methyl-6-oxidanylidene-pyridine-3-carboxamide' EN2 
3 water                                                                                            HOH 
# 
loop_
_entity_poly_seq.entity_id 
_entity_poly_seq.num 
_entity_poly_seq.mon_id 
_entity_poly_seq.hetero 
1 1   SER n 
1 2   MET n 
1 3   SER n 
1 4   VAL n 
1 5   LYS n 
1 6   LYS n 
1 7   PRO n 
1 8   LYS n 
1 9   ARG n 
1 10  ASP n 
1 11  ASP n 
1 12  SER n 
1 13  LYS n 
1 14  ASP n 
1 15  LEU n 
1 16  ALA n 
1 17  LEU n 
1 18  CYS n 
1 19  SER n 
1 20  MET n 
1 21  ILE n 
1 22  LEU n 
1 23  THR n 
1 24  GLU n 
1 25  MET n 
1 26  GLU n 
1 27  THR n 
1 28  HIS n 
1 29  GLU n 
1 30  ASP n 
1 31  ALA n 
1 32  TRP n 
1 33  PRO n 
1 34  PHE n 
1 35  LEU n 
1 36  LEU n 
1 37  PRO n 
1 38  VAL n 
1 39  ASN n 
1 40  LEU n 
1 41  LYS n 
1 42  LEU n 
1 43  VAL n 
1 44  PRO n 
1 45  GLY n 
1 46  TYR n 
1 47  LYS n 
1 48  LYS n 
1 49  VAL n 
1 50  ILE n 
1 51  LYS n 
1 52  LYS n 
1 53  PRO n 
1 54  MET n 
1 55  ASP n 
1 56  PHE n 
1 57  SER n 
1 58  THR n 
1 59  ILE n 
1 60  ARG n 
1 61  GLU n 
1 62  LYS n 
1 63  LEU n 
1 64  SER n 
1 65  SER n 
1 66  GLY n 
1 67  GLN n 
1 68  TYR n 
1 69  PRO n 
1 70  ASN n 
1 71  LEU n 
1 72  GLU n 
1 73  THR n 
1 74  PHE n 
1 75  ALA n 
1 76  LEU n 
1 77  ASP n 
1 78  VAL n 
1 79  ARG n 
1 80  LEU n 
1 81  VAL n 
1 82  PHE n 
1 83  ASP n 
1 84  ASN n 
1 85  CYS n 
1 86  GLU n 
1 87  THR n 
1 88  PHE n 
1 89  ASN n 
1 90  GLU n 
1 91  ASP n 
1 92  ASP n 
1 93  SER n 
1 94  ASP n 
1 95  ILE n 
1 96  GLY n 
1 97  ARG n 
1 98  ALA n 
1 99  GLY n 
1 100 HIS n 
1 101 ASN n 
1 102 MET n 
1 103 ARG n 
1 104 LYS n 
1 105 TYR n 
1 106 PHE n 
1 107 GLU n 
1 108 LYS n 
1 109 LYS n 
1 110 TRP n 
1 111 THR n 
1 112 ASP n 
1 113 THR n 
1 114 PHE n 
1 115 LYS n 
1 116 VAL n 
1 117 SER n 
# 
_entity_src_gen.entity_id                          1 
_entity_src_gen.pdbx_src_id                        1 
_entity_src_gen.pdbx_alt_source_flag               sample 
_entity_src_gen.pdbx_seq_type                      'Biological sequence' 
_entity_src_gen.pdbx_beg_seq_num                   1 
_entity_src_gen.pdbx_end_seq_num                   117 
_entity_src_gen.gene_src_common_name               Human 
_entity_src_gen.gene_src_genus                     ? 
_entity_src_gen.pdbx_gene_src_gene                 'BAZ2B, KIAA1476' 
_entity_src_gen.gene_src_species                   ? 
_entity_src_gen.gene_src_strain                    ? 
_entity_src_gen.gene_src_tissue                    ? 
_entity_src_gen.gene_src_tissue_fraction           ? 
_entity_src_gen.gene_src_details                   ? 
_entity_src_gen.pdbx_gene_src_fragment             ? 
_entity_src_gen.pdbx_gene_src_scientific_name      'Homo sapiens' 
_entity_src_gen.pdbx_gene_src_ncbi_taxonomy_id     9606 
_entity_src_gen.pdbx_gene_src_variant              ? 
_entity_src_gen.pdbx_gene_src_cell_line            ? 
_entity_src_gen.pdbx_gene_src_atcc                 ? 
_entity_src_gen.pdbx_gene_src_organ                ? 
_entity_src_gen.pdbx_gene_src_organelle            ? 
_entity_src_gen.pdbx_gene_src_cell                 ? 
_entity_src_gen.pdbx_gene_src_cellular_location    ? 
_entity_src_gen.host_org_common_name               ? 
_entity_src_gen.pdbx_host_org_scientific_name      'Escherichia coli' 
_entity_src_gen.pdbx_host_org_ncbi_taxonomy_id     562 
_entity_src_gen.host_org_genus                     ? 
_entity_src_gen.pdbx_host_org_gene                 ? 
_entity_src_gen.pdbx_host_org_organ                ? 
_entity_src_gen.host_org_species                   ? 
_entity_src_gen.pdbx_host_org_tissue               ? 
_entity_src_gen.pdbx_host_org_tissue_fraction      ? 
_entity_src_gen.pdbx_host_org_strain               ? 
_entity_src_gen.pdbx_host_org_variant              ? 
_entity_src_gen.pdbx_host_org_cell_line            ? 
_entity_src_gen.pdbx_host_org_atcc                 ? 
_entity_src_gen.pdbx_host_org_culture_collection   ? 
_entity_src_gen.pdbx_host_org_cell                 ? 
_entity_src_gen.pdbx_host_org_organelle            ? 
_entity_src_gen.pdbx_host_org_cellular_location    ? 
_entity_src_gen.pdbx_host_org_vector_type          ? 
_entity_src_gen.pdbx_host_org_vector               ? 
_entity_src_gen.host_org_details                   ? 
_entity_src_gen.expression_system_id               ? 
_entity_src_gen.plasmid_name                       ? 
_entity_src_gen.plasmid_details                    ? 
_entity_src_gen.pdbx_description                   ? 
# 
loop_
_chem_comp.id 
_chem_comp.type 
_chem_comp.mon_nstd_flag 
_chem_comp.name 
_chem_comp.pdbx_synonyms 
_chem_comp.formula 
_chem_comp.formula_weight 
ALA 'L-peptide linking' y ALANINE                                                                                          ? 
'C3 H7 N O2'      89.093  
ARG 'L-peptide linking' y ARGININE                                                                                         ? 
'C6 H15 N4 O2 1'  175.209 
ASN 'L-peptide linking' y ASPARAGINE                                                                                       ? 
'C4 H8 N2 O3'     132.118 
ASP 'L-peptide linking' y 'ASPARTIC ACID'                                                                                  ? 
'C4 H7 N O4'      133.103 
CYS 'L-peptide linking' y CYSTEINE                                                                                         ? 
'C3 H7 N O2 S'    121.158 
EN2 non-polymer         . '~{N}-[3-[(4-fluorophenyl)carbonylamino]propyl]-1-methyl-6-oxidanylidene-pyridine-3-carboxamide' ? 
'C17 H18 F N3 O3' 331.342 
GLN 'L-peptide linking' y GLUTAMINE                                                                                        ? 
'C5 H10 N2 O3'    146.144 
GLU 'L-peptide linking' y 'GLUTAMIC ACID'                                                                                  ? 
'C5 H9 N O4'      147.129 
GLY 'peptide linking'   y GLYCINE                                                                                          ? 
'C2 H5 N O2'      75.067  
HIS 'L-peptide linking' y HISTIDINE                                                                                        ? 
'C6 H10 N3 O2 1'  156.162 
HOH non-polymer         . WATER                                                                                            ? 
'H2 O'            18.015  
ILE 'L-peptide linking' y ISOLEUCINE                                                                                       ? 
'C6 H13 N O2'     131.173 
LEU 'L-peptide linking' y LEUCINE                                                                                          ? 
'C6 H13 N O2'     131.173 
LYS 'L-peptide linking' y LYSINE                                                                                           ? 
'C6 H15 N2 O2 1'  147.195 
MET 'L-peptide linking' y METHIONINE                                                                                       ? 
'C5 H11 N O2 S'   149.211 
PHE 'L-peptide linking' y PHENYLALANINE                                                                                    ? 
'C9 H11 N O2'     165.189 
PRO 'L-peptide linking' y PROLINE                                                                                          ? 
'C5 H9 N O2'      115.130 
SER 'L-peptide linking' y SERINE                                                                                           ? 
'C3 H7 N O3'      105.093 
THR 'L-peptide linking' y THREONINE                                                                                        ? 
'C4 H9 N O3'      119.119 
TRP 'L-peptide linking' y TRYPTOPHAN                                                                                       ? 
'C11 H12 N2 O2'   204.225 
TYR 'L-peptide linking' y TYROSINE                                                                                         ? 
'C9 H11 N O3'     181.189 
VAL 'L-peptide linking' y VALINE                                                                                           ? 
'C5 H11 N O2'     117.146 
# 
loop_
_pdbx_poly_seq_scheme.asym_id 
_pdbx_poly_seq_scheme.entity_id 
_pdbx_poly_seq_scheme.seq_id 
_pdbx_poly_seq_scheme.mon_id 
_pdbx_poly_seq_scheme.ndb_seq_num 
_pdbx_poly_seq_scheme.pdb_seq_num 
_pdbx_poly_seq_scheme.auth_seq_num 
_pdbx_poly_seq_scheme.pdb_mon_id 
_pdbx_poly_seq_scheme.auth_mon_id 
_pdbx_poly_seq_scheme.pdb_strand_id 
_pdbx_poly_seq_scheme.pdb_ins_code 
_pdbx_poly_seq_scheme.hetero 
A 1 1   SER 1   1856 1856 SER SER A . n 
A 1 2   MET 2   1857 1857 MET MET A . n 
A 1 3   SER 3   1858 1858 SER SER A . n 
A 1 4   VAL 4   1859 1859 VAL VAL A . n 
A 1 5   LYS 5   1860 1860 LYS LYS A . n 
A 1 6   LYS 6   1861 1861 LYS LYS A . n 
A 1 7   PRO 7   1862 1862 PRO PRO A . n 
A 1 8   LYS 8   1863 1863 LYS LYS A . n 
A 1 9   ARG 9   1864 1864 ARG ARG A . n 
A 1 10  ASP 10  1865 1865 ASP ASP A . n 
A 1 11  ASP 11  1866 1866 ASP ASP A . n 
A 1 12  SER 12  1867 1867 SER SER A . n 
A 1 13  LYS 13  1868 1868 LYS LYS A . n 
A 1 14  ASP 14  1869 1869 ASP ASP A . n 
A 1 15  LEU 15  1870 1870 LEU LEU A . n 
A 1 16  ALA 16  1871 1871 ALA ALA A . n 
A 1 17  LEU 17  1872 1872 LEU LEU A . n 
A 1 18  CYS 18  1873 1873 CYS CYS A . n 
A 1 19  SER 19  1874 1874 SER SER A . n 
A 1 20  MET 20  1875 1875 MET MET A . n 
A 1 21  ILE 21  1876 1876 ILE ILE A . n 
A 1 22  LEU 22  1877 1877 LEU LEU A . n 
A 1 23  THR 23  1878 1878 THR THR A . n 
A 1 24  GLU 24  1879 1879 GLU GLU A . n 
A 1 25  MET 25  1880 1880 MET MET A . n 
A 1 26  GLU 26  1881 1881 GLU GLU A . n 
A 1 27  THR 27  1882 1882 THR THR A . n 
A 1 28  HIS 28  1883 1883 HIS HIS A . n 
A 1 29  GLU 29  1884 1884 GLU GLU A . n 
A 1 30  ASP 30  1885 1885 ASP ASP A . n 
A 1 31  ALA 31  1886 1886 ALA ALA A . n 
A 1 32  TRP 32  1887 1887 TRP TRP A . n 
A 1 33  PRO 33  1888 1888 PRO PRO A . n 
A 1 34  PHE 34  1889 1889 PHE PHE A . n 
A 1 35  LEU 35  1890 1890 LEU LEU A . n 
A 1 36  LEU 36  1891 1891 LEU LEU A . n 
A 1 37  PRO 37  1892 1892 PRO PRO A . n 
A 1 38  VAL 38  1893 1893 VAL VAL A . n 
A 1 39  ASN 39  1894 1894 ASN ASN A . n 
A 1 40  LEU 40  1895 1895 LEU LEU A . n 
A 1 41  LYS 41  1896 1896 LYS LYS A . n 
A 1 42  LEU 42  1897 1897 LEU LEU A . n 
A 1 43  VAL 43  1898 1898 VAL VAL A . n 
A 1 44  PRO 44  1899 1899 PRO PRO A . n 
A 1 45  GLY 45  1900 1900 GLY GLY A . n 
A 1 46  TYR 46  1901 1901 TYR TYR A . n 
A 1 47  LYS 47  1902 1902 LYS LYS A . n 
A 1 48  LYS 48  1903 1903 LYS LYS A . n 
A 1 49  VAL 49  1904 1904 VAL VAL A . n 
A 1 50  ILE 50  1905 1905 ILE ILE A . n 
A 1 51  LYS 51  1906 1906 LYS LYS A . n 
A 1 52  LYS 52  1907 1907 LYS LYS A . n 
A 1 53  PRO 53  1908 1908 PRO PRO A . n 
A 1 54  MET 54  1909 1909 MET MET A . n 
A 1 55  ASP 55  1910 1910 ASP ASP A . n 
A 1 56  PHE 56  1911 1911 PHE PHE A . n 
A 1 57  SER 57  1912 1912 SER SER A . n 
A 1 58  THR 58  1913 1913 THR THR A . n 
A 1 59  ILE 59  1914 1914 ILE ILE A . n 
A 1 60  ARG 60  1915 1915 ARG ARG A . n 
A 1 61  GLU 61  1916 1916 GLU GLU A . n 
A 1 62  LYS 62  1917 1917 LYS LYS A . n 
A 1 63  LEU 63  1918 1918 LEU LEU A . n 
A 1 64  SER 64  1919 1919 SER SER A . n 
A 1 65  SER 65  1920 1920 SER SER A . n 
A 1 66  GLY 66  1921 1921 GLY GLY A . n 
A 1 67  GLN 67  1922 1922 GLN GLN A . n 
A 1 68  TYR 68  1923 1923 TYR TYR A . n 
A 1 69  PRO 69  1924 1924 PRO PRO A . n 
A 1 70  ASN 70  1925 1925 ASN ASN A . n 
A 1 71  LEU 71  1926 1926 LEU LEU A . n 
A 1 72  GLU 72  1927 1927 GLU GLU A . n 
A 1 73  THR 73  1928 1928 THR THR A . n 
A 1 74  PHE 74  1929 1929 PHE PHE A . n 
A 1 75  ALA 75  1930 1930 ALA ALA A . n 
A 1 76  LEU 76  1931 1931 LEU LEU A . n 
A 1 77  ASP 77  1932 1932 ASP ASP A . n 
A 1 78  VAL 78  1933 1933 VAL VAL A . n 
A 1 79  ARG 79  1934 1934 ARG ARG A . n 
A 1 80  LEU 80  1935 1935 LEU LEU A . n 
A 1 81  VAL 81  1936 1936 VAL VAL A . n 
A 1 82  PHE 82  1937 1937 PHE PHE A . n 
A 1 83  ASP 83  1938 1938 ASP ASP A . n 
A 1 84  ASN 84  1939 1939 ASN ASN A . n 
A 1 85  CYS 85  1940 1940 CYS CYS A . n 
A 1 86  GLU 86  1941 1941 GLU GLU A . n 
A 1 87  THR 87  1942 1942 THR THR A . n 
A 1 88  PHE 88  1943 1943 PHE PHE A . n 
A 1 89  ASN 89  1944 1944 ASN ASN A . n 
A 1 90  GLU 90  1945 1945 GLU GLU A . n 
A 1 91  ASP 91  1946 1946 ASP ASP A . n 
A 1 92  ASP 92  1947 1947 ASP ASP A . n 
A 1 93  SER 93  1948 1948 SER SER A . n 
A 1 94  ASP 94  1949 1949 ASP ASP A . n 
A 1 95  ILE 95  1950 1950 ILE ILE A . n 
A 1 96  GLY 96  1951 1951 GLY GLY A . n 
A 1 97  ARG 97  1952 1952 ARG ARG A . n 
A 1 98  ALA 98  1953 1953 ALA ALA A . n 
A 1 99  GLY 99  1954 1954 GLY GLY A . n 
A 1 100 HIS 100 1955 1955 HIS HIS A . n 
A 1 101 ASN 101 1956 1956 ASN ASN A . n 
A 1 102 MET 102 1957 1957 MET MET A . n 
A 1 103 ARG 103 1958 1958 ARG ARG A . n 
A 1 104 LYS 104 1959 1959 LYS LYS A . n 
A 1 105 TYR 105 1960 1960 TYR TYR A . n 
A 1 106 PHE 106 1961 1961 PHE PHE A . n 
A 1 107 GLU 107 1962 1962 GLU GLU A . n 
A 1 108 LYS 108 1963 1963 LYS LYS A . n 
A 1 109 LYS 109 1964 1964 LYS LYS A . n 
A 1 110 TRP 110 1965 1965 TRP TRP A . n 
A 1 111 THR 111 1966 1966 THR THR A . n 
A 1 112 ASP 112 1967 1967 ASP ASP A . n 
A 1 113 THR 113 1968 1968 THR THR A . n 
A 1 114 PHE 114 1969 1969 PHE PHE A . n 
A 1 115 LYS 115 1970 1970 LYS LYS A . n 
A 1 116 VAL 116 1971 1971 VAL VAL A . n 
A 1 117 SER 117 1972 ?    ?   ?   A . n 
# 
loop_
_pdbx_nonpoly_scheme.asym_id 
_pdbx_nonpoly_scheme.entity_id 
_pdbx_nonpoly_scheme.mon_id 
_pdbx_nonpoly_scheme.ndb_seq_num 
_pdbx_nonpoly_scheme.pdb_seq_num 
_pdbx_nonpoly_scheme.auth_seq_num 
_pdbx_nonpoly_scheme.pdb_mon_id 
_pdbx_nonpoly_scheme.auth_mon_id 
_pdbx_nonpoly_scheme.pdb_strand_id 
_pdbx_nonpoly_scheme.pdb_ins_code 
B 2 EN2 1  2001 1  EN2 EN2 A . 
C 3 HOH 1  2101 42 HOH HOH A . 
C 3 HOH 2  2102 20 HOH HOH A . 
C 3 HOH 3  2103 67 HOH HOH A . 
C 3 HOH 4  2104 12 HOH HOH A . 
C 3 HOH 5  2105 88 HOH HOH A . 
C 3 HOH 6  2106 72 HOH HOH A . 
C 3 HOH 7  2107 5  HOH HOH A . 
C 3 HOH 8  2108 24 HOH HOH A . 
C 3 HOH 9  2109 13 HOH HOH A . 
C 3 HOH 10 2110 9  HOH HOH A . 
C 3 HOH 11 2111 71 HOH HOH A . 
C 3 HOH 12 2112 1  HOH HOH A . 
C 3 HOH 13 2113 3  HOH HOH A . 
C 3 HOH 14 2114 15 HOH HOH A . 
C 3 HOH 15 2115 82 HOH HOH A . 
C 3 HOH 16 2116 66 HOH HOH A . 
C 3 HOH 17 2117 51 HOH HOH A . 
C 3 HOH 18 2118 11 HOH HOH A . 
C 3 HOH 19 2119 41 HOH HOH A . 
C 3 HOH 20 2120 33 HOH HOH A . 
C 3 HOH 21 2121 36 HOH HOH A . 
C 3 HOH 22 2122 8  HOH HOH A . 
C 3 HOH 23 2123 29 HOH HOH A . 
C 3 HOH 24 2124 17 HOH HOH A . 
C 3 HOH 25 2125 10 HOH HOH A . 
C 3 HOH 26 2126 47 HOH HOH A . 
C 3 HOH 27 2127 55 HOH HOH A . 
C 3 HOH 28 2128 23 HOH HOH A . 
C 3 HOH 29 2129 35 HOH HOH A . 
C 3 HOH 30 2130 37 HOH HOH A . 
C 3 HOH 31 2131 2  HOH HOH A . 
C 3 HOH 32 2132 25 HOH HOH A . 
C 3 HOH 33 2133 31 HOH HOH A . 
C 3 HOH 34 2134 16 HOH HOH A . 
C 3 HOH 35 2135 6  HOH HOH A . 
C 3 HOH 36 2136 91 HOH HOH A . 
C 3 HOH 37 2137 7  HOH HOH A . 
C 3 HOH 38 2138 4  HOH HOH A . 
C 3 HOH 39 2139 68 HOH HOH A . 
C 3 HOH 40 2140 70 HOH HOH A . 
C 3 HOH 41 2141 34 HOH HOH A . 
C 3 HOH 42 2142 40 HOH HOH A . 
C 3 HOH 43 2143 21 HOH HOH A . 
C 3 HOH 44 2144 28 HOH HOH A . 
C 3 HOH 45 2145 19 HOH HOH A . 
C 3 HOH 46 2146 22 HOH HOH A . 
C 3 HOH 47 2147 46 HOH HOH A . 
C 3 HOH 48 2148 30 HOH HOH A . 
C 3 HOH 49 2149 74 HOH HOH A . 
C 3 HOH 50 2150 60 HOH HOH A . 
C 3 HOH 51 2151 73 HOH HOH A . 
C 3 HOH 52 2152 61 HOH HOH A . 
C 3 HOH 53 2153 38 HOH HOH A . 
C 3 HOH 54 2154 27 HOH HOH A . 
C 3 HOH 55 2155 39 HOH HOH A . 
C 3 HOH 56 2156 90 HOH HOH A . 
C 3 HOH 57 2157 44 HOH HOH A . 
C 3 HOH 58 2158 52 HOH HOH A . 
C 3 HOH 59 2159 80 HOH HOH A . 
C 3 HOH 60 2160 14 HOH HOH A . 
C 3 HOH 61 2161 59 HOH HOH A . 
C 3 HOH 62 2162 57 HOH HOH A . 
C 3 HOH 63 2163 86 HOH HOH A . 
C 3 HOH 64 2164 56 HOH HOH A . 
C 3 HOH 65 2165 50 HOH HOH A . 
C 3 HOH 66 2166 62 HOH HOH A . 
C 3 HOH 67 2167 64 HOH HOH A . 
C 3 HOH 68 2168 48 HOH HOH A . 
C 3 HOH 69 2169 69 HOH HOH A . 
C 3 HOH 70 2170 84 HOH HOH A . 
C 3 HOH 71 2171 77 HOH HOH A . 
C 3 HOH 72 2172 18 HOH HOH A . 
C 3 HOH 73 2173 43 HOH HOH A . 
C 3 HOH 74 2174 63 HOH HOH A . 
C 3 HOH 75 2175 76 HOH HOH A . 
C 3 HOH 76 2176 58 HOH HOH A . 
C 3 HOH 77 2177 89 HOH HOH A . 
C 3 HOH 78 2178 75 HOH HOH A . 
C 3 HOH 79 2179 53 HOH HOH A . 
C 3 HOH 80 2180 81 HOH HOH A . 
C 3 HOH 81 2181 87 HOH HOH A . 
C 3 HOH 82 2182 65 HOH HOH A . 
C 3 HOH 83 2183 45 HOH HOH A . 
C 3 HOH 84 2184 49 HOH HOH A . 
C 3 HOH 85 2185 83 HOH HOH A . 
C 3 HOH 86 2186 32 HOH HOH A . 
C 3 HOH 87 2187 26 HOH HOH A . 
C 3 HOH 88 2188 79 HOH HOH A . 
C 3 HOH 89 2189 54 HOH HOH A . 
# 
loop_
_software.citation_id 
_software.classification 
_software.compiler_name 
_software.compiler_version 
_software.contact_author 
_software.contact_author_email 
_software.date 
_software.description 
_software.dependencies 
_software.hardware 
_software.language 
_software.location 
_software.mods 
_software.name 
_software.os 
_software.os_version 
_software.type 
_software.version 
_software.pdbx_ordinal 
? 'data reduction'  ? ? ? ? ? ? ? ? ? ? ? XDS         ? ? ? .    1 
? phasing           ? ? ? ? ? ? ? ? ? ? ? PHASER      ? ? ? .    2 
? refinement        ? ? ? ? ? ? ? ? ? ? ? PHENIX      ? ? ? .    3 
? 'data extraction' ? ? ? ? ? ? ? ? ? ? ? PDB_EXTRACT ? ? ? 3.24 4 
? 'data scaling'    ? ? ? ? ? ? ? ? ? ? ? STARANISO   ? ? ? .    5 
# 
_cell.angle_alpha                  90.000 
_cell.angle_alpha_esd              ? 
_cell.angle_beta                   90.000 
_cell.angle_beta_esd               ? 
_cell.angle_gamma                  90.000 
_cell.angle_gamma_esd              ? 
_cell.entry_id                     6FH7 
_cell.details                      ? 
_cell.formula_units_Z              ? 
_cell.length_a                     79.570 
_cell.length_a_esd                 ? 
_cell.length_b                     96.393 
_cell.length_b_esd                 ? 
_cell.length_c                     57.952 
_cell.length_c_esd                 ? 
_cell.volume                       ? 
_cell.volume_esd                   ? 
_cell.Z_PDB                        8 
_cell.reciprocal_angle_alpha       ? 
_cell.reciprocal_angle_beta        ? 
_cell.reciprocal_angle_gamma       ? 
_cell.reciprocal_angle_alpha_esd   ? 
_cell.reciprocal_angle_beta_esd    ? 
_cell.reciprocal_angle_gamma_esd   ? 
_cell.reciprocal_length_a          ? 
_cell.reciprocal_length_b          ? 
_cell.reciprocal_length_c          ? 
_cell.reciprocal_length_a_esd      ? 
_cell.reciprocal_length_b_esd      ? 
_cell.reciprocal_length_c_esd      ? 
_cell.pdbx_unique_axis             ? 
# 
_symmetry.entry_id                         6FH7 
_symmetry.cell_setting                     ? 
_symmetry.Int_Tables_number                20 
_symmetry.space_group_name_Hall            ? 
_symmetry.space_group_name_H-M             'C 2 2 21' 
_symmetry.pdbx_full_space_group_name_H-M   ? 
# 
_exptl.absorpt_coefficient_mu     ? 
_exptl.absorpt_correction_T_max   ? 
_exptl.absorpt_correction_T_min   ? 
_exptl.absorpt_correction_type    ? 
_exptl.absorpt_process_details    ? 
_exptl.entry_id                   6FH7 
_exptl.crystals_number            1 
_exptl.details                    ? 
_exptl.method                     'X-RAY DIFFRACTION' 
_exptl.method_details             ? 
# 
_exptl_crystal.colour                      ? 
_exptl_crystal.density_diffrn              ? 
_exptl_crystal.density_Matthews            4.08 
_exptl_crystal.density_method              ? 
_exptl_crystal.density_percent_sol         69.85 
_exptl_crystal.description                 ? 
_exptl_crystal.F_000                       ? 
_exptl_crystal.id                          1 
_exptl_crystal.preparation                 ? 
_exptl_crystal.size_max                    ? 
_exptl_crystal.size_mid                    ? 
_exptl_crystal.size_min                    ? 
_exptl_crystal.size_rad                    ? 
_exptl_crystal.colour_lustre               ? 
_exptl_crystal.colour_modifier             ? 
_exptl_crystal.colour_primary              ? 
_exptl_crystal.density_meas                ? 
_exptl_crystal.density_meas_esd            ? 
_exptl_crystal.density_meas_gt             ? 
_exptl_crystal.density_meas_lt             ? 
_exptl_crystal.density_meas_temp           ? 
_exptl_crystal.density_meas_temp_esd       ? 
_exptl_crystal.density_meas_temp_gt        ? 
_exptl_crystal.density_meas_temp_lt        ? 
_exptl_crystal.pdbx_crystal_image_url      ? 
_exptl_crystal.pdbx_crystal_image_format   ? 
_exptl_crystal.pdbx_mosaicity              ? 
_exptl_crystal.pdbx_mosaicity_esd          ? 
# 
_exptl_crystal_grow.apparatus       ? 
_exptl_crystal_grow.atmosphere      ? 
_exptl_crystal_grow.crystal_id      1 
_exptl_crystal_grow.details         ? 
_exptl_crystal_grow.method          'VAPOR DIFFUSION, SITTING DROP' 
_exptl_crystal_grow.method_ref      ? 
_exptl_crystal_grow.pH              7.5 
_exptl_crystal_grow.pressure        ? 
_exptl_crystal_grow.pressure_esd    ? 
_exptl_crystal_grow.seeding         ? 
_exptl_crystal_grow.seeding_ref     ? 
_exptl_crystal_grow.temp            277 
_exptl_crystal_grow.temp_details    ? 
_exptl_crystal_grow.temp_esd        ? 
_exptl_crystal_grow.time            ? 
_exptl_crystal_grow.pdbx_details    '20% PEG500MME, 2% PEG1000, 2% PEG3350, 10% PEG20000, 2% MPD' 
_exptl_crystal_grow.pdbx_pH_range   ? 
# 
_diffrn.ambient_environment    ? 
_diffrn.ambient_temp           100 
_diffrn.ambient_temp_details   ? 
_diffrn.ambient_temp_esd       ? 
_diffrn.crystal_id             1 
_diffrn.crystal_support        ? 
_diffrn.crystal_treatment      ? 
_diffrn.details                ? 
_diffrn.id                     1 
_diffrn.ambient_pressure       ? 
_diffrn.ambient_pressure_esd   ? 
_diffrn.ambient_pressure_gt    ? 
_diffrn.ambient_pressure_lt    ? 
_diffrn.ambient_temp_gt        ? 
_diffrn.ambient_temp_lt        ? 
# 
_diffrn_detector.details                      ? 
_diffrn_detector.detector                     PIXEL 
_diffrn_detector.diffrn_id                    1 
_diffrn_detector.type                         'DECTRIS EIGER X 16M' 
_diffrn_detector.area_resol_mean              ? 
_diffrn_detector.dtime                        ? 
_diffrn_detector.pdbx_frames_total            ? 
_diffrn_detector.pdbx_collection_time_total   ? 
_diffrn_detector.pdbx_collection_date         2017-06-11 
# 
_diffrn_radiation.collimation                      ? 
_diffrn_radiation.diffrn_id                        1 
_diffrn_radiation.filter_edge                      ? 
_diffrn_radiation.inhomogeneity                    ? 
_diffrn_radiation.monochromator                    ? 
_diffrn_radiation.polarisn_norm                    ? 
_diffrn_radiation.polarisn_ratio                   ? 
_diffrn_radiation.probe                            ? 
_diffrn_radiation.type                             ? 
_diffrn_radiation.xray_symbol                      ? 
_diffrn_radiation.wavelength_id                    1 
_diffrn_radiation.pdbx_monochromatic_or_laue_m_l   M 
_diffrn_radiation.pdbx_wavelength_list             ? 
_diffrn_radiation.pdbx_wavelength                  ? 
_diffrn_radiation.pdbx_diffrn_protocol             'SINGLE WAVELENGTH' 
_diffrn_radiation.pdbx_analyzer                    ? 
_diffrn_radiation.pdbx_scattering_type             x-ray 
# 
_diffrn_radiation_wavelength.id           1 
_diffrn_radiation_wavelength.wavelength   1.00 
_diffrn_radiation_wavelength.wt           1.0 
# 
_diffrn_source.current                     ? 
_diffrn_source.details                     ? 
_diffrn_source.diffrn_id                   1 
_diffrn_source.power                       ? 
_diffrn_source.size                        ? 
_diffrn_source.source                      SYNCHROTRON 
_diffrn_source.target                      ? 
_diffrn_source.type                        'SLS BEAMLINE X06SA' 
_diffrn_source.voltage                     ? 
_diffrn_source.take-off_angle              ? 
_diffrn_source.pdbx_wavelength_list        1.00 
_diffrn_source.pdbx_wavelength             ? 
_diffrn_source.pdbx_synchrotron_beamline   X06SA 
_diffrn_source.pdbx_synchrotron_site       SLS 
# 
_reflns.B_iso_Wilson_estimate            ? 
_reflns.entry_id                         6FH7 
_reflns.data_reduction_details           ? 
_reflns.data_reduction_method            ? 
_reflns.d_resolution_high                2.10 
_reflns.d_resolution_low                 48.20 
_reflns.details                          ? 
_reflns.limit_h_max                      ? 
_reflns.limit_h_min                      ? 
_reflns.limit_k_max                      ? 
_reflns.limit_k_min                      ? 
_reflns.limit_l_max                      ? 
_reflns.limit_l_min                      ? 
_reflns.number_all                       ? 
_reflns.number_obs                       9692 
_reflns.observed_criterion               ? 
_reflns.observed_criterion_F_max         ? 
_reflns.observed_criterion_F_min         ? 
_reflns.observed_criterion_I_max         ? 
_reflns.observed_criterion_I_min         ? 
_reflns.observed_criterion_sigma_F       ? 
_reflns.observed_criterion_sigma_I       ? 
_reflns.percent_possible_obs             72.4 
_reflns.R_free_details                   ? 
_reflns.Rmerge_F_all                     ? 
_reflns.Rmerge_F_obs                     ? 
_reflns.Friedel_coverage                 ? 
_reflns.number_gt                        ? 
_reflns.threshold_expression             ? 
_reflns.pdbx_redundancy                  7.3 
_reflns.pdbx_Rmerge_I_obs                0.063 
_reflns.pdbx_Rmerge_I_all                ? 
_reflns.pdbx_Rsym_value                  ? 
_reflns.pdbx_netI_over_av_sigmaI         ? 
_reflns.pdbx_netI_over_sigmaI            15.2 
_reflns.pdbx_res_netI_over_av_sigmaI_2   ? 
_reflns.pdbx_res_netI_over_sigmaI_2      ? 
_reflns.pdbx_chi_squared                 ? 
_reflns.pdbx_scaling_rejects             ? 
_reflns.pdbx_d_res_high_opt              ? 
_reflns.pdbx_d_res_low_opt               ? 
_reflns.pdbx_d_res_opt_method            ? 
_reflns.phase_calculation_details        ? 
_reflns.pdbx_Rrim_I_all                  0.071 
_reflns.pdbx_Rpim_I_all                  0.026 
_reflns.pdbx_d_opt                       ? 
_reflns.pdbx_number_measured_all         ? 
_reflns.pdbx_diffrn_id                   1 
_reflns.pdbx_ordinal                     1 
_reflns.pdbx_CC_half                     0.999 
_reflns.pdbx_R_split                     ? 
# 
_reflns_shell.d_res_high                  2.10 
_reflns_shell.d_res_low                   2.16 
_reflns_shell.meanI_over_sigI_all         ? 
_reflns_shell.meanI_over_sigI_obs         ? 
_reflns_shell.number_measured_all         ? 
_reflns_shell.number_measured_obs         ? 
_reflns_shell.number_possible             ? 
_reflns_shell.number_unique_all           ? 
_reflns_shell.number_unique_obs           484 
_reflns_shell.percent_possible_all        42.5 
_reflns_shell.percent_possible_obs        ? 
_reflns_shell.Rmerge_F_all                ? 
_reflns_shell.Rmerge_F_obs                ? 
_reflns_shell.Rmerge_I_all                ? 
_reflns_shell.Rmerge_I_obs                0.391 
_reflns_shell.meanI_over_sigI_gt          ? 
_reflns_shell.meanI_over_uI_all           ? 
_reflns_shell.meanI_over_uI_gt            ? 
_reflns_shell.number_measured_gt          ? 
_reflns_shell.number_unique_gt            ? 
_reflns_shell.percent_possible_gt         ? 
_reflns_shell.Rmerge_F_gt                 ? 
_reflns_shell.Rmerge_I_gt                 ? 
_reflns_shell.pdbx_redundancy             7.8 
_reflns_shell.pdbx_Rsym_value             ? 
_reflns_shell.pdbx_chi_squared            ? 
_reflns_shell.pdbx_netI_over_sigmaI_all   ? 
_reflns_shell.pdbx_netI_over_sigmaI_obs   ? 
_reflns_shell.pdbx_Rrim_I_all             0.439 
_reflns_shell.pdbx_Rpim_I_all             0.156 
_reflns_shell.pdbx_rejects                ? 
_reflns_shell.pdbx_ordinal                1 
_reflns_shell.pdbx_diffrn_id              1 
_reflns_shell.pdbx_CC_half                0.958 
_reflns_shell.pdbx_R_split                ? 
# 
_refine.aniso_B[1][1]                            ? 
_refine.aniso_B[1][2]                            ? 
_refine.aniso_B[1][3]                            ? 
_refine.aniso_B[2][2]                            ? 
_refine.aniso_B[2][3]                            ? 
_refine.aniso_B[3][3]                            ? 
_refine.B_iso_max                                106.080 
_refine.B_iso_mean                               36.3876 
_refine.B_iso_min                                17.770 
_refine.correlation_coeff_Fo_to_Fc               ? 
_refine.correlation_coeff_Fo_to_Fc_free          ? 
_refine.details                                  ? 
_refine.diff_density_max                         ? 
_refine.diff_density_max_esd                     ? 
_refine.diff_density_min                         ? 
_refine.diff_density_min_esd                     ? 
_refine.diff_density_rms                         ? 
_refine.diff_density_rms_esd                     ? 
_refine.entry_id                                 6FH7 
_refine.pdbx_refine_id                           'X-RAY DIFFRACTION' 
_refine.ls_abs_structure_details                 ? 
_refine.ls_abs_structure_Flack                   ? 
_refine.ls_abs_structure_Flack_esd               ? 
_refine.ls_abs_structure_Rogers                  ? 
_refine.ls_abs_structure_Rogers_esd              ? 
_refine.ls_d_res_high                            2.1000 
_refine.ls_d_res_low                             48.1970 
_refine.ls_extinction_coef                       ? 
_refine.ls_extinction_coef_esd                   ? 
_refine.ls_extinction_expression                 ? 
_refine.ls_extinction_method                     ? 
_refine.ls_goodness_of_fit_all                   ? 
_refine.ls_goodness_of_fit_all_esd               ? 
_refine.ls_goodness_of_fit_obs                   ? 
_refine.ls_goodness_of_fit_obs_esd               ? 
_refine.ls_hydrogen_treatment                    ? 
_refine.ls_matrix_type                           ? 
_refine.ls_number_constraints                    ? 
_refine.ls_number_parameters                     ? 
_refine.ls_number_reflns_all                     ? 
_refine.ls_number_reflns_obs                     9676 
_refine.ls_number_reflns_R_free                  513 
_refine.ls_number_reflns_R_work                  ? 
_refine.ls_number_restraints                     ? 
_refine.ls_percent_reflns_obs                    72.3500 
_refine.ls_percent_reflns_R_free                 5.3000 
_refine.ls_R_factor_all                          ? 
_refine.ls_R_factor_obs                          0.1989 
_refine.ls_R_factor_R_free                       0.2326 
_refine.ls_R_factor_R_free_error                 ? 
_refine.ls_R_factor_R_free_error_details         ? 
_refine.ls_R_factor_R_work                       0.1969 
_refine.ls_R_Fsqd_factor_obs                     ? 
_refine.ls_R_I_factor_obs                        ? 
_refine.ls_redundancy_reflns_all                 ? 
_refine.ls_redundancy_reflns_obs                 ? 
_refine.ls_restrained_S_all                      ? 
_refine.ls_restrained_S_obs                      ? 
_refine.ls_shift_over_esd_max                    ? 
_refine.ls_shift_over_esd_mean                   ? 
_refine.ls_structure_factor_coef                 ? 
_refine.ls_weighting_details                     ? 
_refine.ls_weighting_scheme                      ? 
_refine.ls_wR_factor_all                         ? 
_refine.ls_wR_factor_obs                         ? 
_refine.ls_wR_factor_R_free                      ? 
_refine.ls_wR_factor_R_work                      ? 
_refine.occupancy_max                            ? 
_refine.occupancy_min                            ? 
_refine.solvent_model_details                    ? 
_refine.solvent_model_param_bsol                 ? 
_refine.solvent_model_param_ksol                 ? 
_refine.ls_R_factor_gt                           ? 
_refine.ls_goodness_of_fit_gt                    ? 
_refine.ls_goodness_of_fit_ref                   ? 
_refine.ls_shift_over_su_max                     ? 
_refine.ls_shift_over_su_max_lt                  ? 
_refine.ls_shift_over_su_mean                    ? 
_refine.ls_shift_over_su_mean_lt                 ? 
_refine.pdbx_ls_sigma_I                          ? 
_refine.pdbx_ls_sigma_F                          1.340 
_refine.pdbx_ls_sigma_Fsqd                       ? 
_refine.pdbx_data_cutoff_high_absF               ? 
_refine.pdbx_data_cutoff_high_rms_absF           ? 
_refine.pdbx_data_cutoff_low_absF                ? 
_refine.pdbx_isotropic_thermal_model             ? 
_refine.pdbx_ls_cross_valid_method               'FREE R-VALUE' 
_refine.pdbx_method_to_determine_struct          'MOLECULAR REPLACEMENT' 
_refine.pdbx_starting_model                      4IR5 
_refine.pdbx_stereochemistry_target_values       ? 
_refine.pdbx_R_Free_selection_details            ? 
_refine.pdbx_stereochem_target_val_spec_case     ? 
_refine.pdbx_overall_ESU_R                       ? 
_refine.pdbx_overall_ESU_R_Free                  ? 
_refine.pdbx_solvent_vdw_probe_radii             1.1100 
_refine.pdbx_solvent_ion_probe_radii             ? 
_refine.pdbx_solvent_shrinkage_radii             0.9000 
_refine.pdbx_real_space_R                        ? 
_refine.pdbx_density_correlation                 ? 
_refine.pdbx_pd_number_of_powder_patterns        ? 
_refine.pdbx_pd_number_of_points                 ? 
_refine.pdbx_pd_meas_number_of_points            ? 
_refine.pdbx_pd_proc_ls_prof_R_factor            ? 
_refine.pdbx_pd_proc_ls_prof_wR_factor           ? 
_refine.pdbx_pd_Marquardt_correlation_coeff      ? 
_refine.pdbx_pd_Fsqrd_R_factor                   ? 
_refine.pdbx_pd_ls_matrix_band_width             ? 
_refine.pdbx_overall_phase_error                 25.4400 
_refine.pdbx_overall_SU_R_free_Cruickshank_DPI   ? 
_refine.pdbx_overall_SU_R_free_Blow_DPI          ? 
_refine.pdbx_overall_SU_R_Blow_DPI               ? 
_refine.pdbx_TLS_residual_ADP_flag               ? 
_refine.pdbx_diffrn_id                           1 
_refine.overall_SU_B                             ? 
_refine.overall_SU_ML                            0.2400 
_refine.overall_SU_R_Cruickshank_DPI             ? 
_refine.overall_SU_R_free                        ? 
_refine.overall_FOM_free_R_set                   ? 
_refine.overall_FOM_work_R_set                   ? 
_refine.pdbx_average_fsc_overall                 ? 
_refine.pdbx_average_fsc_work                    ? 
_refine.pdbx_average_fsc_free                    ? 
# 
_refine_hist.cycle_id                         final 
_refine_hist.pdbx_refine_id                   'X-RAY DIFFRACTION' 
_refine_hist.d_res_high                       2.1000 
_refine_hist.d_res_low                        48.1970 
_refine_hist.pdbx_number_atoms_ligand         24 
_refine_hist.number_atoms_solvent             91 
_refine_hist.number_atoms_total               1062 
_refine_hist.pdbx_number_residues_total       116 
_refine_hist.pdbx_B_iso_mean_ligand           54.54 
_refine_hist.pdbx_B_iso_mean_solvent          40.23 
_refine_hist.pdbx_number_atoms_protein        947 
_refine_hist.pdbx_number_atoms_nucleic_acid   0 
# 
loop_
_refine_ls_restr.pdbx_refine_id 
_refine_ls_restr.criterion 
_refine_ls_restr.dev_ideal 
_refine_ls_restr.dev_ideal_target 
_refine_ls_restr.number 
_refine_ls_restr.rejects 
_refine_ls_restr.type 
_refine_ls_restr.weight 
_refine_ls_restr.pdbx_restraint_function 
'X-RAY DIFFRACTION' ? 0.007  ? 999  ? f_bond_d           ? ? 
'X-RAY DIFFRACTION' ? 0.918  ? 1344 ? f_angle_d          ? ? 
'X-RAY DIFFRACTION' ? 0.046  ? 142  ? f_chiral_restr     ? ? 
'X-RAY DIFFRACTION' ? 0.004  ? 170  ? f_plane_restr      ? ? 
'X-RAY DIFFRACTION' ? 16.901 ? 610  ? f_dihedral_angle_d ? ? 
# 
loop_
_refine_ls_shell.pdbx_refine_id 
_refine_ls_shell.d_res_high 
_refine_ls_shell.d_res_low 
_refine_ls_shell.number_reflns_all 
_refine_ls_shell.number_reflns_obs 
_refine_ls_shell.number_reflns_R_free 
_refine_ls_shell.number_reflns_R_work 
_refine_ls_shell.percent_reflns_obs 
_refine_ls_shell.percent_reflns_R_free 
_refine_ls_shell.R_factor_all 
_refine_ls_shell.R_factor_obs 
_refine_ls_shell.R_factor_R_free 
_refine_ls_shell.R_factor_R_free_error 
_refine_ls_shell.R_factor_R_work 
_refine_ls_shell.redundancy_reflns_all 
_refine_ls_shell.redundancy_reflns_obs 
_refine_ls_shell.wR_factor_all 
_refine_ls_shell.wR_factor_obs 
_refine_ls_shell.wR_factor_R_free 
_refine_ls_shell.wR_factor_R_work 
_refine_ls_shell.pdbx_total_number_of_bins_used 
_refine_ls_shell.pdbx_phase_error 
_refine_ls_shell.pdbx_fsc_work 
_refine_ls_shell.pdbx_fsc_free 
'X-RAY DIFFRACTION' 2.0996 2.3109  1486 . 82  1404 45.0000  . . . 0.2609 0.0000 0.2296 . . . . . . 4 . . . 
'X-RAY DIFFRACTION' 2.3109 2.6453  1916 . 96  1820 58.0000  . . . 0.2863 0.0000 0.2364 . . . . . . 4 . . . 
'X-RAY DIFFRACTION' 2.6453 3.3327  2819 . 141 2678 85.0000  . . . 0.2897 0.0000 0.2180 . . . . . . 4 . . . 
'X-RAY DIFFRACTION' 3.3327 48.2092 3455 . 194 3261 100.0000 . . . 0.2017 0.0000 0.1765 . . . . . . 4 . . . 
# 
_struct.entry_id                     6FH7 
_struct.title                        'Crystal Structure of BAZ2B bromodomain in complex with 1-methylpyridinone compound 2' 
_struct.pdbx_model_details           ? 
_struct.pdbx_formula_weight          ? 
_struct.pdbx_formula_weight_method   ? 
_struct.pdbx_model_type_details      ? 
_struct.pdbx_CASP_flag               N 
# 
_struct_keywords.entry_id        6FH7 
_struct_keywords.text            'four helical bundle, transcription' 
_struct_keywords.pdbx_keywords   TRANSCRIPTION 
# 
loop_
_struct_asym.id 
_struct_asym.pdbx_blank_PDB_chainid_flag 
_struct_asym.pdbx_modified 
_struct_asym.entity_id 
_struct_asym.details 
A N N 1 ? 
B N N 2 ? 
C N N 3 ? 
# 
_struct_ref.id                         1 
_struct_ref.db_name                    UNP 
_struct_ref.db_code                    BAZ2B_HUMAN 
_struct_ref.pdbx_db_accession          Q9UIF8 
_struct_ref.pdbx_db_isoform            ? 
_struct_ref.entity_id                  1 
_struct_ref.pdbx_seq_one_letter_code   
;SVKKPKRDDSKDLALCSMILTEMETHEDAWPFLLPVNLKLVPGYKKVIKKPMDFSTIREKLSSGQYPNLETFALDVRLVF
DNCETFNEDDSDIGRAGHNMRKYFEKKWTDTFKVS
;
_struct_ref.pdbx_align_begin           2054 
# 
_struct_ref_seq.align_id                      1 
_struct_ref_seq.ref_id                        1 
_struct_ref_seq.pdbx_PDB_id_code              6FH7 
_struct_ref_seq.pdbx_strand_id                A 
_struct_ref_seq.seq_align_beg                 3 
_struct_ref_seq.pdbx_seq_align_beg_ins_code   ? 
_struct_ref_seq.seq_align_end                 117 
_struct_ref_seq.pdbx_seq_align_end_ins_code   ? 
_struct_ref_seq.pdbx_db_accession             Q9UIF8 
_struct_ref_seq.db_align_beg                  2054 
_struct_ref_seq.pdbx_db_align_beg_ins_code    ? 
_struct_ref_seq.db_align_end                  2168 
_struct_ref_seq.pdbx_db_align_end_ins_code    ? 
_struct_ref_seq.pdbx_auth_seq_align_beg       1858 
_struct_ref_seq.pdbx_auth_seq_align_end       1972 
# 
loop_
_struct_ref_seq_dif.align_id 
_struct_ref_seq_dif.pdbx_pdb_id_code 
_struct_ref_seq_dif.mon_id 
_struct_ref_seq_dif.pdbx_pdb_strand_id 
_struct_ref_seq_dif.seq_num 
_struct_ref_seq_dif.pdbx_pdb_ins_code 
_struct_ref_seq_dif.pdbx_seq_db_name 
_struct_ref_seq_dif.pdbx_seq_db_accession_code 
_struct_ref_seq_dif.db_mon_id 
_struct_ref_seq_dif.pdbx_seq_db_seq_num 
_struct_ref_seq_dif.details 
_struct_ref_seq_dif.pdbx_auth_seq_num 
_struct_ref_seq_dif.pdbx_ordinal 
1 6FH7 SER A 1 ? UNP Q9UIF8 ? ? 'expression tag' 1856 1 
1 6FH7 MET A 2 ? UNP Q9UIF8 ? ? 'expression tag' 1857 2 
# 
_pdbx_struct_assembly.id                   1 
_pdbx_struct_assembly.details              author_and_software_defined_assembly 
_pdbx_struct_assembly.method_details       PISA 
_pdbx_struct_assembly.oligomeric_details   monomeric 
_pdbx_struct_assembly.oligomeric_count     1 
# 
loop_
_pdbx_struct_assembly_prop.biol_id 
_pdbx_struct_assembly_prop.type 
_pdbx_struct_assembly_prop.value 
_pdbx_struct_assembly_prop.details 
1 'ABSA (A^2)' 0    ? 
1 MORE         0    ? 
1 'SSA (A^2)'  8040 ? 
# 
_pdbx_struct_assembly_gen.assembly_id       1 
_pdbx_struct_assembly_gen.oper_expression   1 
_pdbx_struct_assembly_gen.asym_id_list      A,B,C 
# 
_pdbx_struct_assembly_auth_evidence.id                     1 
_pdbx_struct_assembly_auth_evidence.assembly_id            1 
_pdbx_struct_assembly_auth_evidence.experimental_support   'gel filtration' 
_pdbx_struct_assembly_auth_evidence.details                ? 
# 
_pdbx_struct_oper_list.id                   1 
_pdbx_struct_oper_list.type                 'identity operation' 
_pdbx_struct_oper_list.name                 1_555 
_pdbx_struct_oper_list.symmetry_operation   x,y,z 
_pdbx_struct_oper_list.matrix[1][1]         1.0000000000 
_pdbx_struct_oper_list.matrix[1][2]         0.0000000000 
_pdbx_struct_oper_list.matrix[1][3]         0.0000000000 
_pdbx_struct_oper_list.vector[1]            0.0000000000 
_pdbx_struct_oper_list.matrix[2][1]         0.0000000000 
_pdbx_struct_oper_list.matrix[2][2]         1.0000000000 
_pdbx_struct_oper_list.matrix[2][3]         0.0000000000 
_pdbx_struct_oper_list.vector[2]            0.0000000000 
_pdbx_struct_oper_list.matrix[3][1]         0.0000000000 
_pdbx_struct_oper_list.matrix[3][2]         0.0000000000 
_pdbx_struct_oper_list.matrix[3][3]         1.0000000000 
_pdbx_struct_oper_list.vector[3]            0.0000000000 
# 
loop_
_struct_conf.conf_type_id 
_struct_conf.id 
_struct_conf.pdbx_PDB_helix_id 
_struct_conf.beg_label_comp_id 
_struct_conf.beg_label_asym_id 
_struct_conf.beg_label_seq_id 
_struct_conf.pdbx_beg_PDB_ins_code 
_struct_conf.end_label_comp_id 
_struct_conf.end_label_asym_id 
_struct_conf.end_label_seq_id 
_struct_conf.pdbx_end_PDB_ins_code 
_struct_conf.beg_auth_comp_id 
_struct_conf.beg_auth_asym_id 
_struct_conf.beg_auth_seq_id 
_struct_conf.end_auth_comp_id 
_struct_conf.end_auth_asym_id 
_struct_conf.end_auth_seq_id 
_struct_conf.pdbx_PDB_helix_class 
_struct_conf.details 
_struct_conf.pdbx_PDB_helix_length 
HELX_P HELX_P1 AA1 LYS A 13 ? THR A 27  ? LYS A 1868 THR A 1882 1 ? 15 
HELX_P HELX_P2 AA2 HIS A 28 ? TRP A 32  ? HIS A 1883 TRP A 1887 5 ? 5  
HELX_P HELX_P3 AA3 GLY A 45 ? ILE A 50  ? GLY A 1900 ILE A 1905 1 ? 6  
HELX_P HELX_P4 AA4 ASP A 55 ? SER A 64  ? ASP A 1910 SER A 1919 1 ? 10 
HELX_P HELX_P5 AA5 ASN A 70 ? ASN A 89  ? ASN A 1925 ASN A 1944 1 ? 20 
HELX_P HELX_P6 AA6 SER A 93 ? LYS A 115 ? SER A 1948 LYS A 1970 1 ? 23 
# 
_struct_conf_type.id          HELX_P 
_struct_conf_type.criteria    ? 
_struct_conf_type.reference   ? 
# 
_struct_site.id                   AC1 
_struct_site.pdbx_evidence_code   Software 
_struct_site.pdbx_auth_asym_id    A 
_struct_site.pdbx_auth_comp_id    EN2 
_struct_site.pdbx_auth_seq_id     2001 
_struct_site.pdbx_auth_ins_code   ? 
_struct_site.pdbx_num_residues    8 
_struct_site.details              'binding site for residue EN2 A 2001' 
# 
loop_
_struct_site_gen.id 
_struct_site_gen.site_id 
_struct_site_gen.pdbx_num_res 
_struct_site_gen.label_comp_id 
_struct_site_gen.label_asym_id 
_struct_site_gen.label_seq_id 
_struct_site_gen.pdbx_auth_ins_code 
_struct_site_gen.auth_comp_id 
_struct_site_gen.auth_asym_id 
_struct_site_gen.auth_seq_id 
_struct_site_gen.label_atom_id 
_struct_site_gen.label_alt_id 
_struct_site_gen.symmetry 
_struct_site_gen.details 
1 AC1 8 TRP A 32 ? TRP A 1887 . ? 1_555 ? 
2 AC1 8 PRO A 33 ? PRO A 1888 . ? 1_555 ? 
3 AC1 8 LEU A 36 ? LEU A 1891 . ? 1_555 ? 
4 AC1 8 VAL A 38 ? VAL A 1893 . ? 1_555 ? 
5 AC1 8 ASN A 89 ? ASN A 1944 . ? 1_555 ? 
6 AC1 8 ILE A 95 ? ILE A 1950 . ? 1_555 ? 
7 AC1 8 HOH C .  ? HOH A 2113 . ? 1_555 ? 
8 AC1 8 HOH C .  ? HOH A 2149 . ? 1_555 ? 
# 
_pdbx_validate_torsion.id              1 
_pdbx_validate_torsion.PDB_model_num   1 
_pdbx_validate_torsion.auth_comp_id    LYS 
_pdbx_validate_torsion.auth_asym_id    A 
_pdbx_validate_torsion.auth_seq_id     1970 
_pdbx_validate_torsion.PDB_ins_code    ? 
_pdbx_validate_torsion.label_alt_id    ? 
_pdbx_validate_torsion.phi             -113.21 
_pdbx_validate_torsion.psi             65.46 
# 
_phasing.method   MR 
# 
_pdbx_unobs_or_zero_occ_residues.id               1 
_pdbx_unobs_or_zero_occ_residues.PDB_model_num    1 
_pdbx_unobs_or_zero_occ_residues.polymer_flag     Y 
_pdbx_unobs_or_zero_occ_residues.occupancy_flag   1 
_pdbx_unobs_or_zero_occ_residues.auth_asym_id     A 
_pdbx_unobs_or_zero_occ_residues.auth_comp_id     SER 
_pdbx_unobs_or_zero_occ_residues.auth_seq_id      1972 
_pdbx_unobs_or_zero_occ_residues.PDB_ins_code     ? 
_pdbx_unobs_or_zero_occ_residues.label_asym_id    A 
_pdbx_unobs_or_zero_occ_residues.label_comp_id    SER 
_pdbx_unobs_or_zero_occ_residues.label_seq_id     117 
# 
loop_
_chem_comp_atom.comp_id 
_chem_comp_atom.atom_id 
_chem_comp_atom.type_symbol 
_chem_comp_atom.pdbx_aromatic_flag 
_chem_comp_atom.pdbx_stereo_config 
_chem_comp_atom.pdbx_ordinal 
ALA N    N N N 1   
ALA CA   C N S 2   
ALA C    C N N 3   
ALA O    O N N 4   
ALA CB   C N N 5   
ALA OXT  O N N 6   
ALA H    H N N 7   
ALA H2   H N N 8   
ALA HA   H N N 9   
ALA HB1  H N N 10  
ALA HB2  H N N 11  
ALA HB3  H N N 12  
ALA HXT  H N N 13  
ARG N    N N N 14  
ARG CA   C N S 15  
ARG C    C N N 16  
ARG O    O N N 17  
ARG CB   C N N 18  
ARG CG   C N N 19  
ARG CD   C N N 20  
ARG NE   N N N 21  
ARG CZ   C N N 22  
ARG NH1  N N N 23  
ARG NH2  N N N 24  
ARG OXT  O N N 25  
ARG H    H N N 26  
ARG H2   H N N 27  
ARG HA   H N N 28  
ARG HB2  H N N 29  
ARG HB3  H N N 30  
ARG HG2  H N N 31  
ARG HG3  H N N 32  
ARG HD2  H N N 33  
ARG HD3  H N N 34  
ARG HE   H N N 35  
ARG HH11 H N N 36  
ARG HH12 H N N 37  
ARG HH21 H N N 38  
ARG HH22 H N N 39  
ARG HXT  H N N 40  
ASN N    N N N 41  
ASN CA   C N S 42  
ASN C    C N N 43  
ASN O    O N N 44  
ASN CB   C N N 45  
ASN CG   C N N 46  
ASN OD1  O N N 47  
ASN ND2  N N N 48  
ASN OXT  O N N 49  
ASN H    H N N 50  
ASN H2   H N N 51  
ASN HA   H N N 52  
ASN HB2  H N N 53  
ASN HB3  H N N 54  
ASN HD21 H N N 55  
ASN HD22 H N N 56  
ASN HXT  H N N 57  
ASP N    N N N 58  
ASP CA   C N S 59  
ASP C    C N N 60  
ASP O    O N N 61  
ASP CB   C N N 62  
ASP CG   C N N 63  
ASP OD1  O N N 64  
ASP OD2  O N N 65  
ASP OXT  O N N 66  
ASP H    H N N 67  
ASP H2   H N N 68  
ASP HA   H N N 69  
ASP HB2  H N N 70  
ASP HB3  H N N 71  
ASP HD2  H N N 72  
ASP HXT  H N N 73  
CYS N    N N N 74  
CYS CA   C N R 75  
CYS C    C N N 76  
CYS O    O N N 77  
CYS CB   C N N 78  
CYS SG   S N N 79  
CYS OXT  O N N 80  
CYS H    H N N 81  
CYS H2   H N N 82  
CYS HA   H N N 83  
CYS HB2  H N N 84  
CYS HB3  H N N 85  
CYS HG   H N N 86  
CYS HXT  H N N 87  
EN2 C01  C N N 88  
EN2 C03  C N N 89  
EN2 C04  C N N 90  
EN2 C05  C N N 91  
EN2 C06  C N N 92  
EN2 C07  C N N 93  
EN2 C09  C N N 94  
EN2 C12  C N N 95  
EN2 C13  C N N 96  
EN2 C14  C N N 97  
EN2 C16  C N N 98  
EN2 C18  C Y N 99  
EN2 C19  C Y N 100 
EN2 C20  C Y N 101 
EN2 C21  C Y N 102 
EN2 C23  C Y N 103 
EN2 C24  C Y N 104 
EN2 F22  F N N 105 
EN2 N02  N N N 106 
EN2 N11  N N N 107 
EN2 N15  N N N 108 
EN2 O08  O N N 109 
EN2 O10  O N N 110 
EN2 O17  O N N 111 
EN2 H1   H N N 112 
EN2 H2   H N N 113 
EN2 H3   H N N 114 
EN2 H4   H N N 115 
EN2 H5   H N N 116 
EN2 H6   H N N 117 
EN2 H7   H N N 118 
EN2 H8   H N N 119 
EN2 H9   H N N 120 
EN2 H10  H N N 121 
EN2 H11  H N N 122 
EN2 H12  H N N 123 
EN2 H13  H N N 124 
EN2 H14  H N N 125 
EN2 H15  H N N 126 
EN2 H16  H N N 127 
EN2 H17  H N N 128 
EN2 H18  H N N 129 
GLN N    N N N 130 
GLN CA   C N S 131 
GLN C    C N N 132 
GLN O    O N N 133 
GLN CB   C N N 134 
GLN CG   C N N 135 
GLN CD   C N N 136 
GLN OE1  O N N 137 
GLN NE2  N N N 138 
GLN OXT  O N N 139 
GLN H    H N N 140 
GLN H2   H N N 141 
GLN HA   H N N 142 
GLN HB2  H N N 143 
GLN HB3  H N N 144 
GLN HG2  H N N 145 
GLN HG3  H N N 146 
GLN HE21 H N N 147 
GLN HE22 H N N 148 
GLN HXT  H N N 149 
GLU N    N N N 150 
GLU CA   C N S 151 
GLU C    C N N 152 
GLU O    O N N 153 
GLU CB   C N N 154 
GLU CG   C N N 155 
GLU CD   C N N 156 
GLU OE1  O N N 157 
GLU OE2  O N N 158 
GLU OXT  O N N 159 
GLU H    H N N 160 
GLU H2   H N N 161 
GLU HA   H N N 162 
GLU HB2  H N N 163 
GLU HB3  H N N 164 
GLU HG2  H N N 165 
GLU HG3  H N N 166 
GLU HE2  H N N 167 
GLU HXT  H N N 168 
GLY N    N N N 169 
GLY CA   C N N 170 
GLY C    C N N 171 
GLY O    O N N 172 
GLY OXT  O N N 173 
GLY H    H N N 174 
GLY H2   H N N 175 
GLY HA2  H N N 176 
GLY HA3  H N N 177 
GLY HXT  H N N 178 
HIS N    N N N 179 
HIS CA   C N S 180 
HIS C    C N N 181 
HIS O    O N N 182 
HIS CB   C N N 183 
HIS CG   C Y N 184 
HIS ND1  N Y N 185 
HIS CD2  C Y N 186 
HIS CE1  C Y N 187 
HIS NE2  N Y N 188 
HIS OXT  O N N 189 
HIS H    H N N 190 
HIS H2   H N N 191 
HIS HA   H N N 192 
HIS HB2  H N N 193 
HIS HB3  H N N 194 
HIS HD1  H N N 195 
HIS HD2  H N N 196 
HIS HE1  H N N 197 
HIS HE2  H N N 198 
HIS HXT  H N N 199 
HOH O    O N N 200 
HOH H1   H N N 201 
HOH H2   H N N 202 
ILE N    N N N 203 
ILE CA   C N S 204 
ILE C    C N N 205 
ILE O    O N N 206 
ILE CB   C N S 207 
ILE CG1  C N N 208 
ILE CG2  C N N 209 
ILE CD1  C N N 210 
ILE OXT  O N N 211 
ILE H    H N N 212 
ILE H2   H N N 213 
ILE HA   H N N 214 
ILE HB   H N N 215 
ILE HG12 H N N 216 
ILE HG13 H N N 217 
ILE HG21 H N N 218 
ILE HG22 H N N 219 
ILE HG23 H N N 220 
ILE HD11 H N N 221 
ILE HD12 H N N 222 
ILE HD13 H N N 223 
ILE HXT  H N N 224 
LEU N    N N N 225 
LEU CA   C N S 226 
LEU C    C N N 227 
LEU O    O N N 228 
LEU CB   C N N 229 
LEU CG   C N N 230 
LEU CD1  C N N 231 
LEU CD2  C N N 232 
LEU OXT  O N N 233 
LEU H    H N N 234 
LEU H2   H N N 235 
LEU HA   H N N 236 
LEU HB2  H N N 237 
LEU HB3  H N N 238 
LEU HG   H N N 239 
LEU HD11 H N N 240 
LEU HD12 H N N 241 
LEU HD13 H N N 242 
LEU HD21 H N N 243 
LEU HD22 H N N 244 
LEU HD23 H N N 245 
LEU HXT  H N N 246 
LYS N    N N N 247 
LYS CA   C N S 248 
LYS C    C N N 249 
LYS O    O N N 250 
LYS CB   C N N 251 
LYS CG   C N N 252 
LYS CD   C N N 253 
LYS CE   C N N 254 
LYS NZ   N N N 255 
LYS OXT  O N N 256 
LYS H    H N N 257 
LYS H2   H N N 258 
LYS HA   H N N 259 
LYS HB2  H N N 260 
LYS HB3  H N N 261 
LYS HG2  H N N 262 
LYS HG3  H N N 263 
LYS HD2  H N N 264 
LYS HD3  H N N 265 
LYS HE2  H N N 266 
LYS HE3  H N N 267 
LYS HZ1  H N N 268 
LYS HZ2  H N N 269 
LYS HZ3  H N N 270 
LYS HXT  H N N 271 
MET N    N N N 272 
MET CA   C N S 273 
MET C    C N N 274 
MET O    O N N 275 
MET CB   C N N 276 
MET CG   C N N 277 
MET SD   S N N 278 
MET CE   C N N 279 
MET OXT  O N N 280 
MET H    H N N 281 
MET H2   H N N 282 
MET HA   H N N 283 
MET HB2  H N N 284 
MET HB3  H N N 285 
MET HG2  H N N 286 
MET HG3  H N N 287 
MET HE1  H N N 288 
MET HE2  H N N 289 
MET HE3  H N N 290 
MET HXT  H N N 291 
PHE N    N N N 292 
PHE CA   C N S 293 
PHE C    C N N 294 
PHE O    O N N 295 
PHE CB   C N N 296 
PHE CG   C Y N 297 
PHE CD1  C Y N 298 
PHE CD2  C Y N 299 
PHE CE1  C Y N 300 
PHE CE2  C Y N 301 
PHE CZ   C Y N 302 
PHE OXT  O N N 303 
PHE H    H N N 304 
PHE H2   H N N 305 
PHE HA   H N N 306 
PHE HB2  H N N 307 
PHE HB3  H N N 308 
PHE HD1  H N N 309 
PHE HD2  H N N 310 
PHE HE1  H N N 311 
PHE HE2  H N N 312 
PHE HZ   H N N 313 
PHE HXT  H N N 314 
PRO N    N N N 315 
PRO CA   C N S 316 
PRO C    C N N 317 
PRO O    O N N 318 
PRO CB   C N N 319 
PRO CG   C N N 320 
PRO CD   C N N 321 
PRO OXT  O N N 322 
PRO H    H N N 323 
PRO HA   H N N 324 
PRO HB2  H N N 325 
PRO HB3  H N N 326 
PRO HG2  H N N 327 
PRO HG3  H N N 328 
PRO HD2  H N N 329 
PRO HD3  H N N 330 
PRO HXT  H N N 331 
SER N    N N N 332 
SER CA   C N S 333 
SER C    C N N 334 
SER O    O N N 335 
SER CB   C N N 336 
SER OG   O N N 337 
SER OXT  O N N 338 
SER H    H N N 339 
SER H2   H N N 340 
SER HA   H N N 341 
SER HB2  H N N 342 
SER HB3  H N N 343 
SER HG   H N N 344 
SER HXT  H N N 345 
THR N    N N N 346 
THR CA   C N S 347 
THR C    C N N 348 
THR O    O N N 349 
THR CB   C N R 350 
THR OG1  O N N 351 
THR CG2  C N N 352 
THR OXT  O N N 353 
THR H    H N N 354 
THR H2   H N N 355 
THR HA   H N N 356 
THR HB   H N N 357 
THR HG1  H N N 358 
THR HG21 H N N 359 
THR HG22 H N N 360 
THR HG23 H N N 361 
THR HXT  H N N 362 
TRP N    N N N 363 
TRP CA   C N S 364 
TRP C    C N N 365 
TRP O    O N N 366 
TRP CB   C N N 367 
TRP CG   C Y N 368 
TRP CD1  C Y N 369 
TRP CD2  C Y N 370 
TRP NE1  N Y N 371 
TRP CE2  C Y N 372 
TRP CE3  C Y N 373 
TRP CZ2  C Y N 374 
TRP CZ3  C Y N 375 
TRP CH2  C Y N 376 
TRP OXT  O N N 377 
TRP H    H N N 378 
TRP H2   H N N 379 
TRP HA   H N N 380 
TRP HB2  H N N 381 
TRP HB3  H N N 382 
TRP HD1  H N N 383 
TRP HE1  H N N 384 
TRP HE3  H N N 385 
TRP HZ2  H N N 386 
TRP HZ3  H N N 387 
TRP HH2  H N N 388 
TRP HXT  H N N 389 
TYR N    N N N 390 
TYR CA   C N S 391 
TYR C    C N N 392 
TYR O    O N N 393 
TYR CB   C N N 394 
TYR CG   C Y N 395 
TYR CD1  C Y N 396 
TYR CD2  C Y N 397 
TYR CE1  C Y N 398 
TYR CE2  C Y N 399 
TYR CZ   C Y N 400 
TYR OH   O N N 401 
TYR OXT  O N N 402 
TYR H    H N N 403 
TYR H2   H N N 404 
TYR HA   H N N 405 
TYR HB2  H N N 406 
TYR HB3  H N N 407 
TYR HD1  H N N 408 
TYR HD2  H N N 409 
TYR HE1  H N N 410 
TYR HE2  H N N 411 
TYR HH   H N N 412 
TYR HXT  H N N 413 
VAL N    N N N 414 
VAL CA   C N S 415 
VAL C    C N N 416 
VAL O    O N N 417 
VAL CB   C N N 418 
VAL CG1  C N N 419 
VAL CG2  C N N 420 
VAL OXT  O N N 421 
VAL H    H N N 422 
VAL H2   H N N 423 
VAL HA   H N N 424 
VAL HB   H N N 425 
VAL HG11 H N N 426 
VAL HG12 H N N 427 
VAL HG13 H N N 428 
VAL HG21 H N N 429 
VAL HG22 H N N 430 
VAL HG23 H N N 431 
VAL HXT  H N N 432 
# 
loop_
_chem_comp_bond.comp_id 
_chem_comp_bond.atom_id_1 
_chem_comp_bond.atom_id_2 
_chem_comp_bond.value_order 
_chem_comp_bond.pdbx_aromatic_flag 
_chem_comp_bond.pdbx_stereo_config 
_chem_comp_bond.pdbx_ordinal 
ALA N   CA   sing N N 1   
ALA N   H    sing N N 2   
ALA N   H2   sing N N 3   
ALA CA  C    sing N N 4   
ALA CA  CB   sing N N 5   
ALA CA  HA   sing N N 6   
ALA C   O    doub N N 7   
ALA C   OXT  sing N N 8   
ALA CB  HB1  sing N N 9   
ALA CB  HB2  sing N N 10  
ALA CB  HB3  sing N N 11  
ALA OXT HXT  sing N N 12  
ARG N   CA   sing N N 13  
ARG N   H    sing N N 14  
ARG N   H2   sing N N 15  
ARG CA  C    sing N N 16  
ARG CA  CB   sing N N 17  
ARG CA  HA   sing N N 18  
ARG C   O    doub N N 19  
ARG C   OXT  sing N N 20  
ARG CB  CG   sing N N 21  
ARG CB  HB2  sing N N 22  
ARG CB  HB3  sing N N 23  
ARG CG  CD   sing N N 24  
ARG CG  HG2  sing N N 25  
ARG CG  HG3  sing N N 26  
ARG CD  NE   sing N N 27  
ARG CD  HD2  sing N N 28  
ARG CD  HD3  sing N N 29  
ARG NE  CZ   sing N N 30  
ARG NE  HE   sing N N 31  
ARG CZ  NH1  sing N N 32  
ARG CZ  NH2  doub N N 33  
ARG NH1 HH11 sing N N 34  
ARG NH1 HH12 sing N N 35  
ARG NH2 HH21 sing N N 36  
ARG NH2 HH22 sing N N 37  
ARG OXT HXT  sing N N 38  
ASN N   CA   sing N N 39  
ASN N   H    sing N N 40  
ASN N   H2   sing N N 41  
ASN CA  C    sing N N 42  
ASN CA  CB   sing N N 43  
ASN CA  HA   sing N N 44  
ASN C   O    doub N N 45  
ASN C   OXT  sing N N 46  
ASN CB  CG   sing N N 47  
ASN CB  HB2  sing N N 48  
ASN CB  HB3  sing N N 49  
ASN CG  OD1  doub N N 50  
ASN CG  ND2  sing N N 51  
ASN ND2 HD21 sing N N 52  
ASN ND2 HD22 sing N N 53  
ASN OXT HXT  sing N N 54  
ASP N   CA   sing N N 55  
ASP N   H    sing N N 56  
ASP N   H2   sing N N 57  
ASP CA  C    sing N N 58  
ASP CA  CB   sing N N 59  
ASP CA  HA   sing N N 60  
ASP C   O    doub N N 61  
ASP C   OXT  sing N N 62  
ASP CB  CG   sing N N 63  
ASP CB  HB2  sing N N 64  
ASP CB  HB3  sing N N 65  
ASP CG  OD1  doub N N 66  
ASP CG  OD2  sing N N 67  
ASP OD2 HD2  sing N N 68  
ASP OXT HXT  sing N N 69  
CYS N   CA   sing N N 70  
CYS N   H    sing N N 71  
CYS N   H2   sing N N 72  
CYS CA  C    sing N N 73  
CYS CA  CB   sing N N 74  
CYS CA  HA   sing N N 75  
CYS C   O    doub N N 76  
CYS C   OXT  sing N N 77  
CYS CB  SG   sing N N 78  
CYS CB  HB2  sing N N 79  
CYS CB  HB3  sing N N 80  
CYS SG  HG   sing N N 81  
CYS OXT HXT  sing N N 82  
EN2 F22 C21  sing N N 83  
EN2 C20 C21  doub Y N 84  
EN2 C20 C19  sing Y N 85  
EN2 C21 C23  sing Y N 86  
EN2 C19 C18  doub Y N 87  
EN2 C23 C24  doub Y N 88  
EN2 C18 C24  sing Y N 89  
EN2 C18 C16  sing N N 90  
EN2 C16 O17  doub N N 91  
EN2 C16 N15  sing N N 92  
EN2 C14 N15  sing N N 93  
EN2 C14 C13  sing N N 94  
EN2 C06 C05  doub N N 95  
EN2 C06 C07  sing N N 96  
EN2 C05 C04  sing N N 97  
EN2 O08 C07  doub N N 98  
EN2 C13 C12  sing N N 99  
EN2 C07 N02  sing N N 100 
EN2 N11 C12  sing N N 101 
EN2 N11 C09  sing N N 102 
EN2 C04 C09  sing N N 103 
EN2 C04 C03  doub N N 104 
EN2 N02 C03  sing N N 105 
EN2 N02 C01  sing N N 106 
EN2 C09 O10  doub N N 107 
EN2 C01 H1   sing N N 108 
EN2 C01 H2   sing N N 109 
EN2 C01 H3   sing N N 110 
EN2 C03 H4   sing N N 111 
EN2 C05 H5   sing N N 112 
EN2 C06 H6   sing N N 113 
EN2 C12 H7   sing N N 114 
EN2 C12 H8   sing N N 115 
EN2 C13 H9   sing N N 116 
EN2 C13 H10  sing N N 117 
EN2 C14 H11  sing N N 118 
EN2 C14 H12  sing N N 119 
EN2 C19 H13  sing N N 120 
EN2 C20 H14  sing N N 121 
EN2 C23 H15  sing N N 122 
EN2 C24 H16  sing N N 123 
EN2 N11 H17  sing N N 124 
EN2 N15 H18  sing N N 125 
GLN N   CA   sing N N 126 
GLN N   H    sing N N 127 
GLN N   H2   sing N N 128 
GLN CA  C    sing N N 129 
GLN CA  CB   sing N N 130 
GLN CA  HA   sing N N 131 
GLN C   O    doub N N 132 
GLN C   OXT  sing N N 133 
GLN CB  CG   sing N N 134 
GLN CB  HB2  sing N N 135 
GLN CB  HB3  sing N N 136 
GLN CG  CD   sing N N 137 
GLN CG  HG2  sing N N 138 
GLN CG  HG3  sing N N 139 
GLN CD  OE1  doub N N 140 
GLN CD  NE2  sing N N 141 
GLN NE2 HE21 sing N N 142 
GLN NE2 HE22 sing N N 143 
GLN OXT HXT  sing N N 144 
GLU N   CA   sing N N 145 
GLU N   H    sing N N 146 
GLU N   H2   sing N N 147 
GLU CA  C    sing N N 148 
GLU CA  CB   sing N N 149 
GLU CA  HA   sing N N 150 
GLU C   O    doub N N 151 
GLU C   OXT  sing N N 152 
GLU CB  CG   sing N N 153 
GLU CB  HB2  sing N N 154 
GLU CB  HB3  sing N N 155 
GLU CG  CD   sing N N 156 
GLU CG  HG2  sing N N 157 
GLU CG  HG3  sing N N 158 
GLU CD  OE1  doub N N 159 
GLU CD  OE2  sing N N 160 
GLU OE2 HE2  sing N N 161 
GLU OXT HXT  sing N N 162 
GLY N   CA   sing N N 163 
GLY N   H    sing N N 164 
GLY N   H2   sing N N 165 
GLY CA  C    sing N N 166 
GLY CA  HA2  sing N N 167 
GLY CA  HA3  sing N N 168 
GLY C   O    doub N N 169 
GLY C   OXT  sing N N 170 
GLY OXT HXT  sing N N 171 
HIS N   CA   sing N N 172 
HIS N   H    sing N N 173 
HIS N   H2   sing N N 174 
HIS CA  C    sing N N 175 
HIS CA  CB   sing N N 176 
HIS CA  HA   sing N N 177 
HIS C   O    doub N N 178 
HIS C   OXT  sing N N 179 
HIS CB  CG   sing N N 180 
HIS CB  HB2  sing N N 181 
HIS CB  HB3  sing N N 182 
HIS CG  ND1  sing Y N 183 
HIS CG  CD2  doub Y N 184 
HIS ND1 CE1  doub Y N 185 
HIS ND1 HD1  sing N N 186 
HIS CD2 NE2  sing Y N 187 
HIS CD2 HD2  sing N N 188 
HIS CE1 NE2  sing Y N 189 
HIS CE1 HE1  sing N N 190 
HIS NE2 HE2  sing N N 191 
HIS OXT HXT  sing N N 192 
HOH O   H1   sing N N 193 
HOH O   H2   sing N N 194 
ILE N   CA   sing N N 195 
ILE N   H    sing N N 196 
ILE N   H2   sing N N 197 
ILE CA  C    sing N N 198 
ILE CA  CB   sing N N 199 
ILE CA  HA   sing N N 200 
ILE C   O    doub N N 201 
ILE C   OXT  sing N N 202 
ILE CB  CG1  sing N N 203 
ILE CB  CG2  sing N N 204 
ILE CB  HB   sing N N 205 
ILE CG1 CD1  sing N N 206 
ILE CG1 HG12 sing N N 207 
ILE CG1 HG13 sing N N 208 
ILE CG2 HG21 sing N N 209 
ILE CG2 HG22 sing N N 210 
ILE CG2 HG23 sing N N 211 
ILE CD1 HD11 sing N N 212 
ILE CD1 HD12 sing N N 213 
ILE CD1 HD13 sing N N 214 
ILE OXT HXT  sing N N 215 
LEU N   CA   sing N N 216 
LEU N   H    sing N N 217 
LEU N   H2   sing N N 218 
LEU CA  C    sing N N 219 
LEU CA  CB   sing N N 220 
LEU CA  HA   sing N N 221 
LEU C   O    doub N N 222 
LEU C   OXT  sing N N 223 
LEU CB  CG   sing N N 224 
LEU CB  HB2  sing N N 225 
LEU CB  HB3  sing N N 226 
LEU CG  CD1  sing N N 227 
LEU CG  CD2  sing N N 228 
LEU CG  HG   sing N N 229 
LEU CD1 HD11 sing N N 230 
LEU CD1 HD12 sing N N 231 
LEU CD1 HD13 sing N N 232 
LEU CD2 HD21 sing N N 233 
LEU CD2 HD22 sing N N 234 
LEU CD2 HD23 sing N N 235 
LEU OXT HXT  sing N N 236 
LYS N   CA   sing N N 237 
LYS N   H    sing N N 238 
LYS N   H2   sing N N 239 
LYS CA  C    sing N N 240 
LYS CA  CB   sing N N 241 
LYS CA  HA   sing N N 242 
LYS C   O    doub N N 243 
LYS C   OXT  sing N N 244 
LYS CB  CG   sing N N 245 
LYS CB  HB2  sing N N 246 
LYS CB  HB3  sing N N 247 
LYS CG  CD   sing N N 248 
LYS CG  HG2  sing N N 249 
LYS CG  HG3  sing N N 250 
LYS CD  CE   sing N N 251 
LYS CD  HD2  sing N N 252 
LYS CD  HD3  sing N N 253 
LYS CE  NZ   sing N N 254 
LYS CE  HE2  sing N N 255 
LYS CE  HE3  sing N N 256 
LYS NZ  HZ1  sing N N 257 
LYS NZ  HZ2  sing N N 258 
LYS NZ  HZ3  sing N N 259 
LYS OXT HXT  sing N N 260 
MET N   CA   sing N N 261 
MET N   H    sing N N 262 
MET N   H2   sing N N 263 
MET CA  C    sing N N 264 
MET CA  CB   sing N N 265 
MET CA  HA   sing N N 266 
MET C   O    doub N N 267 
MET C   OXT  sing N N 268 
MET CB  CG   sing N N 269 
MET CB  HB2  sing N N 270 
MET CB  HB3  sing N N 271 
MET CG  SD   sing N N 272 
MET CG  HG2  sing N N 273 
MET CG  HG3  sing N N 274 
MET SD  CE   sing N N 275 
MET CE  HE1  sing N N 276 
MET CE  HE2  sing N N 277 
MET CE  HE3  sing N N 278 
MET OXT HXT  sing N N 279 
PHE N   CA   sing N N 280 
PHE N   H    sing N N 281 
PHE N   H2   sing N N 282 
PHE CA  C    sing N N 283 
PHE CA  CB   sing N N 284 
PHE CA  HA   sing N N 285 
PHE C   O    doub N N 286 
PHE C   OXT  sing N N 287 
PHE CB  CG   sing N N 288 
PHE CB  HB2  sing N N 289 
PHE CB  HB3  sing N N 290 
PHE CG  CD1  doub Y N 291 
PHE CG  CD2  sing Y N 292 
PHE CD1 CE1  sing Y N 293 
PHE CD1 HD1  sing N N 294 
PHE CD2 CE2  doub Y N 295 
PHE CD2 HD2  sing N N 296 
PHE CE1 CZ   doub Y N 297 
PHE CE1 HE1  sing N N 298 
PHE CE2 CZ   sing Y N 299 
PHE CE2 HE2  sing N N 300 
PHE CZ  HZ   sing N N 301 
PHE OXT HXT  sing N N 302 
PRO N   CA   sing N N 303 
PRO N   CD   sing N N 304 
PRO N   H    sing N N 305 
PRO CA  C    sing N N 306 
PRO CA  CB   sing N N 307 
PRO CA  HA   sing N N 308 
PRO C   O    doub N N 309 
PRO C   OXT  sing N N 310 
PRO CB  CG   sing N N 311 
PRO CB  HB2  sing N N 312 
PRO CB  HB3  sing N N 313 
PRO CG  CD   sing N N 314 
PRO CG  HG2  sing N N 315 
PRO CG  HG3  sing N N 316 
PRO CD  HD2  sing N N 317 
PRO CD  HD3  sing N N 318 
PRO OXT HXT  sing N N 319 
SER N   CA   sing N N 320 
SER N   H    sing N N 321 
SER N   H2   sing N N 322 
SER CA  C    sing N N 323 
SER CA  CB   sing N N 324 
SER CA  HA   sing N N 325 
SER C   O    doub N N 326 
SER C   OXT  sing N N 327 
SER CB  OG   sing N N 328 
SER CB  HB2  sing N N 329 
SER CB  HB3  sing N N 330 
SER OG  HG   sing N N 331 
SER OXT HXT  sing N N 332 
THR N   CA   sing N N 333 
THR N   H    sing N N 334 
THR N   H2   sing N N 335 
THR CA  C    sing N N 336 
THR CA  CB   sing N N 337 
THR CA  HA   sing N N 338 
THR C   O    doub N N 339 
THR C   OXT  sing N N 340 
THR CB  OG1  sing N N 341 
THR CB  CG2  sing N N 342 
THR CB  HB   sing N N 343 
THR OG1 HG1  sing N N 344 
THR CG2 HG21 sing N N 345 
THR CG2 HG22 sing N N 346 
THR CG2 HG23 sing N N 347 
THR OXT HXT  sing N N 348 
TRP N   CA   sing N N 349 
TRP N   H    sing N N 350 
TRP N   H2   sing N N 351 
TRP CA  C    sing N N 352 
TRP CA  CB   sing N N 353 
TRP CA  HA   sing N N 354 
TRP C   O    doub N N 355 
TRP C   OXT  sing N N 356 
TRP CB  CG   sing N N 357 
TRP CB  HB2  sing N N 358 
TRP CB  HB3  sing N N 359 
TRP CG  CD1  doub Y N 360 
TRP CG  CD2  sing Y N 361 
TRP CD1 NE1  sing Y N 362 
TRP CD1 HD1  sing N N 363 
TRP CD2 CE2  doub Y N 364 
TRP CD2 CE3  sing Y N 365 
TRP NE1 CE2  sing Y N 366 
TRP NE1 HE1  sing N N 367 
TRP CE2 CZ2  sing Y N 368 
TRP CE3 CZ3  doub Y N 369 
TRP CE3 HE3  sing N N 370 
TRP CZ2 CH2  doub Y N 371 
TRP CZ2 HZ2  sing N N 372 
TRP CZ3 CH2  sing Y N 373 
TRP CZ3 HZ3  sing N N 374 
TRP CH2 HH2  sing N N 375 
TRP OXT HXT  sing N N 376 
TYR N   CA   sing N N 377 
TYR N   H    sing N N 378 
TYR N   H2   sing N N 379 
TYR CA  C    sing N N 380 
TYR CA  CB   sing N N 381 
TYR CA  HA   sing N N 382 
TYR C   O    doub N N 383 
TYR C   OXT  sing N N 384 
TYR CB  CG   sing N N 385 
TYR CB  HB2  sing N N 386 
TYR CB  HB3  sing N N 387 
TYR CG  CD1  doub Y N 388 
TYR CG  CD2  sing Y N 389 
TYR CD1 CE1  sing Y N 390 
TYR CD1 HD1  sing N N 391 
TYR CD2 CE2  doub Y N 392 
TYR CD2 HD2  sing N N 393 
TYR CE1 CZ   doub Y N 394 
TYR CE1 HE1  sing N N 395 
TYR CE2 CZ   sing Y N 396 
TYR CE2 HE2  sing N N 397 
TYR CZ  OH   sing N N 398 
TYR OH  HH   sing N N 399 
TYR OXT HXT  sing N N 400 
VAL N   CA   sing N N 401 
VAL N   H    sing N N 402 
VAL N   H2   sing N N 403 
VAL CA  C    sing N N 404 
VAL CA  CB   sing N N 405 
VAL CA  HA   sing N N 406 
VAL C   O    doub N N 407 
VAL C   OXT  sing N N 408 
VAL CB  CG1  sing N N 409 
VAL CB  CG2  sing N N 410 
VAL CB  HB   sing N N 411 
VAL CG1 HG11 sing N N 412 
VAL CG1 HG12 sing N N 413 
VAL CG1 HG13 sing N N 414 
VAL CG2 HG21 sing N N 415 
VAL CG2 HG22 sing N N 416 
VAL CG2 HG23 sing N N 417 
VAL OXT HXT  sing N N 418 
# 
_pdbx_audit_support.funding_organization   'Swiss National Science Foundation' 
_pdbx_audit_support.country                Switzerland 
_pdbx_audit_support.grant_number           31003A_169007 
_pdbx_audit_support.ordinal                1 
# 
_pdbx_initial_refinement_model.id               1 
_pdbx_initial_refinement_model.entity_id_list   ? 
_pdbx_initial_refinement_model.type             'experimental model' 
_pdbx_initial_refinement_model.source_name      PDB 
_pdbx_initial_refinement_model.accession_code   4IR5 
_pdbx_initial_refinement_model.details          ? 
# 
_atom_sites.entry_id                    6FH7 
_atom_sites.fract_transf_matrix[1][1]   -0.00302572 
_atom_sites.fract_transf_matrix[1][2]   0.01216726 
_atom_sites.fract_transf_matrix[1][3]   -0.00087033 
_atom_sites.fract_transf_matrix[2][1]   0.00964703 
_atom_sites.fract_transf_matrix[2][2]   0.00217479 
_atom_sites.fract_transf_matrix[2][3]   -0.00313448 
_atom_sites.fract_transf_matrix[3][1]   -0.00479709 
_atom_sites.fract_transf_matrix[3][2]   -0.00236646 
_atom_sites.fract_transf_matrix[3][3]   -0.01640601 
_atom_sites.fract_transf_vector[1]      -0.212733 
_atom_sites.fract_transf_vector[2]      -0.209864 
_atom_sites.fract_transf_vector[3]      -0.036556 
# 
loop_
_atom_type.symbol 
C 
F 
N 
O 
S 
# 
loop_
_atom_site.group_PDB 
_atom_site.id 
_atom_site.type_symbol 
_atom_site.label_atom_id 
_atom_site.label_alt_id 
_atom_site.label_comp_id 
_atom_site.label_asym_id 
_atom_site.label_entity_id 
_atom_site.label_seq_id 
_atom_site.pdbx_PDB_ins_code 
_atom_site.Cartn_x 
_atom_site.Cartn_y 
_atom_site.Cartn_z 
_atom_site.occupancy 
_atom_site.B_iso_or_equiv 
_atom_site.pdbx_formal_charge 
_atom_site.auth_seq_id 
_atom_site.auth_comp_id 
_atom_site.auth_asym_id 
_atom_site.auth_atom_id 
_atom_site.pdbx_PDB_model_num 
ATOM   1    N N   . SER A 1 1   ? -12.533 25.892  10.318  1.00 30.62  ? 1856 SER A N   1 
ATOM   2    C CA  . SER A 1 1   ? -11.696 26.611  11.271  1.00 31.97  ? 1856 SER A CA  1 
ATOM   3    C C   . SER A 1 1   ? -12.271 26.475  12.680  1.00 31.61  ? 1856 SER A C   1 
ATOM   4    O O   . SER A 1 1   ? -13.230 25.740  12.883  1.00 33.41  ? 1856 SER A O   1 
ATOM   5    C CB  . SER A 1 1   ? -11.582 28.082  10.874  1.00 28.43  ? 1856 SER A CB  1 
ATOM   6    O OG  . SER A 1 1   ? -12.858 28.709  10.925  1.00 28.74  ? 1856 SER A OG  1 
ATOM   7    N N   . MET A 1 2   ? -11.693 27.197  13.642  1.00 31.79  ? 1857 MET A N   1 
ATOM   8    C CA  . MET A 1 2   ? -12.129 27.109  15.033  1.00 28.71  ? 1857 MET A CA  1 
ATOM   9    C C   . MET A 1 2   ? -13.637 27.324  15.153  1.00 30.67  ? 1857 MET A C   1 
ATOM   10   O O   . MET A 1 2   ? -14.179 28.318  14.656  1.00 33.39  ? 1857 MET A O   1 
ATOM   11   C CB  . MET A 1 2   ? -11.372 28.143  15.872  1.00 28.69  ? 1857 MET A CB  1 
ATOM   12   C CG  . MET A 1 2   ? -11.292 27.832  17.359  1.00 29.98  ? 1857 MET A CG  1 
ATOM   13   S SD  . MET A 1 2   ? -10.561 29.168  18.376  1.00 33.07  ? 1857 MET A SD  1 
ATOM   14   C CE  . MET A 1 2   ? -9.126  29.589  17.435  1.00 29.33  ? 1857 MET A CE  1 
ATOM   15   N N   . SER A 1 3   ? -14.317 26.373  15.801  1.00 31.15  ? 1858 SER A N   1 
ATOM   16   C CA  . SER A 1 3   ? -15.772 26.377  15.976  1.00 32.22  ? 1858 SER A CA  1 
ATOM   17   C C   . SER A 1 3   ? -16.544 26.409  14.651  1.00 36.09  ? 1858 SER A C   1 
ATOM   18   O O   . SER A 1 3   ? -17.702 26.850  14.615  1.00 39.06  ? 1858 SER A O   1 
ATOM   19   C CB  . SER A 1 3   ? -16.222 27.546  16.858  1.00 37.09  ? 1858 SER A CB  1 
ATOM   20   O OG  . SER A 1 3   ? -15.485 27.574  18.066  1.00 36.58  ? 1858 SER A OG  1 
ATOM   21   N N   . VAL A 1 4   ? -15.939 25.973  13.548  1.00 35.66  ? 1859 VAL A N   1 
ATOM   22   C CA  . VAL A 1 4   ? -16.633 25.828  12.263  1.00 37.72  ? 1859 VAL A CA  1 
ATOM   23   C C   . VAL A 1 4   ? -16.299 24.430  11.771  1.00 40.18  ? 1859 VAL A C   1 
ATOM   24   O O   . VAL A 1 4   ? -15.280 24.214  11.102  1.00 38.77  ? 1859 VAL A O   1 
ATOM   25   C CB  . VAL A 1 4   ? -16.226 26.896  11.238  1.00 35.82  ? 1859 VAL A CB  1 
ATOM   26   C CG1 . VAL A 1 4   ? -16.824 26.593  9.862   1.00 33.61  ? 1859 VAL A CG1 1 
ATOM   27   C CG2 . VAL A 1 4   ? -16.683 28.255  11.697  1.00 35.92  ? 1859 VAL A CG2 1 
ATOM   28   N N   . LYS A 1 5   ? -17.143 23.454  12.114  1.00 49.85  ? 1860 LYS A N   1 
ATOM   29   C CA  . LYS A 1 5   ? -16.853 22.054  11.834  1.00 54.00  ? 1860 LYS A CA  1 
ATOM   30   C C   . LYS A 1 5   ? -17.510 21.629  10.526  1.00 51.63  ? 1860 LYS A C   1 
ATOM   31   O O   . LYS A 1 5   ? -18.577 22.121  10.144  1.00 47.26  ? 1860 LYS A O   1 
ATOM   32   C CB  . LYS A 1 5   ? -17.306 21.149  12.996  1.00 56.65  ? 1860 LYS A CB  1 
ATOM   33   C CG  . LYS A 1 5   ? -18.815 20.906  13.131  1.00 64.26  ? 1860 LYS A CG  1 
ATOM   34   C CD  . LYS A 1 5   ? -19.234 20.557  14.568  1.00 67.72  ? 1860 LYS A CD  1 
ATOM   35   C CE  . LYS A 1 5   ? -20.698 20.941  14.849  1.00 65.80  ? 1860 LYS A CE  1 
ATOM   36   N NZ  . LYS A 1 5   ? -20.840 22.349  15.352  1.00 63.55  ? 1860 LYS A NZ  1 
ATOM   37   N N   . LYS A 1 6   ? -16.850 20.736  9.831   1.00 53.79  ? 1861 LYS A N   1 
ATOM   38   C CA  . LYS A 1 6   ? -17.365 20.280  8.559   1.00 56.34  ? 1861 LYS A CA  1 
ATOM   39   C C   . LYS A 1 6   ? -18.218 19.041  8.736   1.00 61.28  ? 1861 LYS A C   1 
ATOM   40   O O   . LYS A 1 6   ? -18.069 18.296  9.711   1.00 63.59  ? 1861 LYS A O   1 
ATOM   41   C CB  . LYS A 1 6   ? -16.219 19.962  7.597   1.00 54.88  ? 1861 LYS A CB  1 
ATOM   42   C CG  . LYS A 1 6   ? -15.142 21.009  7.534   1.00 52.39  ? 1861 LYS A CG  1 
ATOM   43   C CD  . LYS A 1 6   ? -14.585 21.113  6.123   1.00 59.84  ? 1861 LYS A CD  1 
ATOM   44   C CE  . LYS A 1 6   ? -13.947 19.818  5.629   1.00 66.73  ? 1861 LYS A CE  1 
ATOM   45   N NZ  . LYS A 1 6   ? -13.613 19.887  4.167   1.00 68.82  ? 1861 LYS A NZ  1 
ATOM   46   N N   . PRO A 1 7   ? -19.137 18.791  7.807   1.00 63.81  ? 1862 PRO A N   1 
ATOM   47   C CA  . PRO A 1 7   ? -19.711 17.448  7.704   1.00 66.10  ? 1862 PRO A CA  1 
ATOM   48   C C   . PRO A 1 7   ? -18.581 16.461  7.476   1.00 64.83  ? 1862 PRO A C   1 
ATOM   49   O O   . PRO A 1 7   ? -17.776 16.618  6.555   1.00 60.76  ? 1862 PRO A O   1 
ATOM   50   C CB  . PRO A 1 7   ? -20.646 17.552  6.494   1.00 67.77  ? 1862 PRO A CB  1 
ATOM   51   C CG  . PRO A 1 7   ? -20.951 19.010  6.375   1.00 71.50  ? 1862 PRO A CG  1 
ATOM   52   C CD  . PRO A 1 7   ? -19.693 19.709  6.801   1.00 59.58  ? 1862 PRO A CD  1 
ATOM   53   N N   . LYS A 1 8   ? -18.493 15.467  8.354   1.00 76.53  ? 1863 LYS A N   1 
ATOM   54   C CA  . LYS A 1 8   ? -17.417 14.490  8.324   1.00 70.44  ? 1863 LYS A CA  1 
ATOM   55   C C   . LYS A 1 8   ? -17.936 13.129  7.874   1.00 70.12  ? 1863 LYS A C   1 
ATOM   56   O O   . LYS A 1 8   ? -19.105 12.788  8.084   1.00 67.14  ? 1863 LYS A O   1 
ATOM   57   C CB  . LYS A 1 8   ? -16.741 14.365  9.701   1.00 70.10  ? 1863 LYS A CB  1 
ATOM   58   C CG  . LYS A 1 8   ? -16.063 15.652  10.220  1.00 75.69  ? 1863 LYS A CG  1 
ATOM   59   C CD  . LYS A 1 8   ? -14.827 16.056  9.403   1.00 75.37  ? 1863 LYS A CD  1 
ATOM   60   C CE  . LYS A 1 8   ? -14.170 17.331  9.930   1.00 76.13  ? 1863 LYS A CE  1 
ATOM   61   N NZ  . LYS A 1 8   ? -13.604 17.148  11.311  1.00 76.48  ? 1863 LYS A NZ  1 
ATOM   62   N N   . ARG A 1 9   ? -17.044 12.355  7.259   1.00 68.37  ? 1864 ARG A N   1 
ATOM   63   C CA  . ARG A 1 9   ? -17.324 10.964  6.927   1.00 62.83  ? 1864 ARG A CA  1 
ATOM   64   C C   . ARG A 1 9   ? -17.569 10.144  8.192   1.00 60.47  ? 1864 ARG A C   1 
ATOM   65   O O   . ARG A 1 9   ? -17.135 10.502  9.292   1.00 60.89  ? 1864 ARG A O   1 
ATOM   66   C CB  . ARG A 1 9   ? -16.147 10.359  6.163   1.00 60.95  ? 1864 ARG A CB  1 
ATOM   67   C CG  . ARG A 1 9   ? -16.445 9.881   4.769   1.00 57.46  ? 1864 ARG A CG  1 
ATOM   68   C CD  . ARG A 1 9   ? -15.180 9.325   4.127   1.00 57.51  ? 1864 ARG A CD  1 
ATOM   69   N NE  . ARG A 1 9   ? -15.162 7.865   4.161   1.00 57.01  ? 1864 ARG A NE  1 
ATOM   70   C CZ  . ARG A 1 9   ? -14.738 7.136   5.190   1.00 52.31  ? 1864 ARG A CZ  1 
ATOM   71   N NH1 . ARG A 1 9   ? -14.767 5.814   5.119   1.00 56.87  ? 1864 ARG A NH1 1 
ATOM   72   N NH2 . ARG A 1 9   ? -14.285 7.723   6.292   1.00 56.52  ? 1864 ARG A NH2 1 
ATOM   73   N N   . ASP A 1 10  ? -18.272 9.023   8.026   1.00 59.21  ? 1865 ASP A N   1 
ATOM   74   C CA  . ASP A 1 10  ? -18.333 8.000   9.065   1.00 56.63  ? 1865 ASP A CA  1 
ATOM   75   C C   . ASP A 1 10  ? -17.144 7.064   8.861   1.00 57.30  ? 1865 ASP A C   1 
ATOM   76   O O   . ASP A 1 10  ? -17.134 6.263   7.921   1.00 55.53  ? 1865 ASP A O   1 
ATOM   77   C CB  . ASP A 1 10  ? -19.651 7.238   9.019   1.00 53.24  ? 1865 ASP A CB  1 
ATOM   78   C CG  . ASP A 1 10  ? -19.741 6.171   10.101  1.00 60.93  ? 1865 ASP A CG  1 
ATOM   79   O OD1 . ASP A 1 10  ? -18.836 6.117   10.962  1.00 56.80  ? 1865 ASP A OD1 1 
ATOM   80   O OD2 . ASP A 1 10  ? -20.714 5.382   10.091  1.00 61.12  ? 1865 ASP A OD2 1 
ATOM   81   N N   . ASP A 1 11  ? -16.144 7.164   9.738   1.00 48.15  ? 1866 ASP A N   1 
ATOM   82   C CA  . ASP A 1 11  ? -14.894 6.434   9.582   1.00 49.57  ? 1866 ASP A CA  1 
ATOM   83   C C   . ASP A 1 11  ? -14.828 5.175   10.445  1.00 45.79  ? 1866 ASP A C   1 
ATOM   84   O O   . ASP A 1 11  ? -13.777 4.527   10.511  1.00 43.95  ? 1866 ASP A O   1 
ATOM   85   C CB  . ASP A 1 11  ? -13.708 7.353   9.891   1.00 50.36  ? 1866 ASP A CB  1 
ATOM   86   C CG  . ASP A 1 11  ? -13.761 7.932   11.301  1.00 54.91  ? 1866 ASP A CG  1 
ATOM   87   O OD1 . ASP A 1 11  ? -14.629 7.513   12.096  1.00 52.58  ? 1866 ASP A OD1 1 
ATOM   88   O OD2 . ASP A 1 11  ? -12.929 8.815   11.612  1.00 60.16  ? 1866 ASP A OD2 1 
ATOM   89   N N   . SER A 1 12  ? -15.928 4.809   11.094  1.00 42.74  ? 1867 SER A N   1 
ATOM   90   C CA  . SER A 1 12  ? -15.901 3.705   12.042  1.00 41.25  ? 1867 SER A CA  1 
ATOM   91   C C   . SER A 1 12  ? -15.609 2.363   11.384  1.00 39.72  ? 1867 SER A C   1 
ATOM   92   O O   . SER A 1 12  ? -15.137 1.453   12.072  1.00 40.25  ? 1867 SER A O   1 
ATOM   93   C CB  . SER A 1 12  ? -17.226 3.642   12.805  1.00 42.72  ? 1867 SER A CB  1 
ATOM   94   O OG  . SER A 1 12  ? -18.322 3.698   11.912  1.00 45.72  ? 1867 SER A OG  1 
ATOM   95   N N   . LYS A 1 13  ? -15.869 2.208   10.086  1.00 35.43  ? 1868 LYS A N   1 
ATOM   96   C CA  . LYS A 1 13  ? -15.574 0.950   9.412   1.00 36.97  ? 1868 LYS A CA  1 
ATOM   97   C C   . LYS A 1 13  ? -14.220 0.948   8.722   1.00 33.46  ? 1868 LYS A C   1 
ATOM   98   O O   . LYS A 1 13  ? -13.865 -0.059  8.107   1.00 30.20  ? 1868 LYS A O   1 
ATOM   99   C CB  . LYS A 1 13  ? -16.663 0.612   8.383   1.00 39.80  ? 1868 LYS A CB  1 
ATOM   100  C CG  . LYS A 1 13  ? -18.053 0.380   8.973   1.00 45.94  ? 1868 LYS A CG  1 
ATOM   101  C CD  . LYS A 1 13  ? -18.006 -0.693  10.041  1.00 49.41  ? 1868 LYS A CD  1 
ATOM   102  C CE  . LYS A 1 13  ? -19.236 -0.659  10.933  1.00 59.83  ? 1868 LYS A CE  1 
ATOM   103  N NZ  . LYS A 1 13  ? -19.086 -1.599  12.083  1.00 63.78  ? 1868 LYS A NZ  1 
ATOM   104  N N   . ASP A 1 14  ? -13.459 2.042   8.804   1.00 33.22  ? 1869 ASP A N   1 
ATOM   105  C CA  . ASP A 1 14  ? -12.276 2.186   7.958   1.00 35.88  ? 1869 ASP A CA  1 
ATOM   106  C C   . ASP A 1 14  ? -11.236 1.112   8.252   1.00 34.74  ? 1869 ASP A C   1 
ATOM   107  O O   . ASP A 1 14  ? -10.687 0.501   7.326   1.00 31.40  ? 1869 ASP A O   1 
ATOM   108  C CB  . ASP A 1 14  ? -11.672 3.581   8.112   1.00 34.15  ? 1869 ASP A CB  1 
ATOM   109  C CG  . ASP A 1 14  ? -12.497 4.649   7.414   1.00 41.83  ? 1869 ASP A CG  1 
ATOM   110  O OD1 . ASP A 1 14  ? -13.551 4.290   6.841   1.00 42.40  ? 1869 ASP A OD1 1 
ATOM   111  O OD2 . ASP A 1 14  ? -12.099 5.840   7.435   1.00 43.76  ? 1869 ASP A OD2 1 
ATOM   112  N N   . LEU A 1 15  ? -10.951 0.871   9.537   1.00 27.71  ? 1870 LEU A N   1 
ATOM   113  C CA  . LEU A 1 15  ? -9.944  -0.121  9.899   1.00 28.46  ? 1870 LEU A CA  1 
ATOM   114  C C   . LEU A 1 15  ? -10.280 -1.489  9.299   1.00 28.71  ? 1870 LEU A C   1 
ATOM   115  O O   . LEU A 1 15  ? -9.428  -2.134  8.680   1.00 29.63  ? 1870 LEU A O   1 
ATOM   116  C CB  . LEU A 1 15  ? -9.815  -0.193  11.425  1.00 29.00  ? 1870 LEU A CB  1 
ATOM   117  C CG  . LEU A 1 15  ? -8.714  -1.099  11.978  1.00 29.60  ? 1870 LEU A CG  1 
ATOM   118  C CD1 . LEU A 1 15  ? -7.348  -0.635  11.499  1.00 31.38  ? 1870 LEU A CD1 1 
ATOM   119  C CD2 . LEU A 1 15  ? -8.756  -1.129  13.490  1.00 26.91  ? 1870 LEU A CD2 1 
ATOM   120  N N   . ALA A 1 16  ? -11.537 -1.918  9.421   1.00 30.17  ? 1871 ALA A N   1 
ATOM   121  C CA  . ALA A 1 16  ? -11.951 -3.218  8.892   1.00 27.01  ? 1871 ALA A CA  1 
ATOM   122  C C   . ALA A 1 16  ? -11.892 -3.262  7.369   1.00 27.41  ? 1871 ALA A C   1 
ATOM   123  O O   . ALA A 1 16  ? -11.573 -4.305  6.786   1.00 28.42  ? 1871 ALA A O   1 
ATOM   124  C CB  . ALA A 1 16  ? -13.363 -3.544  9.372   1.00 26.45  ? 1871 ALA A CB  1 
ATOM   125  N N   . LEU A 1 17  ? -12.229 -2.155  6.703   1.00 29.00  ? 1872 LEU A N   1 
ATOM   126  C CA  . LEU A 1 17  ? -12.224 -2.149  5.241   1.00 30.27  ? 1872 LEU A CA  1 
ATOM   127  C C   . LEU A 1 17  ? -10.800 -2.123  4.695   1.00 28.98  ? 1872 LEU A C   1 
ATOM   128  O O   . LEU A 1 17  ? -10.499 -2.799  3.704   1.00 22.68  ? 1872 LEU A O   1 
ATOM   129  C CB  . LEU A 1 17  ? -13.037 -0.960  4.715   1.00 29.65  ? 1872 LEU A CB  1 
ATOM   130  C CG  . LEU A 1 17  ? -14.543 -1.063  5.013   1.00 32.54  ? 1872 LEU A CG  1 
ATOM   131  C CD1 . LEU A 1 17  ? -15.249 0.245   4.719   1.00 31.07  ? 1872 LEU A CD1 1 
ATOM   132  C CD2 . LEU A 1 17  ? -15.169 -2.211  4.211   1.00 25.43  ? 1872 LEU A CD2 1 
ATOM   133  N N   . CYS A 1 18  ? -9.909  -1.349  5.330   1.00 25.95  ? 1873 CYS A N   1 
ATOM   134  C CA  . CYS A 1 18  ? -8.506  -1.345  4.914   1.00 28.64  ? 1873 CYS A CA  1 
ATOM   135  C C   . CYS A 1 18  ? -7.871  -2.715  5.112   1.00 28.28  ? 1873 CYS A C   1 
ATOM   136  O O   . CYS A 1 18  ? -7.083  -3.169  4.275   1.00 26.66  ? 1873 CYS A O   1 
ATOM   137  C CB  . CYS A 1 18  ? -7.726  -0.283  5.685   1.00 26.87  ? 1873 CYS A CB  1 
ATOM   138  S SG  . CYS A 1 18  ? -8.038  1.400   5.122   1.00 20.78  ? 1873 CYS A SG  1 
ATOM   139  N N   . SER A 1 19  ? -8.217  -3.397  6.212   1.00 26.85  ? 1874 SER A N   1 
ATOM   140  C CA  . SER A 1 19  ? -7.730  -4.752  6.427   1.00 25.47  ? 1874 SER A CA  1 
ATOM   141  C C   . SER A 1 19  ? -8.246  -5.704  5.351   1.00 26.41  ? 1874 SER A C   1 
ATOM   142  O O   . SER A 1 19  ? -7.484  -6.534  4.843   1.00 26.56  ? 1874 SER A O   1 
ATOM   143  C CB  . SER A 1 19  ? -8.126  -5.231  7.821   1.00 25.91  ? 1874 SER A CB  1 
ATOM   144  O OG  . SER A 1 19  ? -7.751  -6.585  7.998   1.00 27.39  ? 1874 SER A OG  1 
ATOM   145  N N   . MET A 1 20  ? -9.528  -5.592  4.970   1.00 24.47  ? 1875 MET A N   1 
ATOM   146  C CA  A MET A 1 20  ? -10.070 -6.418  3.888   0.47 26.55  ? 1875 MET A CA  1 
ATOM   147  C CA  B MET A 1 20  ? -10.030 -6.453  3.906   0.53 27.86  ? 1875 MET A CA  1 
ATOM   148  C C   . MET A 1 20  ? -9.354  -6.146  2.572   1.00 25.45  ? 1875 MET A C   1 
ATOM   149  O O   . MET A 1 20  ? -8.996  -7.070  1.838   1.00 29.01  ? 1875 MET A O   1 
ATOM   150  C CB  A MET A 1 20  ? -11.568 -6.161  3.713   0.47 27.70  ? 1875 MET A CB  1 
ATOM   151  C CB  B MET A 1 20  ? -11.549 -6.337  3.803   0.53 26.90  ? 1875 MET A CB  1 
ATOM   152  C CG  A MET A 1 20  ? -12.106 -6.545  2.327   0.47 29.21  ? 1875 MET A CG  1 
ATOM   153  C CG  B MET A 1 20  ? -12.267 -6.878  5.038   0.53 26.97  ? 1875 MET A CG  1 
ATOM   154  S SD  A MET A 1 20  ? -13.495 -5.546  1.704   0.47 37.28  ? 1875 MET A SD  1 
ATOM   155  S SD  B MET A 1 20  ? -14.054 -6.644  5.035   0.53 32.35  ? 1875 MET A SD  1 
ATOM   156  C CE  A MET A 1 20  ? -14.698 -5.815  2.996   0.47 26.90  ? 1875 MET A CE  1 
ATOM   157  C CE  B MET A 1 20  ? -14.355 -6.442  6.791   0.53 30.75  ? 1875 MET A CE  1 
ATOM   158  N N   . ILE A 1 21  ? -9.157  -4.868  2.243   1.00 28.33  ? 1876 ILE A N   1 
ATOM   159  C CA  . ILE A 1 21  ? -8.477  -4.530  0.994   1.00 28.17  ? 1876 ILE A CA  1 
ATOM   160  C C   . ILE A 1 21  ? -7.051  -5.072  1.004   1.00 24.20  ? 1876 ILE A C   1 
ATOM   161  O O   . ILE A 1 21  ? -6.587  -5.638  0.010   1.00 26.82  ? 1876 ILE A O   1 
ATOM   162  C CB  . ILE A 1 21  ? -8.514  -3.009  0.746   1.00 25.89  ? 1876 ILE A CB  1 
ATOM   163  C CG1 . ILE A 1 21  ? -9.932  -2.558  0.391   1.00 25.46  ? 1876 ILE A CG1 1 
ATOM   164  C CG2 . ILE A 1 21  ? -7.574  -2.635  -0.398  1.00 21.69  ? 1876 ILE A CG2 1 
ATOM   165  C CD1 . ILE A 1 21  ? -10.062 -1.046  0.211   1.00 23.13  ? 1876 ILE A CD1 1 
ATOM   166  N N   . LEU A 1 22  ? -6.346  -4.945  2.128   1.00 24.63  ? 1877 LEU A N   1 
ATOM   167  C CA  . LEU A 1 22  ? -4.980  -5.464  2.177   1.00 26.34  ? 1877 LEU A CA  1 
ATOM   168  C C   . LEU A 1 22  ? -4.968  -6.984  2.045   1.00 28.70  ? 1877 LEU A C   1 
ATOM   169  O O   . LEU A 1 22  ? -4.070  -7.544  1.411   1.00 24.50  ? 1877 LEU A O   1 
ATOM   170  C CB  . LEU A 1 22  ? -4.279  -5.019  3.464   1.00 26.47  ? 1877 LEU A CB  1 
ATOM   171  C CG  . LEU A 1 22  ? -2.834  -5.465  3.738   1.00 24.84  ? 1877 LEU A CG  1 
ATOM   172  C CD1 . LEU A 1 22  ? -1.851  -4.950  2.683   1.00 20.03  ? 1877 LEU A CD1 1 
ATOM   173  C CD2 . LEU A 1 22  ? -2.410  -4.987  5.138   1.00 24.98  ? 1877 LEU A CD2 1 
ATOM   174  N N   . THR A 1 23  ? -5.972  -7.666  2.610   1.00 25.62  ? 1878 THR A N   1 
ATOM   175  C CA  . THR A 1 23  ? -6.054  -9.115  2.450   1.00 26.94  ? 1878 THR A CA  1 
ATOM   176  C C   . THR A 1 23  ? -6.157  -9.496  0.981   1.00 28.39  ? 1878 THR A C   1 
ATOM   177  O O   . THR A 1 23  ? -5.526  -10.464 0.531   1.00 28.19  ? 1878 THR A O   1 
ATOM   178  C CB  . THR A 1 23  ? -7.254  -9.677  3.218   1.00 28.55  ? 1878 THR A CB  1 
ATOM   179  O OG1 . THR A 1 23  ? -7.032  -9.532  4.620   1.00 27.16  ? 1878 THR A OG1 1 
ATOM   180  C CG2 . THR A 1 23  ? -7.451  -11.152 2.897   1.00 23.56  ? 1878 THR A CG2 1 
ATOM   181  N N   . GLU A 1 24  ? -6.936  -8.741  0.209   1.00 25.68  ? 1879 GLU A N   1 
ATOM   182  C CA  . GLU A 1 24  ? -7.058  -9.057  -1.209  1.00 27.90  ? 1879 GLU A CA  1 
ATOM   183  C C   . GLU A 1 24  ? -5.751  -8.809  -1.948  1.00 27.94  ? 1879 GLU A C   1 
ATOM   184  O O   . GLU A 1 24  ? -5.403  -9.561  -2.865  1.00 27.49  ? 1879 GLU A O   1 
ATOM   185  C CB  . GLU A 1 24  ? -8.196  -8.251  -1.819  1.00 32.43  ? 1879 GLU A CB  1 
ATOM   186  C CG  . GLU A 1 24  ? -9.497  -8.490  -1.086  1.00 40.29  ? 1879 GLU A CG  1 
ATOM   187  C CD  . GLU A 1 24  ? -10.690 -8.119  -1.903  1.00 54.10  ? 1879 GLU A CD  1 
ATOM   188  O OE1 . GLU A 1 24  ? -11.094 -8.935  -2.761  1.00 69.17  ? 1879 GLU A OE1 1 
ATOM   189  O OE2 . GLU A 1 24  ? -11.213 -7.003  -1.698  1.00 57.46  ? 1879 GLU A OE2 1 
ATOM   190  N N   . MET A 1 25  ? -5.023  -7.747  -1.579  1.00 25.99  ? 1880 MET A N   1 
ATOM   191  C CA  . MET A 1 25  ? -3.687  -7.527  -2.131  1.00 27.04  ? 1880 MET A CA  1 
ATOM   192  C C   . MET A 1 25  ? -2.782  -8.715  -1.841  1.00 29.11  ? 1880 MET A C   1 
ATOM   193  O O   . MET A 1 25  ? -2.215  -9.320  -2.754  1.00 25.01  ? 1880 MET A O   1 
ATOM   194  C CB  . MET A 1 25  ? -3.081  -6.265  -1.531  1.00 26.60  ? 1880 MET A CB  1 
ATOM   195  C CG  . MET A 1 25  ? -3.988  -5.085  -1.568  1.00 27.21  ? 1880 MET A CG  1 
ATOM   196  S SD  . MET A 1 25  ? -3.984  -4.436  -3.212  1.00 38.25  ? 1880 MET A SD  1 
ATOM   197  C CE  . MET A 1 25  ? -2.449  -3.525  -3.092  1.00 28.85  ? 1880 MET A CE  1 
ATOM   198  N N   . GLU A 1 26  ? -2.661  -9.069  -0.558  1.00 22.12  ? 1881 GLU A N   1 
ATOM   199  C CA  . GLU A 1 26  ? -1.779  -10.142 -0.118  1.00 26.78  ? 1881 GLU A CA  1 
ATOM   200  C C   . GLU A 1 26  ? -2.039  -11.464 -0.840  1.00 27.21  ? 1881 GLU A C   1 
ATOM   201  O O   . GLU A 1 26  ? -1.119  -12.271 -1.005  1.00 30.64  ? 1881 GLU A O   1 
ATOM   202  C CB  . GLU A 1 26  ? -1.938  -10.333 1.395   1.00 24.98  ? 1881 GLU A CB  1 
ATOM   203  C CG  . GLU A 1 26  ? -1.378  -9.203  2.265   1.00 25.43  ? 1881 GLU A CG  1 
ATOM   204  C CD  . GLU A 1 26  ? -1.945  -9.235  3.695   1.00 33.20  ? 1881 GLU A CD  1 
ATOM   205  O OE1 . GLU A 1 26  ? -3.070  -9.739  3.894   1.00 32.00  ? 1881 GLU A OE1 1 
ATOM   206  O OE2 . GLU A 1 26  ? -1.279  -8.752  4.630   1.00 32.36  ? 1881 GLU A OE2 1 
ATOM   207  N N   . THR A 1 27  ? -3.266  -11.717 -1.276  1.00 25.90  ? 1882 THR A N   1 
ATOM   208  C CA  . THR A 1 27  ? -3.599  -13.000 -1.880  1.00 28.39  ? 1882 THR A CA  1 
ATOM   209  C C   . THR A 1 27  ? -3.678  -12.945 -3.409  1.00 28.42  ? 1882 THR A C   1 
ATOM   210  O O   . THR A 1 27  ? -4.045  -13.937 -4.043  1.00 29.61  ? 1882 THR A O   1 
ATOM   211  C CB  . THR A 1 27  ? -4.897  -13.537 -1.269  1.00 27.43  ? 1882 THR A CB  1 
ATOM   212  O OG1 . THR A 1 27  ? -5.990  -12.667 -1.546  1.00 32.10  ? 1882 THR A OG1 1 
ATOM   213  C CG2 . THR A 1 27  ? -4.750  -13.609 0.215   1.00 27.45  ? 1882 THR A CG2 1 
ATOM   214  N N   . HIS A 1 28  ? -3.318  -11.816 -4.008  1.00 28.14  ? 1883 HIS A N   1 
ATOM   215  C CA  . HIS A 1 28  ? -3.244  -11.699 -5.459  1.00 27.24  ? 1883 HIS A CA  1 
ATOM   216  C C   . HIS A 1 28  ? -2.003  -12.429 -5.963  1.00 30.33  ? 1883 HIS A C   1 
ATOM   217  O O   . HIS A 1 28  ? -0.935  -12.345 -5.354  1.00 29.03  ? 1883 HIS A O   1 
ATOM   218  C CB  . HIS A 1 28  ? -3.200  -10.212 -5.815  1.00 26.06  ? 1883 HIS A CB  1 
ATOM   219  C CG  . HIS A 1 28  ? -3.312  -9.913  -7.276  1.00 27.62  ? 1883 HIS A CG  1 
ATOM   220  N ND1 . HIS A 1 28  ? -2.438  -10.420 -8.218  1.00 28.87  ? 1883 HIS A ND1 1 
ATOM   221  C CD2 . HIS A 1 28  ? -4.157  -9.096  -7.948  1.00 23.59  ? 1883 HIS A CD2 1 
ATOM   222  C CE1 . HIS A 1 28  ? -2.764  -9.954  -9.412  1.00 26.06  ? 1883 HIS A CE1 1 
ATOM   223  N NE2 . HIS A 1 28  ? -3.803  -9.149  -9.275  1.00 25.18  ? 1883 HIS A NE2 1 
ATOM   224  N N   . GLU A 1 29  ? -2.127  -13.151 -7.081  1.00 30.48  ? 1884 GLU A N   1 
ATOM   225  C CA  . GLU A 1 29  ? -1.003  -13.987 -7.512  1.00 28.89  ? 1884 GLU A CA  1 
ATOM   226  C C   . GLU A 1 29  ? 0.246   -13.164 -7.822  1.00 30.37  ? 1884 GLU A C   1 
ATOM   227  O O   . GLU A 1 29  ? 1.371   -13.655 -7.645  1.00 34.95  ? 1884 GLU A O   1 
ATOM   228  C CB  . GLU A 1 29  ? -1.398  -14.854 -8.717  1.00 31.01  ? 1884 GLU A CB  1 
ATOM   229  C CG  . GLU A 1 29  ? -1.314  -14.184 -10.066 1.00 36.50  ? 1884 GLU A CG  1 
ATOM   230  C CD  . GLU A 1 29  ? -1.314  -15.177 -11.231 1.00 42.23  ? 1884 GLU A CD  1 
ATOM   231  O OE1 . GLU A 1 29  ? -2.408  -15.529 -11.732 1.00 38.44  ? 1884 GLU A OE1 1 
ATOM   232  O OE2 . GLU A 1 29  ? -0.207  -15.587 -11.651 1.00 39.26  ? 1884 GLU A OE2 1 
ATOM   233  N N   . ASP A 1 30  ? 0.082   -11.913 -8.253  1.00 24.65  ? 1885 ASP A N   1 
ATOM   234  C CA  . ASP A 1 30  ? 1.217   -11.035 -8.518  1.00 23.48  ? 1885 ASP A CA  1 
ATOM   235  C C   . ASP A 1 30  ? 1.716   -10.307 -7.271  1.00 27.48  ? 1885 ASP A C   1 
ATOM   236  O O   . ASP A 1 30  ? 2.506   -9.366  -7.403  1.00 26.59  ? 1885 ASP A O   1 
ATOM   237  C CB  . ASP A 1 30  ? 0.855   -9.997  -9.590  1.00 25.59  ? 1885 ASP A CB  1 
ATOM   238  C CG  . ASP A 1 30  ? 0.571   -10.624 -10.952 1.00 30.23  ? 1885 ASP A CG  1 
ATOM   239  O OD1 . ASP A 1 30  ? 0.784   -11.848 -11.103 1.00 29.40  ? 1885 ASP A OD1 1 
ATOM   240  O OD2 . ASP A 1 30  ? 0.135   -9.883  -11.868 1.00 28.47  ? 1885 ASP A OD2 1 
ATOM   241  N N   . ALA A 1 31  ? 1.286   -10.693 -6.072  1.00 25.90  ? 1886 ALA A N   1 
ATOM   242  C CA  . ALA A 1 31  ? 1.753   -9.983  -4.882  1.00 30.29  ? 1886 ALA A CA  1 
ATOM   243  C C   . ALA A 1 31  ? 3.149   -10.414 -4.424  1.00 29.03  ? 1886 ALA A C   1 
ATOM   244  O O   . ALA A 1 31  ? 3.735   -9.739  -3.558  1.00 29.11  ? 1886 ALA A O   1 
ATOM   245  C CB  . ALA A 1 31  ? 0.745   -10.157 -3.741  1.00 22.77  ? 1886 ALA A CB  1 
ATOM   246  N N   . TRP A 1 32  ? 3.717   -11.472 -5.010  1.00 30.13  ? 1887 TRP A N   1 
ATOM   247  C CA  . TRP A 1 32  ? 4.948   -12.058 -4.479  1.00 29.69  ? 1887 TRP A CA  1 
ATOM   248  C C   . TRP A 1 32  ? 6.118   -11.090 -4.335  1.00 29.32  ? 1887 TRP A C   1 
ATOM   249  O O   . TRP A 1 32  ? 6.896   -11.266 -3.383  1.00 33.13  ? 1887 TRP A O   1 
ATOM   250  C CB  . TRP A 1 32  ? 5.369   -13.266 -5.331  1.00 38.94  ? 1887 TRP A CB  1 
ATOM   251  C CG  . TRP A 1 32  ? 5.606   -12.979 -6.768  1.00 34.37  ? 1887 TRP A CG  1 
ATOM   252  C CD1 . TRP A 1 32  ? 4.702   -13.093 -7.778  1.00 37.07  ? 1887 TRP A CD1 1 
ATOM   253  C CD2 . TRP A 1 32  ? 6.833   -12.553 -7.371  1.00 36.90  ? 1887 TRP A CD2 1 
ATOM   254  N NE1 . TRP A 1 32  ? 5.286   -12.758 -8.979  1.00 34.57  ? 1887 TRP A NE1 1 
ATOM   255  C CE2 . TRP A 1 32  ? 6.591   -12.415 -8.755  1.00 35.98  ? 1887 TRP A CE2 1 
ATOM   256  C CE3 . TRP A 1 32  ? 8.111   -12.260 -6.874  1.00 37.79  ? 1887 TRP A CE3 1 
ATOM   257  C CZ2 . TRP A 1 32  ? 7.575   -12.001 -9.651  1.00 35.61  ? 1887 TRP A CZ2 1 
ATOM   258  C CZ3 . TRP A 1 32  ? 9.093   -11.842 -7.766  1.00 38.59  ? 1887 TRP A CZ3 1 
ATOM   259  C CH2 . TRP A 1 32  ? 8.817   -11.715 -9.139  1.00 41.37  ? 1887 TRP A CH2 1 
ATOM   260  N N   . PRO A 1 33  ? 6.326   -10.083 -5.190  1.00 28.99  ? 1888 PRO A N   1 
ATOM   261  C CA  . PRO A 1 33  ? 7.451   -9.174  -4.944  1.00 29.81  ? 1888 PRO A CA  1 
ATOM   262  C C   . PRO A 1 33  ? 7.273   -8.317  -3.701  1.00 27.70  ? 1888 PRO A C   1 
ATOM   263  O O   . PRO A 1 33  ? 8.247   -7.692  -3.258  1.00 32.59  ? 1888 PRO A O   1 
ATOM   264  C CB  . PRO A 1 33  ? 7.490   -8.298  -6.204  1.00 24.23  ? 1888 PRO A CB  1 
ATOM   265  C CG  . PRO A 1 33  ? 6.660   -9.014  -7.228  1.00 28.55  ? 1888 PRO A CG  1 
ATOM   266  C CD  . PRO A 1 33  ? 5.612   -9.704  -6.428  1.00 28.96  ? 1888 PRO A CD  1 
ATOM   267  N N   . PHE A 1 34  ? 6.070   -8.251  -3.139  1.00 24.98  ? 1889 PHE A N   1 
ATOM   268  C CA  . PHE A 1 34  ? 5.732   -7.196  -2.194  1.00 28.06  ? 1889 PHE A CA  1 
ATOM   269  C C   . PHE A 1 34  ? 5.339   -7.725  -0.825  1.00 23.81  ? 1889 PHE A C   1 
ATOM   270  O O   . PHE A 1 34  ? 5.137   -6.928  0.102   1.00 23.38  ? 1889 PHE A O   1 
ATOM   271  C CB  . PHE A 1 34  ? 4.604   -6.333  -2.780  1.00 22.12  ? 1889 PHE A CB  1 
ATOM   272  C CG  . PHE A 1 34  ? 4.806   -6.004  -4.242  1.00 26.72  ? 1889 PHE A CG  1 
ATOM   273  C CD1 . PHE A 1 34  ? 5.872   -5.209  -4.641  1.00 26.81  ? 1889 PHE A CD1 1 
ATOM   274  C CD2 . PHE A 1 34  ? 3.947   -6.506  -5.222  1.00 27.59  ? 1889 PHE A CD2 1 
ATOM   275  C CE1 . PHE A 1 34  ? 6.079   -4.909  -5.993  1.00 24.92  ? 1889 PHE A CE1 1 
ATOM   276  C CE2 . PHE A 1 34  ? 4.158   -6.199  -6.582  1.00 24.38  ? 1889 PHE A CE2 1 
ATOM   277  C CZ  . PHE A 1 34  ? 5.209   -5.404  -6.958  1.00 23.80  ? 1889 PHE A CZ  1 
ATOM   278  N N   . LEU A 1 35  ? 5.253   -9.044  -0.668  1.00 22.49  ? 1890 LEU A N   1 
ATOM   279  C CA  . LEU A 1 35  ? 4.808   -9.628  0.588   1.00 25.96  ? 1890 LEU A CA  1 
ATOM   280  C C   . LEU A 1 35  ? 5.768   -9.315  1.727   1.00 29.07  ? 1890 LEU A C   1 
ATOM   281  O O   . LEU A 1 35  ? 5.330   -9.093  2.863   1.00 31.08  ? 1890 LEU A O   1 
ATOM   282  C CB  . LEU A 1 35  ? 4.633   -11.135 0.418   1.00 30.67  ? 1890 LEU A CB  1 
ATOM   283  C CG  . LEU A 1 35  ? 3.490   -11.450 -0.556  1.00 32.81  ? 1890 LEU A CG  1 
ATOM   284  C CD1 . LEU A 1 35  ? 3.462   -12.907 -0.969  1.00 36.42  ? 1890 LEU A CD1 1 
ATOM   285  C CD2 . LEU A 1 35  ? 2.169   -11.065 0.087   1.00 33.70  ? 1890 LEU A CD2 1 
ATOM   286  N N   . LEU A 1 36  ? 7.067   -9.262  1.446   1.00 29.80  ? 1891 LEU A N   1 
ATOM   287  C CA  . LEU A 1 36  ? 8.088   -9.091  2.471   1.00 30.25  ? 1891 LEU A CA  1 
ATOM   288  C C   . LEU A 1 36  ? 9.059   -7.989  2.084   1.00 29.18  ? 1891 LEU A C   1 
ATOM   289  O O   . LEU A 1 36  ? 9.212   -7.672  0.900   1.00 30.75  ? 1891 LEU A O   1 
ATOM   290  C CB  . LEU A 1 36  ? 8.858   -10.398 2.694   1.00 32.40  ? 1891 LEU A CB  1 
ATOM   291  C CG  . LEU A 1 36  ? 8.002   -11.499 3.313   1.00 36.98  ? 1891 LEU A CG  1 
ATOM   292  C CD1 . LEU A 1 36  ? 8.822   -12.766 3.461   1.00 36.50  ? 1891 LEU A CD1 1 
ATOM   293  C CD2 . LEU A 1 36  ? 7.455   -11.022 4.658   1.00 31.09  ? 1891 LEU A CD2 1 
ATOM   294  N N   . PRO A 1 37  ? 9.754   -7.401  3.063   1.00 29.31  ? 1892 PRO A N   1 
ATOM   295  C CA  . PRO A 1 37  ? 10.724  -6.346  2.737   1.00 30.05  ? 1892 PRO A CA  1 
ATOM   296  C C   . PRO A 1 37  ? 11.773  -6.824  1.744   1.00 29.65  ? 1892 PRO A C   1 
ATOM   297  O O   . PRO A 1 37  ? 12.185  -7.981  1.766   1.00 33.23  ? 1892 PRO A O   1 
ATOM   298  C CB  . PRO A 1 37  ? 11.357  -6.019  4.095   1.00 30.99  ? 1892 PRO A CB  1 
ATOM   299  C CG  . PRO A 1 37  ? 10.397  -6.498  5.095   1.00 29.40  ? 1892 PRO A CG  1 
ATOM   300  C CD  . PRO A 1 37  ? 9.732   -7.692  4.506   1.00 27.98  ? 1892 PRO A CD  1 
ATOM   301  N N   . VAL A 1 38  ? 12.192  -5.914  0.858   1.00 28.61  ? 1893 VAL A N   1 
ATOM   302  C CA  . VAL A 1 38  ? 13.324  -6.188  -0.023  1.00 37.09  ? 1893 VAL A CA  1 
ATOM   303  C C   . VAL A 1 38  ? 14.547  -6.499  0.821   1.00 39.28  ? 1893 VAL A C   1 
ATOM   304  O O   . VAL A 1 38  ? 14.921  -5.718  1.701   1.00 32.74  ? 1893 VAL A O   1 
ATOM   305  C CB  . VAL A 1 38  ? 13.595  -4.995  -0.956  1.00 37.59  ? 1893 VAL A CB  1 
ATOM   306  C CG1 . VAL A 1 38  ? 14.970  -5.125  -1.578  1.00 38.81  ? 1893 VAL A CG1 1 
ATOM   307  C CG2 . VAL A 1 38  ? 12.524  -4.890  -2.043  1.00 34.92  ? 1893 VAL A CG2 1 
ATOM   308  N N   . ASN A 1 39  ? 15.173  -7.645  0.557   1.00 42.74  ? 1894 ASN A N   1 
ATOM   309  C CA  . ASN A 1 39  ? 16.330  -8.093  1.329   1.00 45.84  ? 1894 ASN A CA  1 
ATOM   310  C C   . ASN A 1 39  ? 17.516  -7.184  1.024   1.00 49.81  ? 1894 ASN A C   1 
ATOM   311  O O   . ASN A 1 39  ? 18.159  -7.312  -0.018  1.00 48.50  ? 1894 ASN A O   1 
ATOM   312  C CB  . ASN A 1 39  ? 16.646  -9.542  0.999   1.00 47.32  ? 1894 ASN A CB  1 
ATOM   313  C CG  . ASN A 1 39  ? 17.615  -10.158 1.978   1.00 57.30  ? 1894 ASN A CG  1 
ATOM   314  O OD1 . ASN A 1 39  ? 18.535  -9.489  2.475   1.00 54.07  ? 1894 ASN A OD1 1 
ATOM   315  N ND2 . ASN A 1 39  ? 17.415  -11.440 2.273   1.00 58.52  ? 1894 ASN A ND2 1 
ATOM   316  N N   . LEU A 1 40  ? 17.816  -6.262  1.940   1.00 46.00  ? 1895 LEU A N   1 
ATOM   317  C CA  . LEU A 1 40  ? 18.811  -5.234  1.662   1.00 50.93  ? 1895 LEU A CA  1 
ATOM   318  C C   . LEU A 1 40  ? 20.225  -5.793  1.584   1.00 53.97  ? 1895 LEU A C   1 
ATOM   319  O O   . LEU A 1 40  ? 21.095  -5.162  0.975   1.00 55.30  ? 1895 LEU A O   1 
ATOM   320  C CB  . LEU A 1 40  ? 18.739  -4.134  2.723   1.00 50.33  ? 1895 LEU A CB  1 
ATOM   321  C CG  . LEU A 1 40  ? 17.437  -3.329  2.784   1.00 46.84  ? 1895 LEU A CG  1 
ATOM   322  C CD1 . LEU A 1 40  ? 17.418  -2.424  4.013   1.00 42.42  ? 1895 LEU A CD1 1 
ATOM   323  C CD2 . LEU A 1 40  ? 17.229  -2.513  1.504   1.00 42.93  ? 1895 LEU A CD2 1 
ATOM   324  N N   . LYS A 1 41  ? 20.474  -6.954  2.179   1.00 61.01  ? 1896 LYS A N   1 
ATOM   325  C CA  . LYS A 1 41  ? 21.780  -7.595  2.139   1.00 60.07  ? 1896 LYS A CA  1 
ATOM   326  C C   . LYS A 1 41  ? 21.948  -8.501  0.927   1.00 61.07  ? 1896 LYS A C   1 
ATOM   327  O O   . LYS A 1 41  ? 23.007  -9.113  0.767   1.00 73.09  ? 1896 LYS A O   1 
ATOM   328  C CB  . LYS A 1 41  ? 22.019  -8.399  3.431   1.00 62.43  ? 1896 LYS A CB  1 
ATOM   329  C CG  . LYS A 1 41  ? 22.155  -7.552  4.710   1.00 63.33  ? 1896 LYS A CG  1 
ATOM   330  C CD  . LYS A 1 41  ? 22.367  -8.401  5.968   1.00 67.93  ? 1896 LYS A CD  1 
ATOM   331  C CE  . LYS A 1 41  ? 22.527  -7.555  7.244   1.00 65.21  ? 1896 LYS A CE  1 
ATOM   332  N NZ  . LYS A 1 41  ? 22.709  -8.397  8.472   1.00 58.54  ? 1896 LYS A NZ  1 
ATOM   333  N N   . LEU A 1 42  ? 20.943  -8.586  0.063   1.00 56.14  ? 1897 LEU A N   1 
ATOM   334  C CA  . LEU A 1 42  ? 20.964  -9.499  -1.063  1.00 56.11  ? 1897 LEU A CA  1 
ATOM   335  C C   . LEU A 1 42  ? 20.509  -8.832  -2.356  1.00 58.52  ? 1897 LEU A C   1 
ATOM   336  O O   . LEU A 1 42  ? 20.570  -9.461  -3.418  1.00 60.94  ? 1897 LEU A O   1 
ATOM   337  C CB  . LEU A 1 42  ? 20.093  -10.727 -0.747  1.00 57.24  ? 1897 LEU A CB  1 
ATOM   338  C CG  . LEU A 1 42  ? 19.842  -11.854 -1.746  1.00 66.86  ? 1897 LEU A CG  1 
ATOM   339  C CD1 . LEU A 1 42  ? 19.971  -13.197 -1.049  1.00 77.58  ? 1897 LEU A CD1 1 
ATOM   340  C CD2 . LEU A 1 42  ? 18.460  -11.706 -2.381  1.00 61.41  ? 1897 LEU A CD2 1 
ATOM   341  N N   . VAL A 1 43  ? 20.070  -7.579  -2.302  1.00 54.99  ? 1898 VAL A N   1 
ATOM   342  C CA  . VAL A 1 43  ? 19.658  -6.869  -3.506  1.00 50.64  ? 1898 VAL A CA  1 
ATOM   343  C C   . VAL A 1 43  ? 20.577  -5.669  -3.672  1.00 54.76  ? 1898 VAL A C   1 
ATOM   344  O O   . VAL A 1 43  ? 20.487  -4.697  -2.902  1.00 50.69  ? 1898 VAL A O   1 
ATOM   345  C CB  . VAL A 1 43  ? 18.183  -6.449  -3.450  1.00 57.16  ? 1898 VAL A CB  1 
ATOM   346  C CG1 . VAL A 1 43  ? 17.846  -5.547  -4.631  1.00 45.46  ? 1898 VAL A CG1 1 
ATOM   347  C CG2 . VAL A 1 43  ? 17.279  -7.684  -3.448  1.00 52.61  ? 1898 VAL A CG2 1 
ATOM   348  N N   . PRO A 1 44  ? 21.473  -5.709  -4.662  1.00 63.84  ? 1899 PRO A N   1 
ATOM   349  C CA  . PRO A 1 44  ? 22.457  -4.628  -4.831  1.00 57.13  ? 1899 PRO A CA  1 
ATOM   350  C C   . PRO A 1 44  ? 21.790  -3.341  -5.293  1.00 47.04  ? 1899 PRO A C   1 
ATOM   351  O O   . PRO A 1 44  ? 21.065  -3.322  -6.293  1.00 44.93  ? 1899 PRO A O   1 
ATOM   352  C CB  . PRO A 1 44  ? 23.410  -5.176  -5.905  1.00 67.15  ? 1899 PRO A CB  1 
ATOM   353  C CG  . PRO A 1 44  ? 23.035  -6.629  -6.099  1.00 53.65  ? 1899 PRO A CG  1 
ATOM   354  C CD  . PRO A 1 44  ? 21.614  -6.762  -5.679  1.00 56.01  ? 1899 PRO A CD  1 
ATOM   355  N N   . GLY A 1 45  ? 22.054  -2.257  -4.561  1.00 42.48  ? 1900 GLY A N   1 
ATOM   356  C CA  . GLY A 1 45  ? 21.553  -0.941  -4.876  1.00 39.41  ? 1900 GLY A CA  1 
ATOM   357  C C   . GLY A 1 45  ? 20.362  -0.502  -4.041  1.00 49.33  ? 1900 GLY A C   1 
ATOM   358  O O   . GLY A 1 45  ? 20.179  0.707   -3.832  1.00 45.21  ? 1900 GLY A O   1 
ATOM   359  N N   . TYR A 1 46  ? 19.557  -1.451  -3.545  1.00 44.22  ? 1901 TYR A N   1 
ATOM   360  C CA  . TYR A 1 46  ? 18.253  -1.082  -2.999  1.00 42.52  ? 1901 TYR A CA  1 
ATOM   361  C C   . TYR A 1 46  ? 18.390  -0.097  -1.846  1.00 40.47  ? 1901 TYR A C   1 
ATOM   362  O O   . TYR A 1 46  ? 17.713  0.941   -1.820  1.00 31.72  ? 1901 TYR A O   1 
ATOM   363  C CB  . TYR A 1 46  ? 17.461  -2.312  -2.551  1.00 38.40  ? 1901 TYR A CB  1 
ATOM   364  C CG  . TYR A 1 46  ? 15.974  -2.010  -2.589  1.00 42.17  ? 1901 TYR A CG  1 
ATOM   365  C CD1 . TYR A 1 46  ? 15.296  -1.556  -1.454  1.00 38.60  ? 1901 TYR A CD1 1 
ATOM   366  C CD2 . TYR A 1 46  ? 15.267  -2.111  -3.784  1.00 39.04  ? 1901 TYR A CD2 1 
ATOM   367  C CE1 . TYR A 1 46  ? 13.930  -1.252  -1.500  1.00 35.75  ? 1901 TYR A CE1 1 
ATOM   368  C CE2 . TYR A 1 46  ? 13.918  -1.810  -3.848  1.00 38.42  ? 1901 TYR A CE2 1 
ATOM   369  C CZ  . TYR A 1 46  ? 13.254  -1.385  -2.702  1.00 39.17  ? 1901 TYR A CZ  1 
ATOM   370  O OH  . TYR A 1 46  ? 11.921  -1.085  -2.785  1.00 33.77  ? 1901 TYR A OH  1 
ATOM   371  N N   . LYS A 1 47  ? 19.284  -0.394  -0.896  1.00 44.52  ? 1902 LYS A N   1 
ATOM   372  C CA  . LYS A 1 47  ? 19.409  0.457   0.284   1.00 44.42  ? 1902 LYS A CA  1 
ATOM   373  C C   . LYS A 1 47  ? 19.652  1.910   -0.113  1.00 44.81  ? 1902 LYS A C   1 
ATOM   374  O O   . LYS A 1 47  ? 18.989  2.819   0.399   1.00 42.94  ? 1902 LYS A O   1 
ATOM   375  C CB  . LYS A 1 47  ? 20.524  -0.053  1.204   1.00 42.36  ? 1902 LYS A CB  1 
ATOM   376  C CG  . LYS A 1 47  ? 20.415  0.496   2.631   1.00 53.42  ? 1902 LYS A CG  1 
ATOM   377  C CD  . LYS A 1 47  ? 21.678  0.279   3.473   1.00 58.33  ? 1902 LYS A CD  1 
ATOM   378  C CE  . LYS A 1 47  ? 21.466  0.697   4.935   1.00 61.65  ? 1902 LYS A CE  1 
ATOM   379  N NZ  . LYS A 1 47  ? 21.010  2.120   5.100   1.00 55.40  ? 1902 LYS A NZ  1 
ATOM   380  N N   . LYS A 1 48  ? 20.557  2.139   -1.080  1.00 44.59  ? 1903 LYS A N   1 
ATOM   381  C CA  . LYS A 1 48  ? 20.973  3.501   -1.423  1.00 41.20  ? 1903 LYS A CA  1 
ATOM   382  C C   . LYS A 1 48  ? 19.918  4.220   -2.257  1.00 40.33  ? 1903 LYS A C   1 
ATOM   383  O O   . LYS A 1 48  ? 19.716  5.434   -2.103  1.00 37.47  ? 1903 LYS A O   1 
ATOM   384  C CB  . LYS A 1 48  ? 22.310  3.466   -2.178  1.00 38.17  ? 1903 LYS A CB  1 
ATOM   385  C CG  . LYS A 1 48  ? 22.858  4.843   -2.567  1.00 38.35  ? 1903 LYS A CG  1 
ATOM   386  C CD  . LYS A 1 48  ? 23.127  5.699   -1.326  1.00 43.34  ? 1903 LYS A CD  1 
ATOM   387  C CE  . LYS A 1 48  ? 23.674  7.082   -1.670  1.00 35.92  ? 1903 LYS A CE  1 
ATOM   388  N NZ  . LYS A 1 48  ? 25.111  7.067   -2.066  1.00 41.89  ? 1903 LYS A NZ  1 
ATOM   389  N N   . VAL A 1 49  ? 19.249  3.494   -3.158  1.00 37.01  ? 1904 VAL A N   1 
ATOM   390  C CA  . VAL A 1 49  ? 18.327  4.129   -4.097  1.00 36.77  ? 1904 VAL A CA  1 
ATOM   391  C C   . VAL A 1 49  ? 16.965  4.399   -3.462  1.00 33.76  ? 1904 VAL A C   1 
ATOM   392  O O   . VAL A 1 49  ? 16.362  5.450   -3.701  1.00 36.64  ? 1904 VAL A O   1 
ATOM   393  C CB  . VAL A 1 49  ? 18.187  3.261   -5.357  1.00 34.60  ? 1904 VAL A CB  1 
ATOM   394  C CG1 . VAL A 1 49  ? 17.157  3.880   -6.308  1.00 27.19  ? 1904 VAL A CG1 1 
ATOM   395  C CG2 . VAL A 1 49  ? 19.554  3.077   -6.030  1.00 33.43  ? 1904 VAL A CG2 1 
ATOM   396  N N   . ILE A 1 50  ? 16.451  3.462   -2.669  1.00 34.60  ? 1905 ILE A N   1 
ATOM   397  C CA  . ILE A 1 50  ? 15.078  3.518   -2.166  1.00 30.66  ? 1905 ILE A CA  1 
ATOM   398  C C   . ILE A 1 50  ? 15.110  4.080   -0.751  1.00 33.36  ? 1905 ILE A C   1 
ATOM   399  O O   . ILE A 1 50  ? 15.478  3.382   0.205   1.00 27.38  ? 1905 ILE A O   1 
ATOM   400  C CB  . ILE A 1 50  ? 14.402  2.141   -2.215  1.00 33.04  ? 1905 ILE A CB  1 
ATOM   401  C CG1 . ILE A 1 50  ? 14.388  1.611   -3.654  1.00 33.47  ? 1905 ILE A CG1 1 
ATOM   402  C CG2 . ILE A 1 50  ? 12.963  2.214   -1.686  1.00 29.32  ? 1905 ILE A CG2 1 
ATOM   403  C CD1 . ILE A 1 50  ? 13.651  2.519   -4.636  1.00 31.32  ? 1905 ILE A CD1 1 
ATOM   404  N N   . LYS A 1 51  ? 14.756  5.355   -0.620  1.00 33.19  ? 1906 LYS A N   1 
ATOM   405  C CA  . LYS A 1 51  ? 14.783  6.041   0.670   1.00 38.40  ? 1906 LYS A CA  1 
ATOM   406  C C   . LYS A 1 51  ? 13.810  5.499   1.714   1.00 38.65  ? 1906 LYS A C   1 
ATOM   407  O O   . LYS A 1 51  ? 14.130  5.456   2.901   1.00 38.36  ? 1906 LYS A O   1 
ATOM   408  C CB  . LYS A 1 51  ? 14.546  7.542   0.473   1.00 47.55  ? 1906 LYS A CB  1 
ATOM   409  C CG  . LYS A 1 51  ? 15.555  8.214   -0.444  1.00 69.35  ? 1906 LYS A CG  1 
ATOM   410  C CD  . LYS A 1 51  ? 16.960  8.135   0.127   1.00 62.09  ? 1906 LYS A CD  1 
ATOM   411  C CE  . LYS A 1 51  ? 17.985  8.695   -0.846  1.00 70.83  ? 1906 LYS A CE  1 
ATOM   412  N NZ  . LYS A 1 51  ? 17.705  10.117  -1.189  1.00 68.45  ? 1906 LYS A NZ  1 
ATOM   413  N N   . LYS A 1 52  ? 12.616  5.123   1.271   1.00 37.02  ? 1907 LYS A N   1 
ATOM   414  C CA  . LYS A 1 52  ? 11.607  4.613   2.186   1.00 26.77  ? 1907 LYS A CA  1 
ATOM   415  C C   . LYS A 1 52  ? 11.032  3.282   1.729   1.00 28.85  ? 1907 LYS A C   1 
ATOM   416  O O   . LYS A 1 52  ? 9.971   3.240   1.106   1.00 30.81  ? 1907 LYS A O   1 
ATOM   417  C CB  . LYS A 1 52  ? 10.481  5.636   2.362   1.00 34.18  ? 1907 LYS A CB  1 
ATOM   418  C CG  . LYS A 1 52  ? 10.949  6.990   2.871   1.00 42.60  ? 1907 LYS A CG  1 
ATOM   419  C CD  . LYS A 1 52  ? 9.812   7.998   2.888   1.00 44.42  ? 1907 LYS A CD  1 
ATOM   420  C CE  . LYS A 1 52  ? 10.206  9.263   3.633   1.00 56.09  ? 1907 LYS A CE  1 
ATOM   421  N NZ  . LYS A 1 52  ? 9.089   10.246  3.687   1.00 78.27  ? 1907 LYS A NZ  1 
ATOM   422  N N   . PRO A 1 53  ? 11.735  2.184   2.038   1.00 26.39  ? 1908 PRO A N   1 
ATOM   423  C CA  . PRO A 1 53  ? 11.219  0.865   1.653   1.00 24.50  ? 1908 PRO A CA  1 
ATOM   424  C C   . PRO A 1 53  ? 9.880   0.591   2.317   1.00 26.88  ? 1908 PRO A C   1 
ATOM   425  O O   . PRO A 1 53  ? 9.627   1.031   3.438   1.00 24.15  ? 1908 PRO A O   1 
ATOM   426  C CB  . PRO A 1 53  ? 12.285  -0.108  2.175   1.00 26.72  ? 1908 PRO A CB  1 
ATOM   427  C CG  . PRO A 1 53  ? 13.443  0.739   2.599   1.00 32.56  ? 1908 PRO A CG  1 
ATOM   428  C CD  . PRO A 1 53  ? 12.888  2.086   2.938   1.00 32.40  ? 1908 PRO A CD  1 
ATOM   429  N N   . MET A 1 54  ? 9.020   -0.155  1.624   1.00 22.05  ? 1909 MET A N   1 
ATOM   430  C CA  . MET A 1 54  ? 7.695   -0.473  2.160   1.00 22.20  ? 1909 MET A CA  1 
ATOM   431  C C   . MET A 1 54  ? 7.208   -1.764  1.507   1.00 24.11  ? 1909 MET A C   1 
ATOM   432  O O   . MET A 1 54  ? 7.499   -2.026  0.338   1.00 24.45  ? 1909 MET A O   1 
ATOM   433  C CB  . MET A 1 54  ? 6.711   0.682   1.924   1.00 22.04  ? 1909 MET A CB  1 
ATOM   434  C CG  . MET A 1 54  ? 5.343   0.527   2.601   1.00 22.82  ? 1909 MET A CG  1 
ATOM   435  S SD  . MET A 1 54  ? 5.454   0.245   4.390   1.00 22.86  ? 1909 MET A SD  1 
ATOM   436  C CE  . MET A 1 54  ? 6.282   1.761   4.922   1.00 24.67  ? 1909 MET A CE  1 
ATOM   437  N N   . ASP A 1 55  ? 6.493   -2.580  2.278   1.00 20.99  ? 1910 ASP A N   1 
ATOM   438  C CA  . ASP A 1 55  ? 5.982   -3.849  1.778   1.00 22.02  ? 1910 ASP A CA  1 
ATOM   439  C C   . ASP A 1 55  ? 4.695   -4.187  2.522   1.00 24.56  ? 1910 ASP A C   1 
ATOM   440  O O   . ASP A 1 55  ? 4.396   -3.601  3.560   1.00 23.75  ? 1910 ASP A O   1 
ATOM   441  C CB  . ASP A 1 55  ? 7.017   -4.970  1.959   1.00 23.36  ? 1910 ASP A CB  1 
ATOM   442  C CG  . ASP A 1 55  ? 7.230   -5.324  3.427   1.00 27.80  ? 1910 ASP A CG  1 
ATOM   443  O OD1 . ASP A 1 55  ? 7.991   -4.604  4.117   1.00 28.61  ? 1910 ASP A OD1 1 
ATOM   444  O OD2 . ASP A 1 55  ? 6.594   -6.294  3.900   1.00 27.09  ? 1910 ASP A OD2 1 
ATOM   445  N N   . PHE A 1 56  ? 3.946   -5.169  1.994   1.00 23.10  ? 1911 PHE A N   1 
ATOM   446  C CA  . PHE A 1 56  ? 2.629   -5.495  2.535   1.00 19.50  ? 1911 PHE A CA  1 
ATOM   447  C C   . PHE A 1 56  ? 2.693   -5.968  3.982   1.00 24.57  ? 1911 PHE A C   1 
ATOM   448  O O   . PHE A 1 56  ? 1.778   -5.688  4.770   1.00 22.85  ? 1911 PHE A O   1 
ATOM   449  C CB  . PHE A 1 56  ? 1.953   -6.566  1.686   1.00 22.51  ? 1911 PHE A CB  1 
ATOM   450  C CG  . PHE A 1 56  ? 1.572   -6.098  0.300   1.00 23.78  ? 1911 PHE A CG  1 
ATOM   451  C CD1 . PHE A 1 56  ? 1.652   -4.752  -0.045  1.00 18.90  ? 1911 PHE A CD1 1 
ATOM   452  C CD2 . PHE A 1 56  ? 1.116   -7.012  -0.652  1.00 23.10  ? 1911 PHE A CD2 1 
ATOM   453  C CE1 . PHE A 1 56  ? 1.298   -4.333  -1.328  1.00 22.00  ? 1911 PHE A CE1 1 
ATOM   454  C CE2 . PHE A 1 56  ? 0.759   -6.601  -1.940  1.00 22.16  ? 1911 PHE A CE2 1 
ATOM   455  C CZ  . PHE A 1 56  ? 0.852   -5.263  -2.273  1.00 20.74  ? 1911 PHE A CZ  1 
ATOM   456  N N   . SER A 1 57  ? 3.732   -6.723  4.351   1.00 25.18  ? 1912 SER A N   1 
ATOM   457  C CA  . SER A 1 57  ? 3.792   -7.223  5.723   1.00 27.31  ? 1912 SER A CA  1 
ATOM   458  C C   . SER A 1 57  ? 4.098   -6.102  6.709   1.00 25.04  ? 1912 SER A C   1 
ATOM   459  O O   . SER A 1 57  ? 3.641   -6.141  7.855   1.00 27.31  ? 1912 SER A O   1 
ATOM   460  C CB  . SER A 1 57  ? 4.829   -8.335  5.848   1.00 27.51  ? 1912 SER A CB  1 
ATOM   461  O OG  . SER A 1 57  ? 6.128   -7.786  5.884   1.00 28.14  ? 1912 SER A OG  1 
ATOM   462  N N   . THR A 1 58  ? 4.859   -5.092  6.289   1.00 23.65  ? 1913 THR A N   1 
ATOM   463  C CA  . THR A 1 58  ? 5.054   -3.928  7.147   1.00 22.29  ? 1913 THR A CA  1 
ATOM   464  C C   . THR A 1 58  ? 3.758   -3.133  7.284   1.00 25.57  ? 1913 THR A C   1 
ATOM   465  O O   . THR A 1 58  ? 3.409   -2.684  8.385   1.00 19.06  ? 1913 THR A O   1 
ATOM   466  C CB  . THR A 1 58  ? 6.173   -3.051  6.592   1.00 25.01  ? 1913 THR A CB  1 
ATOM   467  O OG1 . THR A 1 58  ? 7.410   -3.782  6.601   1.00 24.89  ? 1913 THR A OG1 1 
ATOM   468  C CG2 . THR A 1 58  ? 6.311   -1.776  7.434   1.00 28.55  ? 1913 THR A CG2 1 
ATOM   469  N N   . ILE A 1 59  ? 3.024   -2.969  6.176   1.00 22.44  ? 1914 ILE A N   1 
ATOM   470  C CA  . ILE A 1 59  ? 1.716   -2.321  6.213   1.00 21.52  ? 1914 ILE A CA  1 
ATOM   471  C C   . ILE A 1 59  ? 0.749   -3.103  7.097   1.00 23.38  ? 1914 ILE A C   1 
ATOM   472  O O   . ILE A 1 59  ? 0.016   -2.520  7.906   1.00 22.12  ? 1914 ILE A O   1 
ATOM   473  C CB  . ILE A 1 59  ? 1.158   -2.157  4.783   1.00 21.35  ? 1914 ILE A CB  1 
ATOM   474  C CG1 . ILE A 1 59  ? 2.081   -1.291  3.928   1.00 21.22  ? 1914 ILE A CG1 1 
ATOM   475  C CG2 . ILE A 1 59  ? -0.241  -1.574  4.821   1.00 20.02  ? 1914 ILE A CG2 1 
ATOM   476  C CD1 . ILE A 1 59  ? 1.713   -1.274  2.433   1.00 18.77  ? 1914 ILE A CD1 1 
ATOM   477  N N   . ARG A 1 60  ? 0.718   -4.432  6.950   1.00 24.01  ? 1915 ARG A N   1 
ATOM   478  C CA  . ARG A 1 60  ? -0.124  -5.249  7.825   1.00 23.22  ? 1915 ARG A CA  1 
ATOM   479  C C   . ARG A 1 60  ? 0.239   -5.044  9.294   1.00 27.45  ? 1915 ARG A C   1 
ATOM   480  O O   . ARG A 1 60  ? -0.644  -4.936  10.153  1.00 24.70  ? 1915 ARG A O   1 
ATOM   481  C CB  . ARG A 1 60  ? 0.004   -6.723  7.440   1.00 25.66  ? 1915 ARG A CB  1 
ATOM   482  C CG  . ARG A 1 60  ? -0.659  -7.683  8.413   1.00 25.32  ? 1915 ARG A CG  1 
ATOM   483  C CD  . ARG A 1 60  ? -2.144  -7.517  8.384   1.00 24.78  ? 1915 ARG A CD  1 
ATOM   484  N NE  . ARG A 1 60  ? -2.724  -7.828  7.077   1.00 26.93  ? 1915 ARG A NE  1 
ATOM   485  C CZ  . ARG A 1 60  ? -4.014  -7.660  6.789   1.00 25.67  ? 1915 ARG A CZ  1 
ATOM   486  N NH1 . ARG A 1 60  ? -4.843  -7.168  7.708   1.00 24.47  ? 1915 ARG A NH1 1 
ATOM   487  N NH2 . ARG A 1 60  ? -4.484  -7.965  5.586   1.00 33.25  ? 1915 ARG A NH2 1 
ATOM   488  N N   . GLU A 1 61  ? 1.534   -4.962  9.595   1.00 26.81  ? 1916 GLU A N   1 
ATOM   489  C CA  . GLU A 1 61  ? 1.964   -4.770  10.980  1.00 30.01  ? 1916 GLU A CA  1 
ATOM   490  C C   . GLU A 1 61  ? 1.512   -3.417  11.524  1.00 28.39  ? 1916 GLU A C   1 
ATOM   491  O O   . GLU A 1 61  ? 1.012   -3.327  12.654  1.00 27.55  ? 1916 GLU A O   1 
ATOM   492  C CB  . GLU A 1 61  ? 3.483   -4.907  11.076  1.00 28.55  ? 1916 GLU A CB  1 
ATOM   493  C CG  . GLU A 1 61  ? 4.012   -4.750  12.496  1.00 37.56  ? 1916 GLU A CG  1 
ATOM   494  C CD  . GLU A 1 61  ? 3.487   -5.828  13.440  1.00 44.55  ? 1916 GLU A CD  1 
ATOM   495  O OE1 . GLU A 1 61  ? 3.417   -7.004  13.017  1.00 49.25  ? 1916 GLU A OE1 1 
ATOM   496  O OE2 . GLU A 1 61  ? 3.143   -5.500  14.600  1.00 43.47  ? 1916 GLU A OE2 1 
ATOM   497  N N   . LYS A 1 62  ? 1.706   -2.350  10.741  1.00 27.16  ? 1917 LYS A N   1 
ATOM   498  C CA  . LYS A 1 62  ? 1.282   -1.012  11.155  1.00 26.98  ? 1917 LYS A CA  1 
ATOM   499  C C   . LYS A 1 62  ? -0.227  -0.936  11.343  1.00 29.50  ? 1917 LYS A C   1 
ATOM   500  O O   . LYS A 1 62  ? -0.712  -0.303  12.288  1.00 27.93  ? 1917 LYS A O   1 
ATOM   501  C CB  . LYS A 1 62  ? 1.737   0.028   10.127  1.00 25.50  ? 1917 LYS A CB  1 
ATOM   502  C CG  . LYS A 1 62  ? 3.230   0.251   10.129  1.00 25.11  ? 1917 LYS A CG  1 
ATOM   503  C CD  . LYS A 1 62  ? 3.655   1.138   8.985   1.00 26.65  ? 1917 LYS A CD  1 
ATOM   504  C CE  . LYS A 1 62  ? 3.362   2.597   9.249   1.00 23.06  ? 1917 LYS A CE  1 
ATOM   505  N NZ  . LYS A 1 62  ? 3.889   3.403   8.108   1.00 20.06  ? 1917 LYS A NZ  1 
ATOM   506  N N   . LEU A 1 63  ? -0.989  -1.572  10.452  1.00 25.84  ? 1918 LEU A N   1 
ATOM   507  C CA  . LEU A 1 63  ? -2.440  -1.522  10.574  1.00 27.41  ? 1918 LEU A CA  1 
ATOM   508  C C   . LEU A 1 63  ? -2.922  -2.257  11.823  1.00 29.12  ? 1918 LEU A C   1 
ATOM   509  O O   . LEU A 1 63  ? -3.905  -1.835  12.445  1.00 29.36  ? 1918 LEU A O   1 
ATOM   510  C CB  . LEU A 1 63  ? -3.093  -2.100  9.313   1.00 26.62  ? 1918 LEU A CB  1 
ATOM   511  C CG  . LEU A 1 63  ? -4.599  -1.891  9.138   1.00 27.64  ? 1918 LEU A CG  1 
ATOM   512  C CD1 . LEU A 1 63  ? -4.921  -0.430  8.925   1.00 27.53  ? 1918 LEU A CD1 1 
ATOM   513  C CD2 . LEU A 1 63  ? -5.107  -2.696  7.969   1.00 28.08  ? 1918 LEU A CD2 1 
ATOM   514  N N   . SER A 1 64  ? -2.232  -3.337  12.220  1.00 29.43  ? 1919 SER A N   1 
ATOM   515  C CA  . SER A 1 64  ? -2.639  -4.128  13.381  1.00 28.04  ? 1919 SER A CA  1 
ATOM   516  C C   . SER A 1 64  ? -2.186  -3.520  14.705  1.00 29.13  ? 1919 SER A C   1 
ATOM   517  O O   . SER A 1 64  ? -2.538  -4.056  15.766  1.00 25.48  ? 1919 SER A O   1 
ATOM   518  C CB  . SER A 1 64  ? -2.084  -5.547  13.273  1.00 26.75  ? 1919 SER A CB  1 
ATOM   519  O OG  . SER A 1 64  ? -2.566  -6.182  12.104  1.00 31.46  ? 1919 SER A OG  1 
ATOM   520  N N   . SER A 1 65  ? -1.407  -2.434  14.676  1.00 25.12  ? 1920 SER A N   1 
ATOM   521  C CA  . SER A 1 65  ? -0.886  -1.814  15.892  1.00 24.20  ? 1920 SER A CA  1 
ATOM   522  C C   . SER A 1 65  ? -1.246  -0.333  15.972  1.00 25.34  ? 1920 SER A C   1 
ATOM   523  O O   . SER A 1 65  ? -0.611  0.418   16.716  1.00 26.22  ? 1920 SER A O   1 
ATOM   524  C CB  . SER A 1 65  ? 0.632   -1.996  15.982  1.00 28.31  ? 1920 SER A CB  1 
ATOM   525  O OG  . SER A 1 65  ? 1.284   -1.321  14.911  1.00 26.46  ? 1920 SER A OG  1 
ATOM   526  N N   . GLY A 1 66  ? -2.244  0.108   15.207  1.00 25.02  ? 1921 GLY A N   1 
ATOM   527  C CA  . GLY A 1 66  ? -2.740  1.470   15.311  1.00 24.19  ? 1921 GLY A CA  1 
ATOM   528  C C   . GLY A 1 66  ? -1.784  2.545   14.854  1.00 24.93  ? 1921 GLY A C   1 
ATOM   529  O O   . GLY A 1 66  ? -1.814  3.657   15.389  1.00 25.02  ? 1921 GLY A O   1 
ATOM   530  N N   . GLN A 1 67  ? -0.945  2.257   13.867  1.00 23.02  ? 1922 GLN A N   1 
ATOM   531  C CA  . GLN A 1 67  ? 0.026   3.239   13.419  1.00 25.85  ? 1922 GLN A CA  1 
ATOM   532  C C   . GLN A 1 67  ? -0.459  4.063   12.228  1.00 27.66  ? 1922 GLN A C   1 
ATOM   533  O O   . GLN A 1 67  ? 0.237   4.988   11.805  1.00 26.66  ? 1922 GLN A O   1 
ATOM   534  C CB  . GLN A 1 67  ? 1.348   2.548   13.094  1.00 24.69  ? 1922 GLN A CB  1 
ATOM   535  C CG  . GLN A 1 67  ? 2.018   1.949   14.345  1.00 25.28  ? 1922 GLN A CG  1 
ATOM   536  C CD  . GLN A 1 67  ? 3.397   1.353   14.059  1.00 29.50  ? 1922 GLN A CD  1 
ATOM   537  O OE1 . GLN A 1 67  ? 4.342   2.071   13.730  1.00 29.65  ? 1922 GLN A OE1 1 
ATOM   538  N NE2 . GLN A 1 67  ? 3.507   0.032   14.176  1.00 31.36  ? 1922 GLN A NE2 1 
ATOM   539  N N   . TYR A 1 68  ? -1.645  3.792   11.703  1.00 25.72  ? 1923 TYR A N   1 
ATOM   540  C CA  . TYR A 1 68  ? -2.237  4.666   10.692  1.00 27.30  ? 1923 TYR A CA  1 
ATOM   541  C C   . TYR A 1 68  ? -3.278  5.568   11.338  1.00 28.45  ? 1923 TYR A C   1 
ATOM   542  O O   . TYR A 1 68  ? -4.288  5.063   11.852  1.00 28.02  ? 1923 TYR A O   1 
ATOM   543  C CB  . TYR A 1 68  ? -2.871  3.845   9.572   1.00 24.53  ? 1923 TYR A CB  1 
ATOM   544  C CG  . TYR A 1 68  ? -1.837  3.145   8.742   1.00 25.26  ? 1923 TYR A CG  1 
ATOM   545  C CD1 . TYR A 1 68  ? -0.867  3.871   8.067   1.00 22.33  ? 1923 TYR A CD1 1 
ATOM   546  C CD2 . TYR A 1 68  ? -1.822  1.761   8.634   1.00 25.02  ? 1923 TYR A CD2 1 
ATOM   547  C CE1 . TYR A 1 68  ? 0.104   3.240   7.303   1.00 23.36  ? 1923 TYR A CE1 1 
ATOM   548  C CE2 . TYR A 1 68  ? -0.856  1.115   7.876   1.00 22.39  ? 1923 TYR A CE2 1 
ATOM   549  C CZ  . TYR A 1 68  ? 0.105   1.863   7.212   1.00 22.79  ? 1923 TYR A CZ  1 
ATOM   550  O OH  . TYR A 1 68  ? 1.065   1.224   6.461   1.00 20.55  ? 1923 TYR A OH  1 
ATOM   551  N N   . PRO A 1 69  ? -3.097  6.888   11.329  1.00 30.31  ? 1924 PRO A N   1 
ATOM   552  C CA  . PRO A 1 69  ? -4.114  7.759   11.937  1.00 29.58  ? 1924 PRO A CA  1 
ATOM   553  C C   . PRO A 1 69  ? -5.403  7.819   11.141  1.00 32.22  ? 1924 PRO A C   1 
ATOM   554  O O   . PRO A 1 69  ? -6.476  7.965   11.741  1.00 32.04  ? 1924 PRO A O   1 
ATOM   555  C CB  . PRO A 1 69  ? -3.423  9.128   11.997  1.00 31.87  ? 1924 PRO A CB  1 
ATOM   556  C CG  . PRO A 1 69  ? -1.967  8.861   11.695  1.00 33.19  ? 1924 PRO A CG  1 
ATOM   557  C CD  . PRO A 1 69  ? -1.940  7.646   10.833  1.00 27.92  ? 1924 PRO A CD  1 
ATOM   558  N N   . ASN A 1 70  ? -5.339  7.682   9.815   1.00 31.50  ? 1925 ASN A N   1 
ATOM   559  C CA  . ASN A 1 70  ? -6.535  7.712   8.980   1.00 34.16  ? 1925 ASN A CA  1 
ATOM   560  C C   . ASN A 1 70  ? -6.308  6.851   7.742   1.00 35.40  ? 1925 ASN A C   1 
ATOM   561  O O   . ASN A 1 70  ? -5.192  6.410   7.455   1.00 31.08  ? 1925 ASN A O   1 
ATOM   562  C CB  . ASN A 1 70  ? -6.890  9.140   8.571   1.00 35.14  ? 1925 ASN A CB  1 
ATOM   563  C CG  . ASN A 1 70  ? -5.691  9.904   8.066   1.00 32.47  ? 1925 ASN A CG  1 
ATOM   564  O OD1 . ASN A 1 70  ? -5.057  9.517   7.091   1.00 38.04  ? 1925 ASN A OD1 1 
ATOM   565  N ND2 . ASN A 1 70  ? -5.362  10.989  8.736   1.00 36.35  ? 1925 ASN A ND2 1 
ATOM   566  N N   . LEU A 1 71  ? -7.383  6.619   6.993   1.00 36.44  ? 1926 LEU A N   1 
ATOM   567  C CA  . LEU A 1 71  ? -7.228  5.799   5.802   1.00 36.32  ? 1926 LEU A CA  1 
ATOM   568  C C   . LEU A 1 71  ? -6.383  6.489   4.738   1.00 37.25  ? 1926 LEU A C   1 
ATOM   569  O O   . LEU A 1 71  ? -5.799  5.803   3.893   1.00 33.74  ? 1926 LEU A O   1 
ATOM   570  C CB  . LEU A 1 71  ? -8.596  5.393   5.246   1.00 36.28  ? 1926 LEU A CB  1 
ATOM   571  C CG  . LEU A 1 71  ? -9.500  6.386   4.529   1.00 39.95  ? 1926 LEU A CG  1 
ATOM   572  C CD1 . LEU A 1 71  ? -10.756 5.645   4.146   1.00 41.54  ? 1926 LEU A CD1 1 
ATOM   573  C CD2 . LEU A 1 71  ? -9.836  7.590   5.391   1.00 45.51  ? 1926 LEU A CD2 1 
ATOM   574  N N   . GLU A 1 72  ? -6.269  7.818   4.780   1.00 40.09  ? 1927 GLU A N   1 
ATOM   575  C CA  . GLU A 1 72  ? -5.395  8.507   3.836   1.00 39.22  ? 1927 GLU A CA  1 
ATOM   576  C C   . GLU A 1 72  ? -3.944  8.072   4.010   1.00 36.72  ? 1927 GLU A C   1 
ATOM   577  O O   . GLU A 1 72  ? -3.251  7.795   3.028   1.00 32.73  ? 1927 GLU A O   1 
ATOM   578  C CB  . GLU A 1 72  ? -5.527  10.022  3.990   1.00 42.81  ? 1927 GLU A CB  1 
ATOM   579  C CG  . GLU A 1 72  ? -6.808  10.612  3.391   1.00 58.31  ? 1927 GLU A CG  1 
ATOM   580  C CD  . GLU A 1 72  ? -7.788  11.137  4.444   1.00 81.33  ? 1927 GLU A CD  1 
ATOM   581  O OE1 . GLU A 1 72  ? -7.852  10.564  5.558   1.00 71.29  ? 1927 GLU A OE1 1 
ATOM   582  O OE2 . GLU A 1 72  ? -8.499  12.127  4.155   1.00 81.02  ? 1927 GLU A OE2 1 
ATOM   583  N N   . THR A 1 73  ? -3.463  7.994   5.258   1.00 34.57  ? 1928 THR A N   1 
ATOM   584  C CA  . THR A 1 73  ? -2.073  7.589   5.461   1.00 31.63  ? 1928 THR A CA  1 
ATOM   585  C C   . THR A 1 73  ? -1.857  6.121   5.106   1.00 28.17  ? 1928 THR A C   1 
ATOM   586  O O   . THR A 1 73  ? -0.752  5.737   4.725   1.00 30.12  ? 1928 THR A O   1 
ATOM   587  C CB  . THR A 1 73  ? -1.642  7.869   6.901   1.00 33.93  ? 1928 THR A CB  1 
ATOM   588  O OG1 . THR A 1 73  ? -2.437  7.094   7.810   1.00 34.39  ? 1928 THR A OG1 1 
ATOM   589  C CG2 . THR A 1 73  ? -1.835  9.341   7.230   1.00 36.63  ? 1928 THR A CG2 1 
ATOM   590  N N   . PHE A 1 74  ? -2.891  5.291   5.212   1.00 30.36  ? 1929 PHE A N   1 
ATOM   591  C CA  . PHE A 1 74  ? -2.778  3.910   4.754   1.00 28.07  ? 1929 PHE A CA  1 
ATOM   592  C C   . PHE A 1 74  ? -2.557  3.844   3.242   1.00 27.76  ? 1929 PHE A C   1 
ATOM   593  O O   . PHE A 1 74  ? -1.679  3.114   2.766   1.00 26.64  ? 1929 PHE A O   1 
ATOM   594  C CB  . PHE A 1 74  ? -4.030  3.142   5.171   1.00 24.79  ? 1929 PHE A CB  1 
ATOM   595  C CG  . PHE A 1 74  ? -4.181  1.790   4.524   1.00 24.75  ? 1929 PHE A CG  1 
ATOM   596  C CD1 . PHE A 1 74  ? -3.636  0.657   5.114   1.00 21.20  ? 1929 PHE A CD1 1 
ATOM   597  C CD2 . PHE A 1 74  ? -4.939  1.640   3.363   1.00 28.76  ? 1929 PHE A CD2 1 
ATOM   598  C CE1 . PHE A 1 74  ? -3.810  -0.592  4.528   1.00 21.54  ? 1929 PHE A CE1 1 
ATOM   599  C CE2 . PHE A 1 74  ? -5.111  0.385   2.770   1.00 20.27  ? 1929 PHE A CE2 1 
ATOM   600  C CZ  . PHE A 1 74  ? -4.541  -0.723  3.358   1.00 21.36  ? 1929 PHE A CZ  1 
ATOM   601  N N   . ALA A 1 75  ? -3.338  4.603   2.463   1.00 28.52  ? 1930 ALA A N   1 
ATOM   602  C CA  . ALA A 1 75  ? -3.142  4.608   1.012   1.00 25.75  ? 1930 ALA A CA  1 
ATOM   603  C C   . ALA A 1 75  ? -1.769  5.150   0.632   1.00 29.18  ? 1930 ALA A C   1 
ATOM   604  O O   . ALA A 1 75  ? -1.199  4.752   -0.403  1.00 28.52  ? 1930 ALA A O   1 
ATOM   605  C CB  . ALA A 1 75  ? -4.249  5.416   0.329   1.00 24.37  ? 1930 ALA A CB  1 
ATOM   606  N N   . LEU A 1 76  ? -1.213  6.053   1.447   1.00 26.33  ? 1931 LEU A N   1 
ATOM   607  C CA  . LEU A 1 76  ? 0.139   6.538   1.175   1.00 28.09  ? 1931 LEU A CA  1 
ATOM   608  C C   . LEU A 1 76  ? 1.139   5.392   1.189   1.00 27.72  ? 1931 LEU A C   1 
ATOM   609  O O   . LEU A 1 76  ? 1.978   5.275   0.290   1.00 28.33  ? 1931 LEU A O   1 
ATOM   610  C CB  . LEU A 1 76  ? 0.552   7.599   2.195   1.00 33.96  ? 1931 LEU A CB  1 
ATOM   611  C CG  . LEU A 1 76  ? -0.097  8.977   2.125   1.00 35.24  ? 1931 LEU A CG  1 
ATOM   612  C CD1 . LEU A 1 76  ? 0.690   9.915   3.017   1.00 37.82  ? 1931 LEU A CD1 1 
ATOM   613  C CD2 . LEU A 1 76  ? -0.133  9.482   0.702   1.00 37.02  ? 1931 LEU A CD2 1 
ATOM   614  N N   . ASP A 1 77  ? 1.063   4.532   2.207   1.00 25.86  ? 1932 ASP A N   1 
ATOM   615  C CA  . ASP A 1 77  ? 2.014   3.428   2.297   1.00 24.45  ? 1932 ASP A CA  1 
ATOM   616  C C   . ASP A 1 77  ? 1.814   2.432   1.160   1.00 23.87  ? 1932 ASP A C   1 
ATOM   617  O O   . ASP A 1 77  ? 2.793   1.904   0.623   1.00 22.17  ? 1932 ASP A O   1 
ATOM   618  C CB  . ASP A 1 77  ? 1.891   2.723   3.653   1.00 22.42  ? 1932 ASP A CB  1 
ATOM   619  C CG  . ASP A 1 77  ? 2.789   3.332   4.719   1.00 26.55  ? 1932 ASP A CG  1 
ATOM   620  O OD1 . ASP A 1 77  ? 3.459   4.344   4.420   1.00 27.40  ? 1932 ASP A OD1 1 
ATOM   621  O OD2 . ASP A 1 77  ? 2.827   2.789   5.852   1.00 23.00  ? 1932 ASP A OD2 1 
ATOM   622  N N   . VAL A 1 78  ? 0.560   2.149   0.786   1.00 20.39  ? 1933 VAL A N   1 
ATOM   623  C CA  . VAL A 1 78  ? 0.319   1.244   -0.343  1.00 23.70  ? 1933 VAL A CA  1 
ATOM   624  C C   . VAL A 1 78  ? 0.938   1.803   -1.616  1.00 22.71  ? 1933 VAL A C   1 
ATOM   625  O O   . VAL A 1 78  ? 1.679   1.112   -2.327  1.00 22.64  ? 1933 VAL A O   1 
ATOM   626  C CB  . VAL A 1 78  ? -1.188  0.986   -0.531  1.00 22.67  ? 1933 VAL A CB  1 
ATOM   627  C CG1 . VAL A 1 78  ? -1.425  0.123   -1.783  1.00 17.77  ? 1933 VAL A CG1 1 
ATOM   628  C CG2 . VAL A 1 78  ? -1.767  0.346   0.725   1.00 24.15  ? 1933 VAL A CG2 1 
ATOM   629  N N   . ARG A 1 79  ? 0.634   3.065   -1.929  1.00 29.07  ? 1934 ARG A N   1 
ATOM   630  C CA  . ARG A 1 79  ? 1.181   3.680   -3.139  1.00 26.93  ? 1934 ARG A CA  1 
ATOM   631  C C   . ARG A 1 79  ? 2.703   3.708   -3.094  1.00 29.20  ? 1934 ARG A C   1 
ATOM   632  O O   . ARG A 1 79  ? 3.365   3.475   -4.118  1.00 26.06  ? 1934 ARG A O   1 
ATOM   633  C CB  . ARG A 1 79  ? 0.584   5.083   -3.316  1.00 27.90  ? 1934 ARG A CB  1 
ATOM   634  C CG  . ARG A 1 79  ? -0.898  5.001   -3.675  1.00 30.31  ? 1934 ARG A CG  1 
ATOM   635  C CD  . ARG A 1 79  ? -1.636  6.321   -3.682  1.00 31.17  ? 1934 ARG A CD  1 
ATOM   636  N NE  . ARG A 1 79  ? -3.042  6.072   -3.990  1.00 33.17  ? 1934 ARG A NE  1 
ATOM   637  C CZ  . ARG A 1 79  ? -4.075  6.766   -3.520  1.00 34.70  ? 1934 ARG A CZ  1 
ATOM   638  N NH1 . ARG A 1 79  ? -3.879  7.796   -2.704  1.00 30.72  ? 1934 ARG A NH1 1 
ATOM   639  N NH2 . ARG A 1 79  ? -5.308  6.408   -3.859  1.00 32.00  ? 1934 ARG A NH2 1 
ATOM   640  N N   . LEU A 1 80  ? 3.272   3.936   -1.897  1.00 25.21  ? 1935 LEU A N   1 
ATOM   641  C CA  . LEU A 1 80  ? 4.718   3.895   -1.716  1.00 25.27  ? 1935 LEU A CA  1 
ATOM   642  C C   . LEU A 1 80  ? 5.316   2.585   -2.221  1.00 26.26  ? 1935 LEU A C   1 
ATOM   643  O O   . LEU A 1 80  ? 6.358   2.594   -2.878  1.00 25.33  ? 1935 LEU A O   1 
ATOM   644  C CB  . LEU A 1 80  ? 5.061   4.113   -0.239  1.00 26.92  ? 1935 LEU A CB  1 
ATOM   645  C CG  . LEU A 1 80  ? 6.551   4.114   0.107   1.00 29.25  ? 1935 LEU A CG  1 
ATOM   646  C CD1 . LEU A 1 80  ? 7.322   5.056   -0.817  1.00 27.21  ? 1935 LEU A CD1 1 
ATOM   647  C CD2 . LEU A 1 80  ? 6.773   4.472   1.560   1.00 25.11  ? 1935 LEU A CD2 1 
ATOM   648  N N   . VAL A 1 81  ? 4.676   1.447   -1.925  1.00 23.73  ? 1936 VAL A N   1 
ATOM   649  C CA  . VAL A 1 81  ? 5.169   0.167   -2.437  1.00 22.50  ? 1936 VAL A CA  1 
ATOM   650  C C   . VAL A 1 81  ? 5.350   0.233   -3.949  1.00 25.82  ? 1936 VAL A C   1 
ATOM   651  O O   . VAL A 1 81  ? 6.424   -0.073  -4.476  1.00 24.77  ? 1936 VAL A O   1 
ATOM   652  C CB  . VAL A 1 81  ? 4.219   -0.981  -2.043  1.00 25.50  ? 1936 VAL A CB  1 
ATOM   653  C CG1 . VAL A 1 81  ? 4.640   -2.295  -2.738  1.00 20.95  ? 1936 VAL A CG1 1 
ATOM   654  C CG2 . VAL A 1 81  ? 4.172   -1.153  -0.516  1.00 22.53  ? 1936 VAL A CG2 1 
ATOM   655  N N   . PHE A 1 82  ? 4.311   0.665   -4.669  1.00 22.05  ? 1937 PHE A N   1 
ATOM   656  C CA  . PHE A 1 82  ? 4.371   0.649   -6.132  1.00 23.83  ? 1937 PHE A CA  1 
ATOM   657  C C   . PHE A 1 82  ? 5.229   1.781   -6.709  1.00 27.22  ? 1937 PHE A C   1 
ATOM   658  O O   . PHE A 1 82  ? 5.838   1.603   -7.773  1.00 27.21  ? 1937 PHE A O   1 
ATOM   659  C CB  . PHE A 1 82  ? 2.953   0.674   -6.689  1.00 23.24  ? 1937 PHE A CB  1 
ATOM   660  C CG  . PHE A 1 82  ? 2.073   -0.351  -6.055  1.00 23.00  ? 1937 PHE A CG  1 
ATOM   661  C CD1 . PHE A 1 82  ? 2.499   -1.679  -5.966  1.00 23.76  ? 1937 PHE A CD1 1 
ATOM   662  C CD2 . PHE A 1 82  ? 0.863   0.004   -5.489  1.00 20.50  ? 1937 PHE A CD2 1 
ATOM   663  C CE1 . PHE A 1 82  ? 1.706   -2.643  -5.339  1.00 24.14  ? 1937 PHE A CE1 1 
ATOM   664  C CE2 . PHE A 1 82  ? 0.065   -0.947  -4.876  1.00 21.94  ? 1937 PHE A CE2 1 
ATOM   665  C CZ  . PHE A 1 82  ? 0.494   -2.277  -4.789  1.00 22.31  ? 1937 PHE A CZ  1 
ATOM   666  N N   . ASP A 1 83  ? 5.304   2.932   -6.033  1.00 24.40  ? 1938 ASP A N   1 
ATOM   667  C CA  . ASP A 1 83  ? 6.249   3.971   -6.438  1.00 25.18  ? 1938 ASP A CA  1 
ATOM   668  C C   . ASP A 1 83  ? 7.690   3.480   -6.336  1.00 25.26  ? 1938 ASP A C   1 
ATOM   669  O O   . ASP A 1 83  ? 8.467   3.617   -7.284  1.00 27.44  ? 1938 ASP A O   1 
ATOM   670  C CB  . ASP A 1 83  ? 6.042   5.222   -5.590  1.00 28.83  ? 1938 ASP A CB  1 
ATOM   671  C CG  . ASP A 1 83  ? 4.739   5.958   -5.934  1.00 33.05  ? 1938 ASP A CG  1 
ATOM   672  O OD1 . ASP A 1 83  ? 4.129   5.651   -6.982  1.00 32.37  ? 1938 ASP A OD1 1 
ATOM   673  O OD2 . ASP A 1 83  ? 4.326   6.849   -5.152  1.00 37.47  ? 1938 ASP A OD2 1 
ATOM   674  N N   . ASN A 1 84  ? 8.069   2.903   -5.191  1.00 28.03  ? 1939 ASN A N   1 
ATOM   675  C CA  . ASN A 1 84  ? 9.387   2.271   -5.100  1.00 27.82  ? 1939 ASN A CA  1 
ATOM   676  C C   . ASN A 1 84  ? 9.596   1.297   -6.248  1.00 28.71  ? 1939 ASN A C   1 
ATOM   677  O O   . ASN A 1 84  ? 10.625  1.345   -6.933  1.00 28.03  ? 1939 ASN A O   1 
ATOM   678  C CB  . ASN A 1 84  ? 9.572   1.541   -3.766  1.00 25.92  ? 1939 ASN A CB  1 
ATOM   679  C CG  . ASN A 1 84  ? 9.627   2.494   -2.573  1.00 28.41  ? 1939 ASN A CG  1 
ATOM   680  O OD1 . ASN A 1 84  ? 9.783   3.706   -2.731  1.00 29.79  ? 1939 ASN A OD1 1 
ATOM   681  N ND2 . ASN A 1 84  ? 9.508   1.940   -1.377  1.00 23.53  ? 1939 ASN A ND2 1 
ATOM   682  N N   . CYS A 1 85  ? 8.614   0.421   -6.487  1.00 24.81  ? 1940 CYS A N   1 
ATOM   683  C CA  . CYS A 1 85  ? 8.743   -0.572  -7.554  1.00 29.25  ? 1940 CYS A CA  1 
ATOM   684  C C   . CYS A 1 85  ? 9.046   0.087   -8.901  1.00 30.17  ? 1940 CYS A C   1 
ATOM   685  O O   . CYS A 1 85  ? 9.955   -0.342  -9.623  1.00 29.49  ? 1940 CYS A O   1 
ATOM   686  C CB  . CYS A 1 85  ? 7.478   -1.419  -7.638  1.00 26.67  ? 1940 CYS A CB  1 
ATOM   687  S SG  . CYS A 1 85  ? 7.617   -2.834  -8.758  1.00 26.44  ? 1940 CYS A SG  1 
ATOM   688  N N   . GLU A 1 86  ? 8.311   1.149   -9.248  1.00 31.34  ? 1941 GLU A N   1 
ATOM   689  C CA  . GLU A 1 86  ? 8.518   1.787   -10.550 1.00 30.86  ? 1941 GLU A CA  1 
ATOM   690  C C   . GLU A 1 86  ? 9.892   2.435   -10.645 1.00 37.93  ? 1941 GLU A C   1 
ATOM   691  O O   . GLU A 1 86  ? 10.513  2.435   -11.720 1.00 36.27  ? 1941 GLU A O   1 
ATOM   692  C CB  . GLU A 1 86  ? 7.448   2.841   -10.802 1.00 32.14  ? 1941 GLU A CB  1 
ATOM   693  C CG  . GLU A 1 86  ? 6.531   2.532   -11.949 1.00 40.05  ? 1941 GLU A CG  1 
ATOM   694  C CD  . GLU A 1 86  ? 5.597   3.684   -12.237 1.00 41.36  ? 1941 GLU A CD  1 
ATOM   695  O OE1 . GLU A 1 86  ? 4.673   3.920   -11.425 1.00 46.09  ? 1941 GLU A OE1 1 
ATOM   696  O OE2 . GLU A 1 86  ? 5.803   4.367   -13.260 1.00 44.73  ? 1941 GLU A OE2 1 
ATOM   697  N N   . THR A 1 87  ? 10.367  3.007   -9.536  1.00 33.21  ? 1942 THR A N   1 
ATOM   698  C CA  . THR A 1 87  ? 11.683  3.634   -9.504  1.00 33.38  ? 1942 THR A CA  1 
ATOM   699  C C   . THR A 1 87  ? 12.794  2.626   -9.769  1.00 32.74  ? 1942 THR A C   1 
ATOM   700  O O   . THR A 1 87  ? 13.755  2.927   -10.486 1.00 37.12  ? 1942 THR A O   1 
ATOM   701  C CB  . THR A 1 87  ? 11.878  4.300   -8.145  1.00 34.68  ? 1942 THR A CB  1 
ATOM   702  O OG1 . THR A 1 87  ? 11.131  5.526   -8.107  1.00 37.61  ? 1942 THR A OG1 1 
ATOM   703  C CG2 . THR A 1 87  ? 13.347  4.558   -7.874  1.00 35.52  ? 1942 THR A CG2 1 
ATOM   704  N N   . PHE A 1 88  ? 12.673  1.418   -9.219  1.00 31.08  ? 1943 PHE A N   1 
ATOM   705  C CA  . PHE A 1 88  ? 13.761  0.452   -9.216  1.00 30.46  ? 1943 PHE A CA  1 
ATOM   706  C C   . PHE A 1 88  ? 13.701  -0.557  -10.353 1.00 34.42  ? 1943 PHE A C   1 
ATOM   707  O O   . PHE A 1 88  ? 14.738  -1.135  -10.688 1.00 33.88  ? 1943 PHE A O   1 
ATOM   708  C CB  . PHE A 1 88  ? 13.773  -0.303  -7.884  1.00 30.30  ? 1943 PHE A CB  1 
ATOM   709  C CG  . PHE A 1 88  ? 15.083  -0.961  -7.558  1.00 31.88  ? 1943 PHE A CG  1 
ATOM   710  C CD1 . PHE A 1 88  ? 16.158  -0.209  -7.096  1.00 31.83  ? 1943 PHE A CD1 1 
ATOM   711  C CD2 . PHE A 1 88  ? 15.232  -2.345  -7.675  1.00 34.22  ? 1943 PHE A CD2 1 
ATOM   712  C CE1 . PHE A 1 88  ? 17.373  -0.825  -6.768  1.00 35.13  ? 1943 PHE A CE1 1 
ATOM   713  C CE2 . PHE A 1 88  ? 16.441  -2.972  -7.350  1.00 33.09  ? 1943 PHE A CE2 1 
ATOM   714  C CZ  . PHE A 1 88  ? 17.511  -2.213  -6.898  1.00 33.54  ? 1943 PHE A CZ  1 
ATOM   715  N N   . ASN A 1 89  ? 12.539  -0.798  -10.957 1.00 31.49  ? 1944 ASN A N   1 
ATOM   716  C CA  . ASN A 1 89  ? 12.425  -1.870  -11.939 1.00 32.54  ? 1944 ASN A CA  1 
ATOM   717  C C   . ASN A 1 89  ? 11.941  -1.338  -13.285 1.00 38.58  ? 1944 ASN A C   1 
ATOM   718  O O   . ASN A 1 89  ? 11.280  -0.293  -13.375 1.00 33.71  ? 1944 ASN A O   1 
ATOM   719  C CB  . ASN A 1 89  ? 11.466  -2.971  -11.473 1.00 33.25  ? 1944 ASN A CB  1 
ATOM   720  C CG  . ASN A 1 89  ? 11.813  -3.517  -10.102 1.00 35.28  ? 1944 ASN A CG  1 
ATOM   721  O OD1 . ASN A 1 89  ? 12.487  -4.532  -9.989  1.00 34.50  ? 1944 ASN A OD1 1 
ATOM   722  N ND2 . ASN A 1 89  ? 11.311  -2.866  -9.046  1.00 30.40  ? 1944 ASN A ND2 1 
ATOM   723  N N   . GLU A 1 90  ? 12.270  -2.092  -14.337 1.00 38.02  ? 1945 GLU A N   1 
ATOM   724  C CA  . GLU A 1 90  ? 11.759  -1.808  -15.676 1.00 42.33  ? 1945 GLU A CA  1 
ATOM   725  C C   . GLU A 1 90  ? 10.267  -2.134  -15.759 1.00 40.28  ? 1945 GLU A C   1 
ATOM   726  O O   . GLU A 1 90  ? 9.817   -3.155  -15.231 1.00 31.74  ? 1945 GLU A O   1 
ATOM   727  C CB  . GLU A 1 90  ? 12.521  -2.629  -16.727 1.00 40.60  ? 1945 GLU A CB  1 
ATOM   728  C CG  . GLU A 1 90  ? 13.926  -2.147  -17.060 1.00 45.23  ? 1945 GLU A CG  1 
ATOM   729  C CD  . GLU A 1 90  ? 13.939  -0.745  -17.656 1.00 55.88  ? 1945 GLU A CD  1 
ATOM   730  O OE1 . GLU A 1 90  ? 12.868  -0.258  -18.095 1.00 63.03  ? 1945 GLU A OE1 1 
ATOM   731  O OE2 . GLU A 1 90  ? 15.023  -0.124  -17.682 1.00 65.57  ? 1945 GLU A OE2 1 
ATOM   732  N N   . ASP A 1 91  ? 9.506   -1.273  -16.458 1.00 38.53  ? 1946 ASP A N   1 
ATOM   733  C CA  . ASP A 1 91  ? 8.063   -1.480  -16.618 1.00 34.33  ? 1946 ASP A CA  1 
ATOM   734  C C   . ASP A 1 91  ? 7.719   -2.851  -17.158 1.00 36.44  ? 1946 ASP A C   1 
ATOM   735  O O   . ASP A 1 91  ? 6.643   -3.374  -16.859 1.00 43.79  ? 1946 ASP A O   1 
ATOM   736  C CB  . ASP A 1 91  ? 7.451   -0.454  -17.561 1.00 30.13  ? 1946 ASP A CB  1 
ATOM   737  C CG  . ASP A 1 91  ? 7.546   0.933   -17.035 1.00 39.30  ? 1946 ASP A CG  1 
ATOM   738  O OD1 . ASP A 1 91  ? 7.637   1.097   -15.799 1.00 37.31  ? 1946 ASP A OD1 1 
ATOM   739  O OD2 . ASP A 1 91  ? 7.538   1.864   -17.858 1.00 42.29  ? 1946 ASP A OD2 1 
ATOM   740  N N   . ASP A 1 92  ? 8.586   -3.443  -17.972 1.00 36.28  ? 1947 ASP A N   1 
ATOM   741  C CA  . ASP A 1 92  ? 8.262   -4.729  -18.571 1.00 43.19  ? 1947 ASP A CA  1 
ATOM   742  C C   . ASP A 1 92  ? 9.057   -5.882  -17.991 1.00 43.05  ? 1947 ASP A C   1 
ATOM   743  O O   . ASP A 1 92  ? 8.907   -7.013  -18.460 1.00 44.65  ? 1947 ASP A O   1 
ATOM   744  C CB  . ASP A 1 92  ? 8.428   -4.676  -20.092 1.00 49.35  ? 1947 ASP A CB  1 
ATOM   745  C CG  . ASP A 1 92  ? 7.293   -3.917  -20.762 1.00 54.00  ? 1947 ASP A CG  1 
ATOM   746  O OD1 . ASP A 1 92  ? 7.564   -2.929  -21.482 1.00 60.75  ? 1947 ASP A OD1 1 
ATOM   747  O OD2 . ASP A 1 92  ? 6.118   -4.284  -20.523 1.00 55.42  ? 1947 ASP A OD2 1 
ATOM   748  N N   . SER A 1 93  ? 9.874   -5.634  -16.969 1.00 38.87  ? 1948 SER A N   1 
ATOM   749  C CA  . SER A 1 93  ? 10.349  -6.716  -16.131 1.00 34.94  ? 1948 SER A CA  1 
ATOM   750  C C   . SER A 1 93  ? 9.168   -7.384  -15.425 1.00 37.89  ? 1948 SER A C   1 
ATOM   751  O O   . SER A 1 93  ? 8.051   -6.863  -15.390 1.00 34.83  ? 1948 SER A O   1 
ATOM   752  C CB  . SER A 1 93  ? 11.329  -6.194  -15.093 1.00 35.75  ? 1948 SER A CB  1 
ATOM   753  O OG  . SER A 1 93  ? 10.711  -5.175  -14.339 1.00 34.51  ? 1948 SER A OG  1 
ATOM   754  N N   . ASP A 1 94  ? 9.437   -8.551  -14.839 1.00 37.50  ? 1949 ASP A N   1 
ATOM   755  C CA  . ASP A 1 94  ? 8.398   -9.272  -14.109 1.00 39.40  ? 1949 ASP A CA  1 
ATOM   756  C C   . ASP A 1 94  ? 7.957   -8.513  -12.862 1.00 35.87  ? 1949 ASP A C   1 
ATOM   757  O O   . ASP A 1 94  ? 6.755   -8.383  -12.599 1.00 31.18  ? 1949 ASP A O   1 
ATOM   758  C CB  . ASP A 1 94  ? 8.893   -10.665 -13.731 1.00 44.55  ? 1949 ASP A CB  1 
ATOM   759  C CG  . ASP A 1 94  ? 9.002   -11.558 -14.921 1.00 48.93  ? 1949 ASP A CG  1 
ATOM   760  O OD1 . ASP A 1 94  ? 8.438   -11.207 -15.970 1.00 54.35  ? 1949 ASP A OD1 1 
ATOM   761  O OD2 . ASP A 1 94  ? 9.611   -12.630 -14.798 1.00 52.59  ? 1949 ASP A OD2 1 
ATOM   762  N N   . ILE A 1 95  ? 8.915   -8.021  -12.073 1.00 31.17  ? 1950 ILE A N   1 
ATOM   763  C CA  . ILE A 1 95  ? 8.553   -7.249  -10.891 1.00 35.13  ? 1950 ILE A CA  1 
ATOM   764  C C   . ILE A 1 95  ? 7.928   -5.920  -11.300 1.00 34.04  ? 1950 ILE A C   1 
ATOM   765  O O   . ILE A 1 95  ? 6.972   -5.447  -10.672 1.00 31.58  ? 1950 ILE A O   1 
ATOM   766  C CB  . ILE A 1 95  ? 9.780   -7.048  -9.983  1.00 32.24  ? 1950 ILE A CB  1 
ATOM   767  C CG1 . ILE A 1 95  ? 10.228  -8.384  -9.382  1.00 34.23  ? 1950 ILE A CG1 1 
ATOM   768  C CG2 . ILE A 1 95  ? 9.482   -6.005  -8.881  1.00 28.86  ? 1950 ILE A CG2 1 
ATOM   769  C CD1 . ILE A 1 95  ? 11.486  -8.266  -8.518  1.00 36.29  ? 1950 ILE A CD1 1 
ATOM   770  N N   . GLY A 1 96  ? 8.429   -5.316  -12.378 1.00 28.38  ? 1951 GLY A N   1 
ATOM   771  C CA  . GLY A 1 96  ? 7.886   -4.040  -12.812 1.00 30.31  ? 1951 GLY A CA  1 
ATOM   772  C C   . GLY A 1 96  ? 6.440   -4.139  -13.267 1.00 31.61  ? 1951 GLY A C   1 
ATOM   773  O O   . GLY A 1 96  ? 5.629   -3.248  -12.988 1.00 27.43  ? 1951 GLY A O   1 
ATOM   774  N N   . ARG A 1 97  ? 6.092   -5.222  -13.969 1.00 26.92  ? 1952 ARG A N   1 
ATOM   775  C CA  . ARG A 1 97  ? 4.718   -5.351  -14.446 1.00 30.88  ? 1952 ARG A CA  1 
ATOM   776  C C   . ARG A 1 97  ? 3.789   -5.747  -13.305 1.00 31.40  ? 1952 ARG A C   1 
ATOM   777  O O   . ARG A 1 97  ? 2.645   -5.270  -13.230 1.00 24.24  ? 1952 ARG A O   1 
ATOM   778  C CB  . ARG A 1 97  ? 4.642   -6.355  -15.596 1.00 30.05  ? 1952 ARG A CB  1 
ATOM   779  C CG  . ARG A 1 97  ? 3.228   -6.579  -16.155 1.00 31.99  ? 1952 ARG A CG  1 
ATOM   780  C CD  . ARG A 1 97  ? 2.571   -5.301  -16.628 1.00 31.85  ? 1952 ARG A CD  1 
ATOM   781  N NE  . ARG A 1 97  ? 3.477   -4.537  -17.480 1.00 39.64  ? 1952 ARG A NE  1 
ATOM   782  C CZ  . ARG A 1 97  ? 3.259   -3.282  -17.872 1.00 44.44  ? 1952 ARG A CZ  1 
ATOM   783  N NH1 . ARG A 1 97  ? 4.149   -2.662  -18.656 1.00 40.14  ? 1952 ARG A NH1 1 
ATOM   784  N NH2 . ARG A 1 97  ? 2.155   -2.647  -17.477 1.00 36.76  ? 1952 ARG A NH2 1 
ATOM   785  N N   . ALA A 1 98  ? 4.278   -6.601  -12.394 1.00 29.81  ? 1953 ALA A N   1 
ATOM   786  C CA  . ALA A 1 98  ? 3.515   -6.937  -11.202 1.00 27.07  ? 1953 ALA A CA  1 
ATOM   787  C C   . ALA A 1 98  ? 3.126   -5.679  -10.437 1.00 26.31  ? 1953 ALA A C   1 
ATOM   788  O O   . ALA A 1 98  ? 1.991   -5.554  -9.955  1.00 26.01  ? 1953 ALA A O   1 
ATOM   789  C CB  . ALA A 1 98  ? 4.316   -7.893  -10.313 1.00 25.59  ? 1953 ALA A CB  1 
ATOM   790  N N   . GLY A 1 99  ? 4.039   -4.719  -10.342 1.00 21.34  ? 1954 GLY A N   1 
ATOM   791  C CA  . GLY A 1 99  ? 3.728   -3.502  -9.613  1.00 24.04  ? 1954 GLY A CA  1 
ATOM   792  C C   . GLY A 1 99  ? 2.637   -2.693  -10.284 1.00 25.97  ? 1954 GLY A C   1 
ATOM   793  O O   . GLY A 1 99  ? 1.738   -2.177  -9.616  1.00 25.94  ? 1954 GLY A O   1 
ATOM   794  N N   . HIS A 1 100 ? 2.696   -2.573  -11.614 1.00 22.68  ? 1955 HIS A N   1 
ATOM   795  C CA  . HIS A 1 100 ? 1.647   -1.873  -12.355 1.00 24.65  ? 1955 HIS A CA  1 
ATOM   796  C C   . HIS A 1 100 ? 0.301   -2.573  -12.193 1.00 23.44  ? 1955 HIS A C   1 
ATOM   797  O O   . HIS A 1 100 ? -0.699  -1.936  -11.849 1.00 22.56  ? 1955 HIS A O   1 
ATOM   798  C CB  . HIS A 1 100 ? 2.041   -1.769  -13.831 1.00 26.65  ? 1955 HIS A CB  1 
ATOM   799  C CG  . HIS A 1 100 ? 3.128   -0.771  -14.090 1.00 31.20  ? 1955 HIS A CG  1 
ATOM   800  N ND1 . HIS A 1 100 ? 3.012   0.561   -13.735 1.00 29.64  ? 1955 HIS A ND1 1 
ATOM   801  C CD2 . HIS A 1 100 ? 4.355   -0.902  -14.656 1.00 28.31  ? 1955 HIS A CD2 1 
ATOM   802  C CE1 . HIS A 1 100 ? 4.113   1.207   -14.079 1.00 29.98  ? 1955 HIS A CE1 1 
ATOM   803  N NE2 . HIS A 1 100 ? 4.945   0.341   -14.635 1.00 28.53  ? 1955 HIS A NE2 1 
ATOM   804  N N   . ASN A 1 101 ? 0.266   -3.893  -12.423 1.00 21.66  ? 1956 ASN A N   1 
ATOM   805  C CA  . ASN A 1 101 ? -0.927  -4.686  -12.150 1.00 20.46  ? 1956 ASN A CA  1 
ATOM   806  C C   . ASN A 1 101 ? -1.463  -4.429  -10.740 1.00 23.24  ? 1956 ASN A C   1 
ATOM   807  O O   . ASN A 1 101 ? -2.640  -4.097  -10.564 1.00 21.29  ? 1956 ASN A O   1 
ATOM   808  C CB  . ASN A 1 101 ? -0.603  -6.169  -12.312 1.00 23.76  ? 1956 ASN A CB  1 
ATOM   809  C CG  . ASN A 1 101 ? -0.492  -6.602  -13.762 1.00 26.28  ? 1956 ASN A CG  1 
ATOM   810  O OD1 . ASN A 1 101 ? -0.620  -5.799  -14.697 1.00 23.39  ? 1956 ASN A OD1 1 
ATOM   811  N ND2 . ASN A 1 101 ? -0.246  -7.895  -13.956 1.00 25.65  ? 1956 ASN A ND2 1 
ATOM   812  N N   . MET A 1 102 ? -0.613  -4.577  -9.720  1.00 23.12  ? 1957 MET A N   1 
ATOM   813  C CA  . MET A 1 102 ? -1.095  -4.476  -8.342  1.00 22.31  ? 1957 MET A CA  1 
ATOM   814  C C   . MET A 1 102 ? -1.577  -3.076  -8.009  1.00 21.47  ? 1957 MET A C   1 
ATOM   815  O O   . MET A 1 102 ? -2.480  -2.912  -7.177  1.00 21.90  ? 1957 MET A O   1 
ATOM   816  C CB  . MET A 1 102 ? 0.002   -4.875  -7.356  1.00 22.38  ? 1957 MET A CB  1 
ATOM   817  C CG  . MET A 1 102 ? 0.351   -6.362  -7.356  1.00 28.01  ? 1957 MET A CG  1 
ATOM   818  S SD  . MET A 1 102 ? -1.032  -7.413  -6.905  1.00 38.69  ? 1957 MET A SD  1 
ATOM   819  C CE  . MET A 1 102 ? -1.357  -6.847  -5.238  1.00 33.14  ? 1957 MET A CE  1 
ATOM   820  N N   . ARG A 1 103 ? -0.960  -2.053  -8.601  1.00 22.36  ? 1958 ARG A N   1 
ATOM   821  C CA  . ARG A 1 103 ? -1.416  -0.692  -8.351  1.00 22.65  ? 1958 ARG A CA  1 
ATOM   822  C C   . ARG A 1 103 ? -2.823  -0.496  -8.902  1.00 22.74  ? 1958 ARG A C   1 
ATOM   823  O O   . ARG A 1 103 ? -3.701  0.045   -8.226  1.00 22.25  ? 1958 ARG A O   1 
ATOM   824  C CB  . ARG A 1 103 ? -0.442  0.306   -8.980  1.00 23.80  ? 1958 ARG A CB  1 
ATOM   825  C CG  . ARG A 1 103 ? -0.861  1.753   -8.784  1.00 24.26  ? 1958 ARG A CG  1 
ATOM   826  C CD  . ARG A 1 103 ? -0.188  2.688   -9.764  1.00 22.18  ? 1958 ARG A CD  1 
ATOM   827  N NE  . ARG A 1 103 ? 1.266   2.771   -9.598  1.00 26.99  ? 1958 ARG A NE  1 
ATOM   828  C CZ  . ARG A 1 103 ? 1.887   3.537   -8.699  1.00 29.14  ? 1958 ARG A CZ  1 
ATOM   829  N NH1 . ARG A 1 103 ? 1.187   4.286   -7.851  1.00 25.40  ? 1958 ARG A NH1 1 
ATOM   830  N NH2 . ARG A 1 103 ? 3.217   3.548   -8.642  1.00 25.88  ? 1958 ARG A NH2 1 
ATOM   831  N N   . LYS A 1 104 ? -3.057  -0.958  -10.135 1.00 20.60  ? 1959 LYS A N   1 
ATOM   832  C CA  . LYS A 1 104 ? -4.384  -0.840  -10.729 1.00 22.05  ? 1959 LYS A CA  1 
ATOM   833  C C   . LYS A 1 104 ? -5.402  -1.633  -9.927  1.00 24.39  ? 1959 LYS A C   1 
ATOM   834  O O   . LYS A 1 104 ? -6.522  -1.162  -9.679  1.00 28.41  ? 1959 LYS A O   1 
ATOM   835  C CB  . LYS A 1 104 ? -4.340  -1.314  -12.185 1.00 24.71  ? 1959 LYS A CB  1 
ATOM   836  C CG  . LYS A 1 104 ? -5.662  -1.141  -12.958 1.00 31.15  ? 1959 LYS A CG  1 
ATOM   837  C CD  . LYS A 1 104 ? -5.957  0.330   -13.245 1.00 33.89  ? 1959 LYS A CD  1 
ATOM   838  C CE  . LYS A 1 104 ? -7.227  0.510   -14.070 1.00 39.99  ? 1959 LYS A CE  1 
ATOM   839  N NZ  . LYS A 1 104 ? -7.150  1.736   -14.928 1.00 45.29  ? 1959 LYS A NZ  1 
ATOM   840  N N   . TYR A 1 105 ? -5.026  -2.840  -9.496  1.00 21.14  ? 1960 TYR A N   1 
ATOM   841  C CA  . TYR A 1 105 ? -5.910  -3.619  -8.633  1.00 21.31  ? 1960 TYR A CA  1 
ATOM   842  C C   . TYR A 1 105 ? -6.261  -2.846  -7.366  1.00 26.45  ? 1960 TYR A C   1 
ATOM   843  O O   . TYR A 1 105 ? -7.421  -2.830  -6.941  1.00 25.14  ? 1960 TYR A O   1 
ATOM   844  C CB  . TYR A 1 105 ? -5.236  -4.945  -8.299  1.00 21.23  ? 1960 TYR A CB  1 
ATOM   845  C CG  . TYR A 1 105 ? -6.090  -5.974  -7.607  1.00 25.43  ? 1960 TYR A CG  1 
ATOM   846  C CD1 . TYR A 1 105 ? -7.034  -6.718  -8.317  1.00 26.88  ? 1960 TYR A CD1 1 
ATOM   847  C CD2 . TYR A 1 105 ? -5.924  -6.243  -6.256  1.00 27.44  ? 1960 TYR A CD2 1 
ATOM   848  C CE1 . TYR A 1 105 ? -7.809  -7.670  -7.696  1.00 25.47  ? 1960 TYR A CE1 1 
ATOM   849  C CE2 . TYR A 1 105 ? -6.701  -7.204  -5.622  1.00 30.86  ? 1960 TYR A CE2 1 
ATOM   850  C CZ  . TYR A 1 105 ? -7.635  -7.911  -6.355  1.00 30.95  ? 1960 TYR A CZ  1 
ATOM   851  O OH  . TYR A 1 105 ? -8.399  -8.859  -5.740  1.00 35.90  ? 1960 TYR A OH  1 
ATOM   852  N N   . PHE A 1 106 ? -5.275  -2.186  -6.749  1.00 23.66  ? 1961 PHE A N   1 
ATOM   853  C CA  . PHE A 1 106 ? -5.551  -1.436  -5.523  1.00 23.86  ? 1961 PHE A CA  1 
ATOM   854  C C   . PHE A 1 106 ? -6.485  -0.257  -5.788  1.00 26.33  ? 1961 PHE A C   1 
ATOM   855  O O   . PHE A 1 106 ? -7.448  -0.036  -5.046  1.00 26.85  ? 1961 PHE A O   1 
ATOM   856  C CB  . PHE A 1 106 ? -4.248  -0.933  -4.896  1.00 23.64  ? 1961 PHE A CB  1 
ATOM   857  C CG  . PHE A 1 106 ? -4.460  0.094   -3.795  1.00 26.18  ? 1961 PHE A CG  1 
ATOM   858  C CD1 . PHE A 1 106 ? -4.926  -0.294  -2.542  1.00 26.57  ? 1961 PHE A CD1 1 
ATOM   859  C CD2 . PHE A 1 106 ? -4.210  1.446   -4.023  1.00 26.31  ? 1961 PHE A CD2 1 
ATOM   860  C CE1 . PHE A 1 106 ? -5.120  0.643   -1.522  1.00 21.77  ? 1961 PHE A CE1 1 
ATOM   861  C CE2 . PHE A 1 106 ? -4.395  2.385   -3.013  1.00 24.58  ? 1961 PHE A CE2 1 
ATOM   862  C CZ  . PHE A 1 106 ? -4.848  1.981   -1.766  1.00 25.19  ? 1961 PHE A CZ  1 
ATOM   863  N N   . GLU A 1 107 ? -6.194  0.540   -6.824  1.00 27.43  ? 1962 GLU A N   1 
ATOM   864  C CA  . GLU A 1 107 ? -6.947  1.780   -6.989  1.00 28.93  ? 1962 GLU A CA  1 
ATOM   865  C C   . GLU A 1 107 ? -8.414  1.501   -7.292  1.00 29.15  ? 1962 GLU A C   1 
ATOM   866  O O   . GLU A 1 107 ? -9.294  2.249   -6.847  1.00 32.06  ? 1962 GLU A O   1 
ATOM   867  C CB  . GLU A 1 107 ? -6.302  2.659   -8.070  1.00 25.83  ? 1962 GLU A CB  1 
ATOM   868  C CG  . GLU A 1 107 ? -4.827  3.033   -7.788  1.00 26.58  ? 1962 GLU A CG  1 
ATOM   869  C CD  . GLU A 1 107 ? -4.616  3.981   -6.599  1.00 37.21  ? 1962 GLU A CD  1 
ATOM   870  O OE1 . GLU A 1 107 ? -5.602  4.514   -6.026  1.00 37.68  ? 1962 GLU A OE1 1 
ATOM   871  O OE2 . GLU A 1 107 ? -3.437  4.203   -6.241  1.00 38.62  ? 1962 GLU A OE2 1 
ATOM   872  N N   . LYS A 1 108 ? -8.704  0.402   -7.986  1.00 30.50  ? 1963 LYS A N   1 
ATOM   873  C CA  . LYS A 1 108 ? -10.096 0.031   -8.225  1.00 30.51  ? 1963 LYS A CA  1 
ATOM   874  C C   . LYS A 1 108 ? -10.808 -0.314  -6.924  1.00 32.50  ? 1963 LYS A C   1 
ATOM   875  O O   . LYS A 1 108 ? -11.940 0.123   -6.686  1.00 34.01  ? 1963 LYS A O   1 
ATOM   876  C CB  . LYS A 1 108 ? -10.176 -1.144  -9.198  1.00 30.73  ? 1963 LYS A CB  1 
ATOM   877  C CG  . LYS A 1 108 ? -11.602 -1.688  -9.367  1.00 39.35  ? 1963 LYS A CG  1 
ATOM   878  C CD  . LYS A 1 108 ? -12.234 -1.171  -10.650 1.00 46.52  ? 1963 LYS A CD  1 
ATOM   879  C CE  . LYS A 1 108 ? -13.751 -1.333  -10.652 1.00 58.28  ? 1963 LYS A CE  1 
ATOM   880  N NZ  . LYS A 1 108 ? -14.371 -0.283  -11.515 1.00 49.32  ? 1963 LYS A NZ  1 
ATOM   881  N N   . LYS A 1 109 ? -10.169 -1.109  -6.069  1.00 29.79  ? 1964 LYS A N   1 
ATOM   882  C CA  . LYS A 1 109 ? -10.813 -1.446  -4.804  1.00 33.64  ? 1964 LYS A CA  1 
ATOM   883  C C   . LYS A 1 109 ? -10.964 -0.230  -3.907  1.00 29.92  ? 1964 LYS A C   1 
ATOM   884  O O   . LYS A 1 109 ? -11.944 -0.128  -3.161  1.00 33.22  ? 1964 LYS A O   1 
ATOM   885  C CB  . LYS A 1 109 ? -10.033 -2.537  -4.080  1.00 31.34  ? 1964 LYS A CB  1 
ATOM   886  C CG  . LYS A 1 109 ? -10.075 -3.841  -4.829  1.00 39.13  ? 1964 LYS A CG  1 
ATOM   887  C CD  . LYS A 1 109 ? -9.887  -5.019  -3.907  1.00 44.93  ? 1964 LYS A CD  1 
ATOM   888  C CE  . LYS A 1 109 ? -10.159 -6.316  -4.657  1.00 44.52  ? 1964 LYS A CE  1 
ATOM   889  N NZ  . LYS A 1 109 ? -11.554 -6.372  -5.169  1.00 48.23  ? 1964 LYS A NZ  1 
ATOM   890  N N   . TRP A 1 110 ? -10.014 0.696   -3.964  1.00 31.80  ? 1965 TRP A N   1 
ATOM   891  C CA  . TRP A 1 110 ? -10.110 1.904   -3.153  1.00 31.01  ? 1965 TRP A CA  1 
ATOM   892  C C   . TRP A 1 110 ? -11.331 2.726   -3.544  1.00 36.94  ? 1965 TRP A C   1 
ATOM   893  O O   . TRP A 1 110 ? -12.084 3.191   -2.679  1.00 34.17  ? 1965 TRP A O   1 
ATOM   894  C CB  . TRP A 1 110 ? -8.840  2.721   -3.320  1.00 25.97  ? 1965 TRP A CB  1 
ATOM   895  C CG  . TRP A 1 110 ? -8.654  3.772   -2.286  1.00 30.00  ? 1965 TRP A CG  1 
ATOM   896  C CD1 . TRP A 1 110 ? -8.731  5.113   -2.465  1.00 31.83  ? 1965 TRP A CD1 1 
ATOM   897  C CD2 . TRP A 1 110 ? -8.329  3.565   -0.906  1.00 28.92  ? 1965 TRP A CD2 1 
ATOM   898  N NE1 . TRP A 1 110 ? -8.474  5.768   -1.278  1.00 36.49  ? 1965 TRP A NE1 1 
ATOM   899  C CE2 . TRP A 1 110 ? -8.225  4.838   -0.305  1.00 31.82  ? 1965 TRP A CE2 1 
ATOM   900  C CE3 . TRP A 1 110 ? -8.116  2.430   -0.121  1.00 28.52  ? 1965 TRP A CE3 1 
ATOM   901  C CZ2 . TRP A 1 110 ? -7.929  5.009   1.049   1.00 29.52  ? 1965 TRP A CZ2 1 
ATOM   902  C CZ3 . TRP A 1 110 ? -7.816  2.598   1.223   1.00 26.90  ? 1965 TRP A CZ3 1 
ATOM   903  C CH2 . TRP A 1 110 ? -7.725  3.882   1.793   1.00 32.09  ? 1965 TRP A CH2 1 
ATOM   904  N N   . THR A 1 111 ? -11.541 2.909   -4.850  1.00 39.09  ? 1966 THR A N   1 
ATOM   905  C CA  . THR A 1 111 ? -12.681 3.682   -5.330  1.00 41.47  ? 1966 THR A CA  1 
ATOM   906  C C   . THR A 1 111 ? -13.988 2.951   -5.063  1.00 40.61  ? 1966 THR A C   1 
ATOM   907  O O   . THR A 1 111 ? -14.934 3.531   -4.520  1.00 45.11  ? 1966 THR A O   1 
ATOM   908  C CB  . THR A 1 111 ? -12.520 3.964   -6.819  1.00 38.04  ? 1966 THR A CB  1 
ATOM   909  O OG1 . THR A 1 111 ? -11.303 4.685   -7.032  1.00 42.96  ? 1966 THR A OG1 1 
ATOM   910  C CG2 . THR A 1 111 ? -13.675 4.799   -7.314  1.00 47.28  ? 1966 THR A CG2 1 
ATOM   911  N N   . ASP A 1 112 ? -14.050 1.674   -5.440  1.00 34.04  ? 1967 ASP A N   1 
ATOM   912  C CA  . ASP A 1 112 ? -15.221 0.852   -5.172  1.00 35.28  ? 1967 ASP A CA  1 
ATOM   913  C C   . ASP A 1 112 ? -15.639 0.880   -3.706  1.00 40.16  ? 1967 ASP A C   1 
ATOM   914  O O   . ASP A 1 112 ? -16.835 0.838   -3.401  1.00 46.72  ? 1967 ASP A O   1 
ATOM   915  C CB  . ASP A 1 112 ? -14.938 -0.587  -5.595  1.00 37.36  ? 1967 ASP A CB  1 
ATOM   916  C CG  . ASP A 1 112 ? -14.901 -0.756  -7.103  1.00 42.88  ? 1967 ASP A CG  1 
ATOM   917  O OD1 . ASP A 1 112 ? -15.144 0.242   -7.828  1.00 40.67  ? 1967 ASP A OD1 1 
ATOM   918  O OD2 . ASP A 1 112 ? -14.630 -1.891  -7.557  1.00 50.28  ? 1967 ASP A OD2 1 
ATOM   919  N N   . THR A 1 113 ? -14.674 0.930   -2.786  1.00 40.86  ? 1968 THR A N   1 
ATOM   920  C CA  . THR A 1 113 ? -14.951 0.843   -1.355  1.00 38.57  ? 1968 THR A CA  1 
ATOM   921  C C   . THR A 1 113 ? -15.248 2.205   -0.725  1.00 40.97  ? 1968 THR A C   1 
ATOM   922  O O   . THR A 1 113 ? -16.160 2.316   0.095   1.00 47.07  ? 1968 THR A O   1 
ATOM   923  C CB  . THR A 1 113 ? -13.771 0.174   -0.649  1.00 33.57  ? 1968 THR A CB  1 
ATOM   924  O OG1 . THR A 1 113 ? -13.612 -1.148  -1.166  1.00 35.05  ? 1968 THR A OG1 1 
ATOM   925  C CG2 . THR A 1 113 ? -13.985 0.105   0.852   1.00 31.72  ? 1968 THR A CG2 1 
ATOM   926  N N   . PHE A 1 114 ? -14.529 3.258   -1.101  1.00 44.38  ? 1969 PHE A N   1 
ATOM   927  C CA  . PHE A 1 114 ? -14.649 4.526   -0.398  1.00 51.42  ? 1969 PHE A CA  1 
ATOM   928  C C   . PHE A 1 114 ? -15.169 5.689   -1.236  1.00 63.54  ? 1969 PHE A C   1 
ATOM   929  O O   . PHE A 1 114 ? -15.383 6.771   -0.678  1.00 71.36  ? 1969 PHE A O   1 
ATOM   930  C CB  . PHE A 1 114 ? -13.298 4.925   0.211   1.00 50.26  ? 1969 PHE A CB  1 
ATOM   931  C CG  . PHE A 1 114 ? -12.825 3.999   1.296   1.00 43.58  ? 1969 PHE A CG  1 
ATOM   932  C CD1 . PHE A 1 114 ? -13.508 3.914   2.500   1.00 41.87  ? 1969 PHE A CD1 1 
ATOM   933  C CD2 . PHE A 1 114 ? -11.681 3.233   1.121   1.00 36.87  ? 1969 PHE A CD2 1 
ATOM   934  C CE1 . PHE A 1 114 ? -13.067 3.074   3.509   1.00 40.49  ? 1969 PHE A CE1 1 
ATOM   935  C CE2 . PHE A 1 114 ? -11.233 2.385   2.124   1.00 34.04  ? 1969 PHE A CE2 1 
ATOM   936  C CZ  . PHE A 1 114 ? -11.926 2.307   3.320   1.00 38.40  ? 1969 PHE A CZ  1 
ATOM   937  N N   . LYS A 1 115 ? -15.378 5.520   -2.536  1.00 63.92  ? 1970 LYS A N   1 
ATOM   938  C CA  . LYS A 1 115 ? -16.032 6.544   -3.350  1.00 73.02  ? 1970 LYS A CA  1 
ATOM   939  C C   . LYS A 1 115 ? -17.382 6.010   -3.823  1.00 82.70  ? 1970 LYS A C   1 
ATOM   940  O O   . LYS A 1 115 ? -17.617 5.791   -5.015  1.00 77.25  ? 1970 LYS A O   1 
ATOM   941  C CB  . LYS A 1 115 ? -15.142 6.958   -4.537  1.00 68.90  ? 1970 LYS A CB  1 
ATOM   942  C CG  . LYS A 1 115 ? -13.642 7.006   -4.258  1.00 59.27  ? 1970 LYS A CG  1 
ATOM   943  C CD  . LYS A 1 115 ? -13.213 8.221   -3.462  1.00 56.46  ? 1970 LYS A CD  1 
ATOM   944  C CE  . LYS A 1 115 ? -11.749 8.548   -3.754  1.00 59.65  ? 1970 LYS A CE  1 
ATOM   945  N NZ  . LYS A 1 115 ? -11.034 9.133   -2.576  1.00 59.04  ? 1970 LYS A NZ  1 
ATOM   946  N N   . VAL A 1 116 ? -18.279 5.789   -2.866  1.00 81.01  ? 1971 VAL A N   1 
ATOM   947  C CA  . VAL A 1 116 ? -19.616 5.299   -3.189  1.00 94.33  ? 1971 VAL A CA  1 
ATOM   948  C C   . VAL A 1 116 ? -20.624 6.449   -3.130  1.00 106.08 ? 1971 VAL A C   1 
ATOM   949  O O   . VAL A 1 116 ? -20.519 7.428   -3.877  1.00 93.08  ? 1971 VAL A O   1 
ATOM   950  C CB  . VAL A 1 116 ? -20.042 4.145   -2.248  1.00 82.98  ? 1971 VAL A CB  1 
ATOM   951  C CG1 . VAL A 1 116 ? -21.489 3.733   -2.524  1.00 68.01  ? 1971 VAL A CG1 1 
ATOM   952  C CG2 . VAL A 1 116 ? -19.097 2.957   -2.390  1.00 73.53  ? 1971 VAL A CG2 1 
HETATM 953  C C01 . EN2 B 2 .   ? 9.804   -4.877  -5.110  0.94 34.04  ? 2001 EN2 A C01 1 
HETATM 954  C C03 . EN2 B 2 .   ? 11.236  -6.980  -4.857  0.94 36.43  ? 2001 EN2 A C03 1 
HETATM 955  C C04 . EN2 B 2 .   ? 12.562  -7.690  -5.087  0.94 40.30  ? 2001 EN2 A C04 1 
HETATM 956  C C05 . EN2 B 2 .   ? 13.674  -6.985  -5.768  0.94 34.84  ? 2001 EN2 A C05 1 
HETATM 957  C C06 . EN2 B 2 .   ? 13.494  -5.580  -6.233  0.94 36.28  ? 2001 EN2 A C06 1 
HETATM 958  C C07 . EN2 B 2 .   ? 12.166  -4.874  -6.010  0.94 35.43  ? 2001 EN2 A C07 1 
HETATM 959  C C09 . EN2 B 2 .   ? 12.776  -9.126  -4.620  0.94 48.09  ? 2001 EN2 A C09 1 
HETATM 960  C C12 . EN2 B 2 .   ? 12.023  -11.209 -3.452  0.94 55.43  ? 2001 EN2 A C12 1 
HETATM 961  C C13 . EN2 B 2 .   ? 10.809  -12.118 -3.653  0.94 51.68  ? 2001 EN2 A C13 1 
HETATM 962  C C14 . EN2 B 2 .   ? 11.138  -13.591 -3.414  0.94 59.33  ? 2001 EN2 A C14 1 
HETATM 963  C C16 . EN2 B 2 .   ? 8.979   -15.059 -3.693  0.94 61.49  ? 2001 EN2 A C16 1 
HETATM 964  C C18 . EN2 B 2 .   ? 8.352   -14.916 -2.291  0.94 68.70  ? 2001 EN2 A C18 1 
HETATM 965  C C19 . EN2 B 2 .   ? 7.472   -15.915 -1.894  0.94 74.91  ? 2001 EN2 A C19 1 
HETATM 966  C C20 . EN2 B 2 .   ? 6.866   -15.873 -0.644  0.94 82.12  ? 2001 EN2 A C20 1 
HETATM 967  C C21 . EN2 B 2 .   ? 7.132   -14.824 0.229   0.94 79.91  ? 2001 EN2 A C21 1 
HETATM 968  C C23 . EN2 B 2 .   ? 8.007   -13.814 -0.157  0.94 65.09  ? 2001 EN2 A C23 1 
HETATM 969  C C24 . EN2 B 2 .   ? 8.609   -13.862 -1.409  0.94 70.28  ? 2001 EN2 A C24 1 
HETATM 970  F F22 . EN2 B 2 .   ? 6.530   -14.792 1.460   0.94 79.21  ? 2001 EN2 A F22 1 
HETATM 971  N N02 . EN2 B 2 .   ? 11.063  -5.575  -5.321  0.94 34.62  ? 2001 EN2 A N02 1 
HETATM 972  N N11 . EN2 B 2 .   ? 11.757  -9.841  -3.872  0.94 48.40  ? 2001 EN2 A N11 1 
HETATM 973  N N15 . EN2 B 2 .   ? 10.238  -14.462 -4.167  0.94 59.99  ? 2001 EN2 A N15 1 
HETATM 974  O O08 . EN2 B 2 .   ? 12.004  -3.762  -6.376  0.94 35.75  ? 2001 EN2 A O08 1 
HETATM 975  O O10 . EN2 B 2 .   ? 13.796  -9.666  -4.885  0.94 53.49  ? 2001 EN2 A O10 1 
HETATM 976  O O17 . EN2 B 2 .   ? 8.392   -15.748 -4.457  0.94 63.26  ? 2001 EN2 A O17 1 
HETATM 977  O O   . HOH C 3 .   ? -4.328  -6.249  10.625  1.00 37.22  ? 2101 HOH A O   1 
HETATM 978  O O   . HOH C 3 .   ? 13.989  -3.656  2.435   1.00 32.55  ? 2102 HOH A O   1 
HETATM 979  O O   . HOH C 3 .   ? -21.368 3.088   10.388  1.00 56.43  ? 2103 HOH A O   1 
HETATM 980  O O   . HOH C 3 .   ? -14.116 -3.880  -6.219  1.00 43.27  ? 2104 HOH A O   1 
HETATM 981  O O   . HOH C 3 .   ? 18.300  5.178   0.434   1.00 57.86  ? 2105 HOH A O   1 
HETATM 982  O O   . HOH C 3 .   ? 1.203   -8.779  4.599   1.00 42.38  ? 2106 HOH A O   1 
HETATM 983  O O   . HOH C 3 .   ? -1.591  5.318   -7.496  1.00 36.56  ? 2107 HOH A O   1 
HETATM 984  O O   . HOH C 3 .   ? 5.217   7.384   -2.847  1.00 31.20  ? 2108 HOH A O   1 
HETATM 985  O O   . HOH C 3 .   ? 10.137  -0.997  -0.927  1.00 24.98  ? 2109 HOH A O   1 
HETATM 986  O O   . HOH C 3 .   ? 9.605   -2.725  3.405   1.00 25.39  ? 2110 HOH A O   1 
HETATM 987  O O   . HOH C 3 .   ? -4.410  -14.052 -12.439 1.00 35.33  ? 2111 HOH A O   1 
HETATM 988  O O   . HOH C 3 .   ? 6.489   -1.249  -11.562 1.00 29.29  ? 2112 HOH A O   1 
HETATM 989  O O   . HOH C 3 .   ? 10.882  -1.723  -5.085  1.00 30.32  ? 2113 HOH A O   1 
HETATM 990  O O   . HOH C 3 .   ? 9.279   5.818   -4.193  1.00 28.75  ? 2114 HOH A O   1 
HETATM 991  O O   . HOH C 3 .   ? 6.536   -8.067  -18.816 1.00 46.66  ? 2115 HOH A O   1 
HETATM 992  O O   . HOH C 3 .   ? -9.792  10.606  7.366   1.00 53.93  ? 2116 HOH A O   1 
HETATM 993  O O   . HOH C 3 .   ? 10.373  1.675   5.904   1.00 31.64  ? 2117 HOH A O   1 
HETATM 994  O O   . HOH C 3 .   ? 8.323   -3.308  -1.841  1.00 28.94  ? 2118 HOH A O   1 
HETATM 995  O O   . HOH C 3 .   ? 8.102   -2.146  -4.329  1.00 29.37  ? 2119 HOH A O   1 
HETATM 996  O O   . HOH C 3 .   ? -16.075 3.591   7.383   1.00 44.00  ? 2120 HOH A O   1 
HETATM 997  O O   . HOH C 3 .   ? -13.206 -0.341  11.550  1.00 35.15  ? 2121 HOH A O   1 
HETATM 998  O O   . HOH C 3 .   ? -13.116 30.443  12.970  1.00 30.28  ? 2122 HOH A O   1 
HETATM 999  O O   . HOH C 3 .   ? 11.098  -3.448  0.871   1.00 29.35  ? 2123 HOH A O   1 
HETATM 1000 O O   . HOH C 3 .   ? -0.262  -13.919 -2.965  1.00 39.25  ? 2124 HOH A O   1 
HETATM 1001 O O   . HOH C 3 .   ? -15.144 24.643  8.388   1.00 37.93  ? 2125 HOH A O   1 
HETATM 1002 O O   . HOH C 3 .   ? 1.322   -8.113  11.614  1.00 36.15  ? 2126 HOH A O   1 
HETATM 1003 O O   . HOH C 3 .   ? 14.557  -9.389  -1.486  1.00 46.12  ? 2127 HOH A O   1 
HETATM 1004 O O   . HOH C 3 .   ? 8.457   -0.273  -13.534 1.00 32.30  ? 2128 HOH A O   1 
HETATM 1005 O O   . HOH C 3 .   ? -6.856  -11.116 -4.647  1.00 33.01  ? 2129 HOH A O   1 
HETATM 1006 O O   . HOH C 3 .   ? -8.232  5.300   -6.456  1.00 37.54  ? 2130 HOH A O   1 
HETATM 1007 O O   . HOH C 3 .   ? 8.806   -5.740  -1.334  1.00 24.31  ? 2131 HOH A O   1 
HETATM 1008 O O   . HOH C 3 .   ? 4.088   -3.056  15.579  1.00 34.13  ? 2132 HOH A O   1 
HETATM 1009 O O   . HOH C 3 .   ? 13.183  -9.717  3.744   1.00 39.04  ? 2133 HOH A O   1 
HETATM 1010 O O   . HOH C 3 .   ? 9.932   -3.032  7.615   1.00 35.22  ? 2134 HOH A O   1 
HETATM 1011 O O   . HOH C 3 .   ? 3.138   1.037   -10.949 1.00 30.69  ? 2135 HOH A O   1 
HETATM 1012 O O   . HOH C 3 .   ? 14.992  2.589   -18.526 1.00 55.27  ? 2136 HOH A O   1 
HETATM 1013 O O   . HOH C 3 .   ? 4.680   -0.233  -9.625  1.00 20.84  ? 2137 HOH A O   1 
HETATM 1014 O O   . HOH C 3 .   ? -0.375  -3.319  -16.090 1.00 33.10  ? 2138 HOH A O   1 
HETATM 1015 O O   . HOH C 3 .   ? 1.701   7.978   -5.289  1.00 43.13  ? 2139 HOH A O   1 
HETATM 1016 O O   . HOH C 3 .   ? 11.503  5.618   -1.324  1.00 30.42  ? 2140 HOH A O   1 
HETATM 1017 O O   . HOH C 3 .   ? 8.470   -10.487 -1.114  1.00 38.55  ? 2141 HOH A O   1 
HETATM 1018 O O   . HOH C 3 .   ? 2.906   -10.504 3.593   1.00 33.24  ? 2142 HOH A O   1 
HETATM 1019 O O   . HOH C 3 .   ? 14.055  -4.362  -14.036 1.00 39.15  ? 2143 HOH A O   1 
HETATM 1020 O O   . HOH C 3 .   ? -1.359  0.577   -13.152 1.00 25.85  ? 2144 HOH A O   1 
HETATM 1021 O O   . HOH C 3 .   ? -9.754  7.334   8.603   1.00 38.73  ? 2145 HOH A O   1 
HETATM 1022 O O   . HOH C 3 .   ? -9.755  -4.126  -8.214  1.00 36.76  ? 2146 HOH A O   1 
HETATM 1023 O O   . HOH C 3 .   ? 5.449   5.836   6.049   1.00 42.62  ? 2147 HOH A O   1 
HETATM 1024 O O   . HOH C 3 .   ? 11.762  -8.767  -12.562 1.00 42.20  ? 2148 HOH A O   1 
HETATM 1025 O O   . HOH C 3 .   ? 11.184  -9.303  -0.982  1.00 64.38  ? 2149 HOH A O   1 
HETATM 1026 O O   . HOH C 3 .   ? 2.144   4.991   -12.624 1.00 43.25  ? 2150 HOH A O   1 
HETATM 1027 O O   . HOH C 3 .   ? -11.124 8.333   0.317   1.00 42.19  ? 2151 HOH A O   1 
HETATM 1028 O O   . HOH C 3 .   ? -20.295 15.896  10.724  1.00 57.98  ? 2152 HOH A O   1 
HETATM 1029 O O   . HOH C 3 .   ? 12.159  -9.602  -15.573 1.00 38.45  ? 2153 HOH A O   1 
HETATM 1030 O O   . HOH C 3 .   ? 2.891   -8.714  9.225   1.00 27.33  ? 2154 HOH A O   1 
HETATM 1031 O O   . HOH C 3 .   ? -9.335  -9.131  6.516   1.00 34.26  ? 2155 HOH A O   1 
HETATM 1032 O O   . HOH C 3 .   ? 17.189  1.807   2.607   1.00 47.74  ? 2156 HOH A O   1 
HETATM 1033 O O   . HOH C 3 .   ? -10.357 7.289   11.131  1.00 40.92  ? 2157 HOH A O   1 
HETATM 1034 O O   . HOH C 3 .   ? 0.749   2.567   -13.495 1.00 35.01  ? 2158 HOH A O   1 
HETATM 1035 O O   . HOH C 3 .   ? 14.311  5.583   -11.891 1.00 41.81  ? 2159 HOH A O   1 
HETATM 1036 O O   . HOH C 3 .   ? 3.178   7.697   -1.137  1.00 29.30  ? 2160 HOH A O   1 
HETATM 1037 O O   . HOH C 3 .   ? -1.247  9.379   -2.724  1.00 43.50  ? 2161 HOH A O   1 
HETATM 1038 O O   . HOH C 3 .   ? -7.246  0.564   -17.896 1.00 42.70  ? 2162 HOH A O   1 
HETATM 1039 O O   . HOH C 3 .   ? 6.032   -1.845  13.457  1.00 72.44  ? 2163 HOH A O   1 
HETATM 1040 O O   . HOH C 3 .   ? -14.070 -1.353  -14.563 1.00 44.33  ? 2164 HOH A O   1 
HETATM 1041 O O   . HOH C 3 .   ? -6.233  -3.810  13.674  1.00 36.38  ? 2165 HOH A O   1 
HETATM 1042 O O   . HOH C 3 .   ? 1.728   -14.332 -4.422  1.00 51.44  ? 2166 HOH A O   1 
HETATM 1043 O O   . HOH C 3 .   ? 11.069  -14.608 -12.574 1.00 53.87  ? 2167 HOH A O   1 
HETATM 1044 O O   . HOH C 3 .   ? -4.129  -6.880  16.590  1.00 34.74  ? 2168 HOH A O   1 
HETATM 1045 O O   . HOH C 3 .   ? -12.384 10.596  6.718   1.00 52.84  ? 2169 HOH A O   1 
HETATM 1046 O O   . HOH C 3 .   ? 0.063   -13.758 2.000   1.00 49.41  ? 2170 HOH A O   1 
HETATM 1047 O O   . HOH C 3 .   ? 5.076   7.571   3.569   1.00 47.96  ? 2171 HOH A O   1 
HETATM 1048 O O   . HOH C 3 .   ? 10.942  -1.628  5.726   1.00 27.72  ? 2172 HOH A O   1 
HETATM 1049 O O   . HOH C 3 .   ? -14.694 -3.550  -13.500 1.00 38.33  ? 2173 HOH A O   1 
HETATM 1050 O O   . HOH C 3 .   ? 11.645  -12.192 -11.392 1.00 47.85  ? 2174 HOH A O   1 
HETATM 1051 O O   . HOH C 3 .   ? -4.884  7.896   -8.069  1.00 44.08  ? 2175 HOH A O   1 
HETATM 1052 O O   . HOH C 3 .   ? -8.796  7.767   -5.637  1.00 46.69  ? 2176 HOH A O   1 
HETATM 1053 O O   . HOH C 3 .   ? -21.663 18.216  11.887  1.00 60.38  ? 2177 HOH A O   1 
HETATM 1054 O O   . HOH C 3 .   ? 10.182  7.843   -0.890  1.00 35.77  ? 2178 HOH A O   1 
HETATM 1055 O O   . HOH C 3 .   ? -6.838  -5.155  11.924  1.00 43.15  ? 2179 HOH A O   1 
HETATM 1056 O O   . HOH C 3 .   ? -5.907  6.417   -9.995  1.00 49.91  ? 2180 HOH A O   1 
HETATM 1057 O O   . HOH C 3 .   ? 6.752   -1.706  11.192  1.00 46.03  ? 2181 HOH A O   1 
HETATM 1058 O O   . HOH C 3 .   ? 1.774   -10.273 7.573   1.00 42.42  ? 2182 HOH A O   1 
HETATM 1059 O O   . HOH C 3 .   ? 8.134   8.080   -2.950  1.00 41.38  ? 2183 HOH A O   1 
HETATM 1060 O O   . HOH C 3 .   ? 1.114   8.889   -2.592  1.00 39.08  ? 2184 HOH A O   1 
HETATM 1061 O O   . HOH C 3 .   ? -0.303  -13.392 4.778   1.00 49.17  ? 2185 HOH A O   1 
HETATM 1062 O O   . HOH C 3 .   ? 14.700  -4.764  6.297   1.00 43.93  ? 2186 HOH A O   1 
HETATM 1063 O O   . HOH C 3 .   ? 13.850  -2.113  4.891   1.00 32.80  ? 2187 HOH A O   1 
HETATM 1064 O O   . HOH C 3 .   ? 21.155  -2.504  7.186   1.00 53.00  ? 2188 HOH A O   1 
HETATM 1065 O O   . HOH C 3 .   ? 14.626  -0.203  6.082   1.00 46.32  ? 2189 HOH A O   1 
# 
